data_2PPY
#
_entry.id   2PPY
#
_cell.length_a   136.201
_cell.length_b   137.345
_cell.length_c   79.131
_cell.angle_alpha   90.00
_cell.angle_beta   90.00
_cell.angle_gamma   90.00
#
_symmetry.space_group_name_H-M   'P 21 21 2'
#
loop_
_entity.id
_entity.type
_entity.pdbx_description
1 polymer 'Enoyl-CoA hydratase'
2 non-polymer DI(HYDROXYETHYL)ETHER
3 non-polymer 1,2-ETHANEDIOL
4 water water
#
_entity_poly.entity_id   1
_entity_poly.type   'polypeptide(L)'
_entity_poly.pdbx_seq_one_letter_code
;(MSE)TAVETKKQYLTVFKEDGIAEIHLHINKSNSYDLEFYKEFNAAIDDIRFDPDIKVVIV(MSE)SDVPKFFSAGADI
NFLRSADPRFKTQFCLFCNETLDKIARSPQVYIACLEGHTVGGGLE(MSE)ALACDLRF(MSE)GDEAGKIGLPEVSLGV
LAGTGGTQRLARLIGYSRALD(MSE)NITGETITPQEALEIGLVNRVFPQAETRERTREYARKLANSATYAVSNIKLAI
(MSE)NGKE(MSE)PLNVAIRYEGELQNLLFRSEDAKEGLSAFLEKRQPNWKGI
;
_entity_poly.pdbx_strand_id   A,B,C,D,E,F
#
# COMPACT_ATOMS: atom_id res chain seq x y z
N THR A 2 -12.42 -41.73 21.94
CA THR A 2 -13.13 -40.48 21.53
C THR A 2 -12.17 -39.33 21.23
N ALA A 3 -11.38 -38.96 22.24
CA ALA A 3 -10.41 -37.88 22.11
C ALA A 3 -9.10 -38.42 21.56
N VAL A 4 -8.69 -37.92 20.40
CA VAL A 4 -7.45 -38.36 19.77
C VAL A 4 -6.26 -37.50 20.17
N GLU A 5 -5.10 -38.14 20.27
CA GLU A 5 -3.87 -37.46 20.66
C GLU A 5 -2.69 -37.98 19.82
N THR A 6 -1.96 -37.07 19.20
CA THR A 6 -0.80 -37.43 18.39
C THR A 6 0.41 -36.69 18.94
N LYS A 7 1.53 -37.40 19.08
CA LYS A 7 2.72 -36.79 19.66
C LYS A 7 4.02 -36.94 18.86
N LYS A 8 4.95 -36.02 19.14
CA LYS A 8 6.27 -36.01 18.53
C LYS A 8 7.22 -35.73 19.69
N GLN A 9 8.45 -35.30 19.40
CA GLN A 9 9.39 -35.04 20.49
C GLN A 9 9.44 -33.60 20.96
N TYR A 10 9.13 -32.66 20.07
CA TYR A 10 9.15 -31.25 20.42
C TYR A 10 7.78 -30.72 20.83
N LEU A 11 6.73 -31.35 20.33
CA LEU A 11 5.38 -30.91 20.65
C LEU A 11 4.36 -32.01 20.48
N THR A 12 3.18 -31.81 21.07
CA THR A 12 2.09 -32.76 20.98
C THR A 12 0.80 -32.03 20.61
N VAL A 13 0.02 -32.63 19.71
CA VAL A 13 -1.23 -32.04 19.28
C VAL A 13 -2.41 -32.87 19.81
N PHE A 14 -3.34 -32.20 20.47
CA PHE A 14 -4.53 -32.86 21.01
C PHE A 14 -5.75 -32.28 20.29
N LYS A 15 -6.63 -33.14 19.80
CA LYS A 15 -7.83 -32.68 19.11
C LYS A 15 -9.08 -33.18 19.82
N GLU A 16 -10.02 -32.26 20.04
CA GLU A 16 -11.25 -32.63 20.72
C GLU A 16 -12.30 -31.54 20.56
N ASP A 17 -13.50 -31.96 20.16
CA ASP A 17 -14.64 -31.06 19.98
C ASP A 17 -14.36 -29.73 19.29
N GLY A 18 -13.74 -29.79 18.12
CA GLY A 18 -13.46 -28.56 17.38
C GLY A 18 -12.30 -27.72 17.87
N ILE A 19 -11.55 -28.23 18.84
CA ILE A 19 -10.40 -27.49 19.37
C ILE A 19 -9.14 -28.35 19.32
N ALA A 20 -8.03 -27.73 18.95
CA ALA A 20 -6.76 -28.43 18.90
C ALA A 20 -5.80 -27.69 19.81
N GLU A 21 -5.06 -28.43 20.60
CA GLU A 21 -4.10 -27.80 21.50
C GLU A 21 -2.72 -28.28 21.12
N ILE A 22 -1.83 -27.33 20.85
CA ILE A 22 -0.47 -27.66 20.48
C ILE A 22 0.37 -27.41 21.72
N HIS A 23 0.76 -28.49 22.39
CA HIS A 23 1.58 -28.37 23.60
C HIS A 23 3.05 -28.41 23.24
N LEU A 24 3.79 -27.43 23.76
CA LEU A 24 5.21 -27.35 23.50
C LEU A 24 6.00 -27.96 24.66
N HIS A 25 6.89 -28.89 24.34
CA HIS A 25 7.74 -29.54 25.34
C HIS A 25 9.10 -29.82 24.71
N ILE A 26 9.88 -28.77 24.53
CA ILE A 26 11.19 -28.88 23.90
C ILE A 26 12.34 -29.05 24.90
N ASN A 27 12.33 -28.21 25.93
CA ASN A 27 13.38 -28.26 26.94
C ASN A 27 13.05 -27.29 28.07
N LYS A 28 14.01 -27.14 28.98
CA LYS A 28 13.84 -26.28 30.15
C LYS A 28 13.21 -24.93 29.87
N SER A 29 13.55 -24.31 28.75
CA SER A 29 13.00 -22.99 28.41
C SER A 29 12.35 -22.97 27.02
N ASN A 30 12.07 -24.15 26.49
CA ASN A 30 11.48 -24.29 25.17
C ASN A 30 12.24 -23.50 24.11
N SER A 31 13.57 -23.52 24.19
CA SER A 31 14.40 -22.85 23.18
C SER A 31 14.37 -23.77 21.97
N TYR A 32 13.88 -23.25 20.85
CA TYR A 32 13.74 -24.07 19.64
C TYR A 32 14.85 -24.05 18.61
N ASP A 33 14.76 -24.98 17.67
CA ASP A 33 15.70 -25.12 16.57
C ASP A 33 14.89 -25.27 15.28
N LEU A 34 15.54 -25.66 14.19
CA LEU A 34 14.82 -25.83 12.92
C LEU A 34 13.82 -26.97 12.97
N GLU A 35 14.22 -28.08 13.57
CA GLU A 35 13.35 -29.25 13.67
C GLU A 35 12.04 -28.91 14.38
N PHE A 36 12.10 -28.06 15.40
CA PHE A 36 10.87 -27.70 16.11
C PHE A 36 9.89 -27.04 15.16
N TYR A 37 10.37 -26.04 14.41
CA TYR A 37 9.52 -25.34 13.47
C TYR A 37 9.01 -26.23 12.34
N LYS A 38 9.79 -27.24 11.99
CA LYS A 38 9.36 -28.16 10.95
C LYS A 38 8.15 -28.94 11.49
N GLU A 39 8.16 -29.24 12.78
CA GLU A 39 7.05 -29.95 13.40
C GLU A 39 5.85 -29.01 13.60
N PHE A 40 6.13 -27.78 14.01
CA PHE A 40 5.07 -26.80 14.23
C PHE A 40 4.36 -26.52 12.89
N ASN A 41 5.15 -26.43 11.82
CA ASN A 41 4.61 -26.20 10.49
C ASN A 41 3.70 -27.36 10.08
N ALA A 42 4.15 -28.59 10.37
CA ALA A 42 3.36 -29.78 10.03
C ALA A 42 2.04 -29.79 10.78
N ALA A 43 2.07 -29.36 12.04
CA ALA A 43 0.86 -29.32 12.86
C ALA A 43 -0.14 -28.34 12.24
N ILE A 44 0.38 -27.21 11.79
CA ILE A 44 -0.47 -26.20 11.16
C ILE A 44 -1.12 -26.78 9.91
N ASP A 45 -0.31 -27.39 9.04
CA ASP A 45 -0.85 -27.98 7.81
C ASP A 45 -1.88 -29.06 8.14
N ASP A 46 -1.54 -29.92 9.10
CA ASP A 46 -2.46 -30.98 9.50
C ASP A 46 -3.79 -30.41 9.96
N ILE A 47 -3.73 -29.44 10.87
CA ILE A 47 -4.92 -28.81 11.40
C ILE A 47 -5.76 -28.12 10.33
N ARG A 48 -5.09 -27.51 9.35
CA ARG A 48 -5.78 -26.83 8.25
C ARG A 48 -6.64 -27.80 7.47
N PHE A 49 -6.08 -28.97 7.16
CA PHE A 49 -6.80 -29.98 6.40
C PHE A 49 -7.79 -30.77 7.23
N ASP A 50 -7.99 -30.35 8.48
CA ASP A 50 -8.94 -31.02 9.37
C ASP A 50 -10.13 -30.10 9.60
N PRO A 51 -11.20 -30.26 8.80
CA PRO A 51 -12.44 -29.48 8.84
C PRO A 51 -13.09 -29.33 10.21
N ASP A 52 -12.88 -30.30 11.09
CA ASP A 52 -13.49 -30.27 12.40
C ASP A 52 -12.87 -29.30 13.39
N ILE A 53 -11.61 -28.90 13.14
CA ILE A 53 -10.94 -27.99 14.05
C ILE A 53 -11.25 -26.53 13.70
N LYS A 54 -11.81 -25.81 14.65
CA LYS A 54 -12.16 -24.42 14.43
C LYS A 54 -11.31 -23.47 15.27
N VAL A 55 -10.68 -23.99 16.32
CA VAL A 55 -9.85 -23.18 17.18
C VAL A 55 -8.57 -23.91 17.57
N VAL A 56 -7.49 -23.16 17.68
CA VAL A 56 -6.21 -23.76 18.07
C VAL A 56 -5.61 -23.00 19.24
N ILE A 57 -5.28 -23.72 20.29
CA ILE A 57 -4.66 -23.11 21.46
C ILE A 57 -3.22 -23.57 21.53
N VAL A 58 -2.30 -22.63 21.59
CA VAL A 58 -0.90 -23.00 21.69
C VAL A 58 -0.48 -22.76 23.14
N SER A 60 2.26 -24.25 26.63
CA SER A 60 3.52 -24.88 27.00
C SER A 60 3.37 -25.79 28.21
N ASP A 61 4.09 -26.92 28.18
CA ASP A 61 4.04 -27.86 29.29
C ASP A 61 5.26 -27.66 30.18
N VAL A 62 6.05 -26.64 29.86
CA VAL A 62 7.25 -26.34 30.65
C VAL A 62 6.89 -25.34 31.76
N PRO A 63 7.23 -25.67 33.00
CA PRO A 63 6.98 -24.87 34.20
C PRO A 63 6.96 -23.34 34.11
N LYS A 64 8.13 -22.72 34.04
CA LYS A 64 8.23 -21.26 34.02
C LYS A 64 8.36 -20.58 32.67
N PHE A 65 8.26 -21.33 31.58
CA PHE A 65 8.40 -20.73 30.25
C PHE A 65 7.37 -21.14 29.23
N PHE A 66 7.00 -20.20 28.37
CA PHE A 66 6.11 -20.51 27.27
C PHE A 66 7.20 -20.88 26.28
N SER A 67 8.15 -19.96 26.12
CA SER A 67 9.31 -20.14 25.25
C SER A 67 10.24 -18.93 25.33
N ALA A 68 11.54 -19.20 25.41
CA ALA A 68 12.53 -18.13 25.49
C ALA A 68 13.13 -17.81 24.12
N GLY A 69 12.50 -18.30 23.06
CA GLY A 69 13.00 -18.03 21.72
C GLY A 69 13.91 -19.09 21.13
N ALA A 70 14.76 -18.68 20.20
CA ALA A 70 15.67 -19.61 19.54
C ALA A 70 16.81 -20.07 20.43
N ASP A 71 17.19 -21.34 20.28
CA ASP A 71 18.30 -21.92 21.04
C ASP A 71 19.60 -21.26 20.57
N ILE A 72 20.24 -20.49 21.45
CA ILE A 72 21.48 -19.79 21.11
C ILE A 72 22.59 -20.75 20.70
N ASN A 73 22.61 -21.94 21.27
CA ASN A 73 23.62 -22.94 20.94
C ASN A 73 23.41 -23.37 19.50
N PHE A 74 22.16 -23.66 19.15
CA PHE A 74 21.84 -24.07 17.80
C PHE A 74 22.00 -22.88 16.87
N LEU A 75 21.40 -21.76 17.26
CA LEU A 75 21.45 -20.53 16.46
C LEU A 75 22.88 -20.28 16.02
N ARG A 76 23.79 -20.12 16.97
CA ARG A 76 25.19 -19.90 16.62
C ARG A 76 25.73 -21.24 16.13
N SER A 77 26.98 -21.26 15.69
CA SER A 77 27.60 -22.48 15.18
C SER A 77 27.01 -22.79 13.81
N ALA A 78 26.18 -21.87 13.32
CA ALA A 78 25.55 -22.02 12.02
C ALA A 78 26.03 -20.91 11.09
N ASP A 79 26.23 -21.28 9.83
CA ASP A 79 26.67 -20.33 8.80
C ASP A 79 25.63 -19.24 8.58
N PRO A 80 26.06 -18.02 8.25
CA PRO A 80 25.14 -16.90 8.01
C PRO A 80 24.06 -17.23 6.97
N ARG A 81 24.39 -18.08 6.00
CA ARG A 81 23.41 -18.43 4.98
C ARG A 81 22.42 -19.45 5.50
N PHE A 82 22.84 -20.26 6.46
CA PHE A 82 21.94 -21.25 7.05
C PHE A 82 20.98 -20.48 7.98
N LYS A 83 21.50 -19.48 8.67
CA LYS A 83 20.69 -18.66 9.58
C LYS A 83 19.61 -17.93 8.80
N THR A 84 19.99 -17.45 7.62
CA THR A 84 19.06 -16.75 6.74
C THR A 84 17.91 -17.67 6.37
N GLN A 85 18.23 -18.89 5.96
CA GLN A 85 17.20 -19.84 5.58
C GLN A 85 16.41 -20.36 6.77
N PHE A 86 17.07 -20.45 7.92
CA PHE A 86 16.41 -20.90 9.13
C PHE A 86 15.34 -19.87 9.48
N CYS A 87 15.73 -18.60 9.49
CA CYS A 87 14.82 -17.51 9.80
C CYS A 87 13.67 -17.40 8.80
N LEU A 88 13.98 -17.52 7.52
CA LEU A 88 12.96 -17.43 6.48
C LEU A 88 11.89 -18.51 6.68
N PHE A 89 12.31 -19.73 6.95
CA PHE A 89 11.36 -20.82 7.17
C PHE A 89 10.47 -20.59 8.40
N CYS A 90 11.08 -20.11 9.48
CA CYS A 90 10.32 -19.84 10.70
C CYS A 90 9.27 -18.77 10.44
N ASN A 91 9.66 -17.71 9.73
CA ASN A 91 8.75 -16.62 9.42
C ASN A 91 7.59 -17.09 8.55
N GLU A 92 7.89 -17.84 7.49
CA GLU A 92 6.85 -18.35 6.62
C GLU A 92 5.90 -19.26 7.39
N THR A 93 6.44 -19.98 8.37
CA THR A 93 5.61 -20.86 9.18
C THR A 93 4.64 -20.00 10.00
N LEU A 94 5.19 -19.00 10.68
CA LEU A 94 4.34 -18.12 11.47
C LEU A 94 3.34 -17.40 10.58
N ASP A 95 3.75 -17.04 9.36
CA ASP A 95 2.84 -16.35 8.44
C ASP A 95 1.59 -17.16 8.11
N LYS A 96 1.70 -18.48 8.13
CA LYS A 96 0.59 -19.36 7.80
C LYS A 96 -0.63 -19.26 8.73
N ILE A 97 -0.40 -18.84 9.97
CA ILE A 97 -1.49 -18.72 10.94
C ILE A 97 -2.56 -17.71 10.54
N ALA A 98 -2.14 -16.52 10.10
CA ALA A 98 -3.10 -15.49 9.67
C ALA A 98 -3.93 -15.94 8.48
N ARG A 99 -3.42 -16.90 7.72
CA ARG A 99 -4.13 -17.40 6.55
C ARG A 99 -4.99 -18.62 6.85
N SER A 100 -4.84 -19.20 8.05
CA SER A 100 -5.59 -20.39 8.45
C SER A 100 -7.03 -20.12 8.89
N PRO A 101 -7.95 -21.07 8.64
CA PRO A 101 -9.35 -20.92 9.01
C PRO A 101 -9.57 -20.86 10.53
N GLN A 102 -8.72 -21.58 11.28
CA GLN A 102 -8.84 -21.63 12.73
C GLN A 102 -8.33 -20.38 13.41
N VAL A 103 -8.93 -20.07 14.57
CA VAL A 103 -8.51 -18.94 15.37
C VAL A 103 -7.38 -19.47 16.25
N TYR A 104 -6.21 -18.83 16.15
CA TYR A 104 -5.06 -19.24 16.94
C TYR A 104 -4.91 -18.38 18.21
N ILE A 105 -4.91 -19.05 19.36
CA ILE A 105 -4.78 -18.37 20.64
C ILE A 105 -3.51 -18.84 21.35
N ALA A 106 -2.69 -17.89 21.78
CA ALA A 106 -1.46 -18.20 22.50
C ALA A 106 -1.79 -18.18 23.99
N CYS A 107 -1.66 -19.33 24.64
CA CYS A 107 -1.92 -19.42 26.07
C CYS A 107 -0.60 -19.23 26.79
N LEU A 108 -0.35 -18.01 27.26
CA LEU A 108 0.91 -17.70 27.93
C LEU A 108 0.86 -17.88 29.45
N GLU A 109 1.55 -18.92 29.92
CA GLU A 109 1.60 -19.22 31.36
C GLU A 109 2.99 -19.00 31.95
N GLY A 110 3.96 -18.71 31.11
CA GLY A 110 5.32 -18.49 31.58
C GLY A 110 6.02 -17.43 30.77
N HIS A 111 7.33 -17.30 30.97
CA HIS A 111 8.13 -16.32 30.24
C HIS A 111 7.91 -16.45 28.75
N THR A 112 7.60 -15.32 28.11
CA THR A 112 7.35 -15.26 26.67
C THR A 112 8.26 -14.19 26.10
N VAL A 113 9.48 -14.57 25.73
CA VAL A 113 10.44 -13.60 25.21
C VAL A 113 11.10 -14.00 23.90
N GLY A 114 11.65 -13.00 23.21
CA GLY A 114 12.30 -13.23 21.93
C GLY A 114 11.42 -14.04 21.00
N GLY A 115 12.01 -15.05 20.37
CA GLY A 115 11.27 -15.90 19.46
C GLY A 115 9.99 -16.42 20.09
N GLY A 116 9.96 -16.53 21.41
CA GLY A 116 8.76 -17.01 22.08
C GLY A 116 7.62 -16.03 21.89
N LEU A 117 7.92 -14.74 22.03
CA LEU A 117 6.92 -13.71 21.85
C LEU A 117 6.57 -13.60 20.37
N GLU A 118 7.56 -13.75 19.52
CA GLU A 118 7.33 -13.67 18.09
C GLU A 118 6.30 -14.70 17.65
N ALA A 120 4.02 -15.95 19.54
CA ALA A 120 2.78 -15.49 20.15
C ALA A 120 2.17 -14.31 19.38
N LEU A 121 3.03 -13.45 18.84
CA LEU A 121 2.56 -12.29 18.08
C LEU A 121 1.89 -12.72 16.78
N ALA A 122 2.33 -13.87 16.25
CA ALA A 122 1.77 -14.39 14.99
C ALA A 122 0.40 -15.05 15.19
N CYS A 123 0.03 -15.30 16.44
CA CYS A 123 -1.28 -15.89 16.72
C CYS A 123 -2.33 -14.78 16.71
N ASP A 124 -3.60 -15.14 16.56
CA ASP A 124 -4.69 -14.17 16.51
C ASP A 124 -4.96 -13.48 17.85
N LEU A 125 -4.77 -14.21 18.95
CA LEU A 125 -5.01 -13.67 20.28
C LEU A 125 -3.95 -14.16 21.27
N ARG A 126 -3.76 -13.41 22.35
CA ARG A 126 -2.79 -13.76 23.38
C ARG A 126 -3.39 -13.59 24.77
N PHE A 127 -3.46 -14.68 25.54
CA PHE A 127 -3.99 -14.66 26.91
C PHE A 127 -2.83 -15.01 27.84
N GLY A 129 -1.16 -15.39 32.03
CA GLY A 129 -1.41 -15.53 33.45
C GLY A 129 -0.88 -14.36 34.23
N ASP A 130 -1.53 -13.98 35.33
CA ASP A 130 -1.06 -12.83 36.09
C ASP A 130 0.27 -13.00 36.82
N GLU A 131 0.85 -14.18 36.71
CA GLU A 131 2.15 -14.46 37.33
C GLU A 131 3.03 -15.18 36.30
N ALA A 132 2.67 -15.04 35.03
CA ALA A 132 3.38 -15.68 33.92
C ALA A 132 4.85 -15.28 33.78
N GLY A 133 5.23 -14.15 34.35
CA GLY A 133 6.61 -13.73 34.25
C GLY A 133 6.91 -12.54 33.37
N LYS A 134 7.91 -12.69 32.51
CA LYS A 134 8.36 -11.63 31.60
C LYS A 134 7.92 -11.81 30.16
N ILE A 135 7.67 -10.70 29.48
CA ILE A 135 7.27 -10.73 28.08
C ILE A 135 7.97 -9.56 27.39
N GLY A 136 8.66 -9.87 26.29
CA GLY A 136 9.36 -8.84 25.54
C GLY A 136 10.31 -9.41 24.49
N LEU A 137 11.11 -8.55 23.89
CA LEU A 137 12.06 -8.95 22.85
C LEU A 137 13.48 -8.47 23.20
N PRO A 138 14.25 -9.30 23.91
CA PRO A 138 15.61 -8.94 24.32
C PRO A 138 16.74 -9.26 23.34
N GLU A 139 16.41 -9.61 22.10
CA GLU A 139 17.43 -9.95 21.09
C GLU A 139 18.58 -8.97 20.95
N VAL A 140 18.31 -7.69 21.17
CA VAL A 140 19.36 -6.68 21.04
C VAL A 140 20.53 -6.93 22.00
N SER A 141 20.26 -7.60 23.12
CA SER A 141 21.30 -7.87 24.10
C SER A 141 22.31 -8.89 23.56
N LEU A 142 21.96 -9.51 22.43
CA LEU A 142 22.83 -10.50 21.80
C LEU A 142 23.47 -9.93 20.54
N GLY A 143 23.13 -8.69 20.20
CA GLY A 143 23.69 -8.07 19.01
C GLY A 143 22.88 -8.32 17.74
N VAL A 144 21.67 -8.87 17.90
CA VAL A 144 20.79 -9.14 16.75
C VAL A 144 19.42 -8.53 17.06
N LEU A 145 18.46 -8.74 16.17
CA LEU A 145 17.12 -8.20 16.39
C LEU A 145 16.06 -9.28 16.31
N ALA A 146 14.82 -8.91 16.66
CA ALA A 146 13.69 -9.84 16.60
C ALA A 146 13.42 -10.13 15.12
N GLY A 147 14.21 -11.05 14.56
CA GLY A 147 14.11 -11.39 13.15
C GLY A 147 13.07 -12.39 12.69
N THR A 148 12.18 -12.80 13.58
CA THR A 148 11.13 -13.73 13.17
C THR A 148 9.80 -12.98 13.23
N GLY A 149 9.78 -11.77 12.67
CA GLY A 149 8.57 -10.98 12.64
C GLY A 149 8.33 -10.07 13.85
N GLY A 150 9.18 -10.19 14.86
CA GLY A 150 9.04 -9.38 16.05
C GLY A 150 8.98 -7.87 15.88
N THR A 151 9.95 -7.29 15.17
CA THR A 151 9.98 -5.83 14.99
C THR A 151 8.76 -5.32 14.27
N GLN A 152 8.31 -6.09 13.28
CA GLN A 152 7.16 -5.71 12.47
C GLN A 152 5.79 -5.92 13.12
N ARG A 153 5.56 -7.11 13.70
CA ARG A 153 4.28 -7.37 14.32
C ARG A 153 4.10 -6.59 15.63
N LEU A 154 5.17 -6.42 16.40
CA LEU A 154 5.05 -5.65 17.64
C LEU A 154 4.64 -4.21 17.33
N ALA A 155 5.28 -3.63 16.31
CA ALA A 155 4.99 -2.26 15.92
C ALA A 155 3.54 -2.10 15.50
N ARG A 156 3.03 -3.05 14.73
CA ARG A 156 1.66 -3.00 14.25
C ARG A 156 0.67 -3.25 15.37
N LEU A 157 1.04 -4.07 16.35
CA LEU A 157 0.14 -4.38 17.45
C LEU A 157 0.07 -3.28 18.51
N ILE A 158 1.21 -2.82 19.01
CA ILE A 158 1.21 -1.80 20.07
C ILE A 158 1.61 -0.39 19.67
N GLY A 159 1.99 -0.19 18.40
CA GLY A 159 2.41 1.13 17.96
C GLY A 159 3.90 1.12 17.66
N TYR A 160 4.31 1.76 16.56
CA TYR A 160 5.71 1.77 16.16
C TYR A 160 6.71 2.38 17.14
N SER A 161 6.38 3.51 17.75
CA SER A 161 7.31 4.13 18.69
C SER A 161 7.46 3.29 19.95
N ARG A 162 6.34 2.79 20.47
CA ARG A 162 6.35 1.95 21.66
C ARG A 162 7.11 0.67 21.39
N ALA A 163 6.98 0.14 20.19
CA ALA A 163 7.67 -1.09 19.82
C ALA A 163 9.16 -0.78 19.65
N LEU A 164 9.46 0.40 19.11
CA LEU A 164 10.84 0.80 18.89
C LEU A 164 11.55 0.83 20.24
N ASP A 165 10.89 1.47 21.21
CA ASP A 165 11.43 1.59 22.56
C ASP A 165 11.74 0.21 23.14
N ASN A 167 12.13 -2.72 21.62
CA ASN A 167 13.13 -3.46 20.84
C ASN A 167 14.57 -2.97 21.01
N ILE A 168 14.78 -1.65 21.02
CA ILE A 168 16.15 -1.13 21.15
C ILE A 168 16.73 -1.26 22.56
N THR A 169 15.87 -1.30 23.58
CA THR A 169 16.36 -1.45 24.96
C THR A 169 16.41 -2.95 25.29
N GLY A 170 15.47 -3.71 24.73
CA GLY A 170 15.42 -5.14 24.96
C GLY A 170 14.78 -5.49 26.29
N GLU A 171 14.24 -4.49 26.96
CA GLU A 171 13.61 -4.70 28.25
C GLU A 171 12.25 -5.38 28.18
N THR A 172 12.04 -6.30 29.12
CA THR A 172 10.79 -7.05 29.20
C THR A 172 9.84 -6.39 30.19
N ILE A 173 8.55 -6.67 30.04
CA ILE A 173 7.55 -6.10 30.93
C ILE A 173 6.71 -7.19 31.60
N THR A 174 5.75 -6.78 32.42
CA THR A 174 4.89 -7.72 33.13
C THR A 174 3.62 -7.98 32.34
N PRO A 175 2.87 -9.03 32.73
CA PRO A 175 1.62 -9.38 32.05
C PRO A 175 0.65 -8.20 32.09
N GLN A 176 0.58 -7.55 33.26
CA GLN A 176 -0.28 -6.40 33.47
C GLN A 176 0.07 -5.27 32.51
N GLU A 177 1.37 -4.93 32.45
CA GLU A 177 1.82 -3.86 31.56
C GLU A 177 1.52 -4.24 30.11
N ALA A 178 1.68 -5.53 29.82
CA ALA A 178 1.41 -6.03 28.48
C ALA A 178 -0.06 -5.79 28.13
N LEU A 179 -0.94 -6.03 29.10
CA LEU A 179 -2.36 -5.82 28.88
C LEU A 179 -2.69 -4.36 28.60
N GLU A 180 -2.09 -3.44 29.35
CA GLU A 180 -2.38 -2.04 29.13
C GLU A 180 -1.92 -1.48 27.79
N ILE A 181 -0.84 -2.02 27.22
CA ILE A 181 -0.40 -1.51 25.92
C ILE A 181 -0.97 -2.32 24.76
N GLY A 182 -1.80 -3.31 25.07
CA GLY A 182 -2.41 -4.12 24.04
C GLY A 182 -1.56 -5.27 23.53
N LEU A 183 -0.51 -5.63 24.27
CA LEU A 183 0.37 -6.73 23.86
C LEU A 183 -0.34 -8.07 24.01
N VAL A 184 -1.21 -8.18 25.01
CA VAL A 184 -2.00 -9.39 25.24
C VAL A 184 -3.45 -8.94 25.28
N ASN A 185 -4.38 -9.85 25.04
CA ASN A 185 -5.81 -9.51 25.04
C ASN A 185 -6.49 -9.79 26.38
N ARG A 186 -5.90 -10.67 27.18
CA ARG A 186 -6.47 -11.01 28.47
C ARG A 186 -5.38 -11.40 29.46
N VAL A 187 -5.63 -11.11 30.72
CA VAL A 187 -4.72 -11.49 31.80
C VAL A 187 -5.62 -12.22 32.78
N PHE A 188 -5.38 -13.51 32.96
CA PHE A 188 -6.18 -14.33 33.86
C PHE A 188 -5.40 -14.71 35.11
N PRO A 189 -6.12 -15.10 36.18
CA PRO A 189 -5.42 -15.50 37.41
C PRO A 189 -4.58 -16.71 37.00
N GLN A 190 -3.30 -16.70 37.36
CA GLN A 190 -2.39 -17.77 36.98
C GLN A 190 -2.97 -19.20 36.92
N ALA A 191 -3.49 -19.69 38.04
CA ALA A 191 -4.02 -21.05 38.09
C ALA A 191 -5.28 -21.29 37.26
N GLU A 192 -5.86 -20.23 36.71
CA GLU A 192 -7.07 -20.36 35.91
C GLU A 192 -6.83 -20.04 34.44
N THR A 193 -5.59 -19.76 34.08
CA THR A 193 -5.24 -19.40 32.71
C THR A 193 -5.68 -20.41 31.66
N ARG A 194 -5.29 -21.67 31.84
CA ARG A 194 -5.66 -22.71 30.88
C ARG A 194 -7.16 -22.91 30.86
N GLU A 195 -7.75 -22.89 32.06
CA GLU A 195 -9.18 -23.07 32.22
C GLU A 195 -9.97 -22.00 31.46
N ARG A 196 -9.67 -20.73 31.73
CA ARG A 196 -10.38 -19.64 31.07
C ARG A 196 -10.08 -19.54 29.58
N THR A 197 -8.87 -19.91 29.17
CA THR A 197 -8.51 -19.89 27.75
C THR A 197 -9.36 -20.93 27.04
N ARG A 198 -9.42 -22.13 27.61
CA ARG A 198 -10.21 -23.23 27.03
C ARG A 198 -11.69 -22.88 27.00
N GLU A 199 -12.14 -22.15 28.03
CA GLU A 199 -13.54 -21.73 28.11
C GLU A 199 -13.86 -20.78 26.96
N TYR A 200 -12.92 -19.90 26.65
CA TYR A 200 -13.09 -18.94 25.55
C TYR A 200 -13.14 -19.69 24.24
N ALA A 201 -12.22 -20.63 24.05
CA ALA A 201 -12.18 -21.42 22.83
C ALA A 201 -13.44 -22.25 22.70
N ARG A 202 -13.92 -22.81 23.81
CA ARG A 202 -15.15 -23.60 23.78
C ARG A 202 -16.30 -22.79 23.20
N LYS A 203 -16.48 -21.57 23.70
CA LYS A 203 -17.56 -20.71 23.22
C LYS A 203 -17.46 -20.47 21.72
N LEU A 204 -16.24 -20.29 21.22
CA LEU A 204 -16.05 -20.07 19.78
C LEU A 204 -16.44 -21.32 19.02
N ALA A 205 -15.89 -22.47 19.45
CA ALA A 205 -16.17 -23.74 18.79
C ALA A 205 -17.65 -24.10 18.79
N ASN A 206 -18.38 -23.58 19.77
CA ASN A 206 -19.81 -23.86 19.88
C ASN A 206 -20.70 -22.85 19.19
N SER A 207 -20.12 -21.88 18.51
CA SER A 207 -20.91 -20.88 17.81
C SER A 207 -20.85 -21.09 16.31
N ALA A 208 -21.19 -20.06 15.54
CA ALA A 208 -21.16 -20.14 14.08
C ALA A 208 -19.70 -20.04 13.67
N THR A 209 -19.00 -21.17 13.77
CA THR A 209 -17.58 -21.24 13.46
C THR A 209 -17.18 -20.82 12.05
N TYR A 210 -18.10 -20.89 11.09
CA TYR A 210 -17.79 -20.48 9.72
C TYR A 210 -17.69 -18.96 9.73
N ALA A 211 -18.56 -18.33 10.50
CA ALA A 211 -18.57 -16.88 10.62
C ALA A 211 -17.32 -16.46 11.38
N VAL A 212 -17.03 -17.17 12.47
CA VAL A 212 -15.85 -16.87 13.27
C VAL A 212 -14.61 -16.93 12.40
N SER A 213 -14.51 -18.00 11.62
CA SER A 213 -13.37 -18.22 10.75
C SER A 213 -13.22 -17.13 9.69
N ASN A 214 -14.30 -16.83 8.96
CA ASN A 214 -14.24 -15.80 7.94
C ASN A 214 -13.95 -14.42 8.54
N ILE A 215 -14.38 -14.19 9.77
CA ILE A 215 -14.13 -12.92 10.44
C ILE A 215 -12.62 -12.77 10.68
N LYS A 216 -12.00 -13.84 11.18
CA LYS A 216 -10.58 -13.86 11.47
C LYS A 216 -9.79 -13.63 10.18
N LEU A 217 -10.22 -14.21 9.08
CA LEU A 217 -9.54 -14.02 7.81
C LEU A 217 -9.72 -12.58 7.33
N ALA A 218 -10.93 -12.06 7.46
CA ALA A 218 -11.24 -10.71 7.05
C ALA A 218 -10.33 -9.67 7.70
N ILE A 219 -10.13 -9.80 9.00
CA ILE A 219 -9.32 -8.84 9.75
C ILE A 219 -7.80 -9.01 9.60
N ASN A 221 -6.03 -10.49 7.23
CA ASN A 221 -5.54 -10.24 5.88
C ASN A 221 -6.05 -8.91 5.32
N GLY A 222 -7.19 -8.46 5.84
CA GLY A 222 -7.75 -7.21 5.38
C GLY A 222 -6.99 -6.00 5.90
N LYS A 223 -6.28 -6.16 7.02
CA LYS A 223 -5.54 -5.04 7.58
C LYS A 223 -4.35 -4.64 6.71
N GLU A 224 -3.98 -5.50 5.77
CA GLU A 224 -2.87 -5.23 4.86
C GLU A 224 -3.31 -4.50 3.60
N PRO A 226 -5.82 -1.48 1.41
CA PRO A 226 -6.34 -0.12 1.54
C PRO A 226 -7.81 -0.31 1.92
N LEU A 227 -8.36 0.62 2.70
CA LEU A 227 -9.74 0.48 3.15
C LEU A 227 -10.80 0.22 2.07
N ASN A 228 -10.78 1.00 1.00
CA ASN A 228 -11.75 0.85 -0.07
C ASN A 228 -11.82 -0.54 -0.70
N VAL A 229 -10.70 -1.26 -0.74
CA VAL A 229 -10.73 -2.61 -1.30
C VAL A 229 -10.79 -3.67 -0.19
N ALA A 230 -10.39 -3.27 1.02
CA ALA A 230 -10.43 -4.18 2.16
C ALA A 230 -11.87 -4.60 2.40
N ILE A 231 -12.77 -3.64 2.25
CA ILE A 231 -14.19 -3.92 2.45
C ILE A 231 -14.70 -4.83 1.34
N ARG A 232 -14.02 -4.84 0.19
CA ARG A 232 -14.43 -5.72 -0.90
C ARG A 232 -14.09 -7.15 -0.48
N TYR A 233 -12.92 -7.34 0.14
CA TYR A 233 -12.47 -8.65 0.60
C TYR A 233 -13.44 -9.13 1.67
N GLU A 234 -13.85 -8.21 2.52
CA GLU A 234 -14.79 -8.48 3.60
C GLU A 234 -16.14 -8.85 3.00
N GLY A 235 -16.47 -8.22 1.88
CA GLY A 235 -17.74 -8.48 1.22
C GLY A 235 -17.83 -9.85 0.60
N GLU A 236 -16.71 -10.37 0.12
CA GLU A 236 -16.69 -11.70 -0.49
C GLU A 236 -16.79 -12.75 0.60
N LEU A 237 -16.15 -12.48 1.74
CA LEU A 237 -16.20 -13.40 2.87
C LEU A 237 -17.63 -13.44 3.38
N GLN A 238 -18.30 -12.28 3.35
CA GLN A 238 -19.69 -12.19 3.78
C GLN A 238 -20.58 -12.92 2.78
N ASN A 239 -20.22 -12.84 1.50
CA ASN A 239 -21.01 -13.52 0.48
C ASN A 239 -21.01 -15.02 0.80
N LEU A 240 -19.85 -15.56 1.14
CA LEU A 240 -19.75 -16.98 1.47
C LEU A 240 -20.63 -17.29 2.68
N LEU A 241 -20.70 -16.37 3.63
CA LEU A 241 -21.52 -16.57 4.82
C LEU A 241 -23.01 -16.49 4.52
N PHE A 242 -23.40 -15.63 3.58
CA PHE A 242 -24.81 -15.51 3.22
C PHE A 242 -25.27 -16.78 2.53
N ARG A 243 -24.33 -17.51 1.93
CA ARG A 243 -24.65 -18.74 1.24
C ARG A 243 -24.49 -20.00 2.10
N SER A 244 -24.11 -19.83 3.36
CA SER A 244 -23.92 -20.99 4.24
C SER A 244 -25.22 -21.40 4.92
N GLU A 245 -25.20 -22.57 5.54
CA GLU A 245 -26.37 -23.09 6.23
C GLU A 245 -26.53 -22.43 7.60
N ASP A 246 -25.41 -22.15 8.25
CA ASP A 246 -25.46 -21.52 9.57
C ASP A 246 -26.13 -20.15 9.50
N ALA A 247 -25.94 -19.45 8.39
CA ALA A 247 -26.54 -18.13 8.20
C ALA A 247 -28.05 -18.30 8.16
N LYS A 248 -28.50 -19.24 7.34
CA LYS A 248 -29.92 -19.54 7.22
C LYS A 248 -30.44 -19.84 8.62
N GLU A 249 -29.79 -20.82 9.26
CA GLU A 249 -30.14 -21.24 10.61
C GLU A 249 -30.10 -20.09 11.61
N GLY A 250 -29.04 -19.29 11.55
CA GLY A 250 -28.89 -18.18 12.46
C GLY A 250 -29.99 -17.14 12.37
N LEU A 251 -30.39 -16.80 11.15
CA LEU A 251 -31.45 -15.81 10.95
C LEU A 251 -32.81 -16.36 11.38
N SER A 252 -33.06 -17.63 11.09
CA SER A 252 -34.33 -18.26 11.46
C SER A 252 -34.48 -18.30 12.98
N ALA A 253 -33.47 -18.87 13.64
CA ALA A 253 -33.48 -18.99 15.09
C ALA A 253 -33.75 -17.64 15.76
N PHE A 254 -33.21 -16.58 15.19
CA PHE A 254 -33.40 -15.24 15.75
C PHE A 254 -34.85 -14.78 15.62
N LEU A 255 -35.43 -14.93 14.43
CA LEU A 255 -36.82 -14.52 14.20
C LEU A 255 -37.80 -15.45 14.92
N GLU A 256 -37.45 -16.74 14.97
CA GLU A 256 -38.28 -17.74 15.63
C GLU A 256 -37.92 -17.85 17.10
N LYS A 257 -37.08 -16.92 17.56
CA LYS A 257 -36.63 -16.84 18.95
C LYS A 257 -36.29 -18.17 19.61
N ARG A 258 -35.33 -18.90 19.03
CA ARG A 258 -34.89 -20.18 19.57
C ARG A 258 -33.39 -20.33 19.39
N GLN A 259 -32.76 -21.15 20.23
CA GLN A 259 -31.33 -21.35 20.14
C GLN A 259 -30.95 -21.99 18.81
N PRO A 260 -30.07 -21.33 18.05
CA PRO A 260 -29.62 -21.85 16.75
C PRO A 260 -28.69 -23.03 16.92
N ASN A 261 -28.74 -23.95 15.96
CA ASN A 261 -27.90 -25.14 16.00
C ASN A 261 -26.88 -25.07 14.87
N TRP A 262 -25.70 -24.54 15.21
CA TRP A 262 -24.61 -24.37 14.26
C TRP A 262 -24.04 -25.68 13.75
N LYS A 263 -23.79 -25.73 12.44
CA LYS A 263 -23.24 -26.91 11.81
C LYS A 263 -21.82 -26.64 11.32
N GLY A 264 -21.43 -25.38 11.32
CA GLY A 264 -20.09 -25.01 10.89
C GLY A 264 -19.95 -24.80 9.39
N ILE A 265 -21.04 -24.98 8.66
CA ILE A 265 -21.02 -24.81 7.21
C ILE A 265 -22.21 -23.95 6.78
N GLU B 5 22.11 -36.24 -8.95
CA GLU B 5 20.66 -36.44 -9.25
C GLU B 5 19.89 -36.99 -8.07
N THR B 6 18.76 -36.35 -7.75
CA THR B 6 17.91 -36.78 -6.67
C THR B 6 16.52 -36.97 -7.27
N LYS B 7 16.08 -38.22 -7.32
CA LYS B 7 14.79 -38.58 -7.90
C LYS B 7 13.62 -38.69 -6.94
N LYS B 8 12.45 -38.27 -7.42
CA LYS B 8 11.22 -38.31 -6.64
C LYS B 8 10.09 -38.88 -7.50
N GLN B 9 8.91 -39.05 -6.92
CA GLN B 9 7.77 -39.61 -7.63
C GLN B 9 7.23 -38.80 -8.81
N TYR B 10 6.85 -37.55 -8.56
CA TYR B 10 6.30 -36.69 -9.60
C TYR B 10 7.31 -35.80 -10.32
N LEU B 11 8.51 -35.69 -9.76
CA LEU B 11 9.52 -34.84 -10.36
C LEU B 11 10.93 -35.32 -10.02
N THR B 12 11.92 -34.72 -10.66
CA THR B 12 13.31 -35.07 -10.44
C THR B 12 14.16 -33.81 -10.35
N VAL B 13 15.13 -33.81 -9.46
CA VAL B 13 16.01 -32.66 -9.28
C VAL B 13 17.45 -33.00 -9.64
N PHE B 14 18.01 -32.26 -10.58
CA PHE B 14 19.39 -32.47 -11.01
C PHE B 14 20.22 -31.28 -10.55
N LYS B 15 21.32 -31.54 -9.86
CA LYS B 15 22.19 -30.46 -9.40
C LYS B 15 23.60 -30.57 -9.96
N GLU B 16 24.11 -29.47 -10.51
CA GLU B 16 25.45 -29.43 -11.07
C GLU B 16 25.86 -28.01 -11.39
N ASP B 17 27.14 -27.72 -11.22
CA ASP B 17 27.70 -26.41 -11.50
C ASP B 17 26.85 -25.21 -11.07
N GLY B 18 26.32 -25.27 -9.86
CA GLY B 18 25.53 -24.16 -9.35
C GLY B 18 24.12 -24.05 -9.89
N ILE B 19 23.72 -24.97 -10.75
CA ILE B 19 22.37 -24.94 -11.32
C ILE B 19 21.57 -26.17 -10.92
N ALA B 20 20.31 -25.95 -10.54
CA ALA B 20 19.44 -27.05 -10.16
C ALA B 20 18.32 -27.09 -11.19
N GLU B 21 18.02 -28.28 -11.69
CA GLU B 21 16.97 -28.46 -12.68
C GLU B 21 15.85 -29.33 -12.13
N ILE B 22 14.66 -28.76 -12.05
CA ILE B 22 13.50 -29.50 -11.57
C ILE B 22 12.73 -29.95 -12.79
N HIS B 23 12.79 -31.25 -13.09
CA HIS B 23 12.08 -31.79 -14.24
C HIS B 23 10.73 -32.36 -13.83
N LEU B 24 9.68 -31.91 -14.52
CA LEU B 24 8.33 -32.37 -14.23
C LEU B 24 7.96 -33.59 -15.07
N HIS B 25 7.69 -34.70 -14.41
CA HIS B 25 7.29 -35.92 -15.10
C HIS B 25 6.14 -36.53 -14.34
N ILE B 26 5.08 -35.76 -14.23
CA ILE B 26 3.87 -36.17 -13.52
C ILE B 26 3.08 -37.17 -14.35
N ASN B 27 2.53 -36.69 -15.46
CA ASN B 27 1.75 -37.56 -16.34
C ASN B 27 1.64 -37.00 -17.76
N LYS B 28 0.70 -37.55 -18.50
CA LYS B 28 0.42 -37.19 -19.89
C LYS B 28 0.52 -35.70 -20.21
N SER B 29 -0.14 -34.88 -19.40
CA SER B 29 -0.14 -33.44 -19.59
C SER B 29 0.38 -32.71 -18.36
N ASN B 30 1.18 -33.40 -17.56
CA ASN B 30 1.73 -32.84 -16.33
C ASN B 30 0.65 -32.10 -15.54
N SER B 31 -0.54 -32.70 -15.47
CA SER B 31 -1.66 -32.15 -14.74
C SER B 31 -1.48 -32.63 -13.29
N TYR B 32 -1.19 -31.69 -12.39
CA TYR B 32 -0.89 -32.00 -10.99
C TYR B 32 -2.00 -32.20 -9.96
N ASP B 33 -1.59 -32.70 -8.80
CA ASP B 33 -2.47 -32.94 -7.65
C ASP B 33 -1.72 -32.43 -6.42
N LEU B 34 -2.27 -32.64 -5.22
CA LEU B 34 -1.61 -32.17 -4.01
C LEU B 34 -0.23 -32.80 -3.78
N GLU B 35 -0.12 -34.10 -4.02
CA GLU B 35 1.16 -34.77 -3.82
C GLU B 35 2.27 -34.14 -4.65
N PHE B 36 1.98 -33.79 -5.89
CA PHE B 36 2.99 -33.16 -6.73
C PHE B 36 3.53 -31.90 -6.06
N TYR B 37 2.62 -31.04 -5.61
CA TYR B 37 3.03 -29.81 -4.97
C TYR B 37 3.80 -30.00 -3.66
N LYS B 38 3.52 -31.11 -2.97
CA LYS B 38 4.25 -31.38 -1.73
C LYS B 38 5.70 -31.67 -2.09
N GLU B 39 5.91 -32.26 -3.27
CA GLU B 39 7.26 -32.57 -3.72
C GLU B 39 7.95 -31.30 -4.24
N PHE B 40 7.19 -30.45 -4.92
CA PHE B 40 7.76 -29.21 -5.44
C PHE B 40 8.21 -28.34 -4.26
N ASN B 41 7.35 -28.26 -3.25
CA ASN B 41 7.64 -27.48 -2.05
C ASN B 41 8.92 -27.99 -1.38
N ALA B 42 9.03 -29.31 -1.27
CA ALA B 42 10.20 -29.94 -0.66
C ALA B 42 11.46 -29.62 -1.46
N ALA B 43 11.31 -29.58 -2.79
CA ALA B 43 12.44 -29.27 -3.66
C ALA B 43 12.93 -27.84 -3.41
N ILE B 44 11.99 -26.91 -3.28
CA ILE B 44 12.32 -25.52 -3.03
C ILE B 44 13.08 -25.39 -1.70
N ASP B 45 12.55 -26.03 -0.65
CA ASP B 45 13.21 -26.00 0.65
C ASP B 45 14.62 -26.59 0.56
N ASP B 46 14.75 -27.73 -0.10
CA ASP B 46 16.07 -28.37 -0.24
C ASP B 46 17.05 -27.44 -0.97
N ILE B 47 16.62 -26.88 -2.08
CA ILE B 47 17.47 -25.98 -2.86
C ILE B 47 17.86 -24.75 -2.04
N ARG B 48 16.91 -24.23 -1.28
CA ARG B 48 17.15 -23.07 -0.43
C ARG B 48 18.32 -23.32 0.52
N PHE B 49 18.33 -24.51 1.14
CA PHE B 49 19.39 -24.84 2.08
C PHE B 49 20.66 -25.38 1.44
N ASP B 50 20.78 -25.23 0.12
CA ASP B 50 21.96 -25.68 -0.61
C ASP B 50 22.69 -24.44 -1.14
N PRO B 51 23.66 -23.92 -0.37
CA PRO B 51 24.44 -22.74 -0.74
C PRO B 51 25.16 -22.84 -2.08
N ASP B 52 25.14 -24.01 -2.70
CA ASP B 52 25.81 -24.19 -3.98
C ASP B 52 24.90 -23.85 -5.16
N ILE B 53 23.59 -23.96 -4.96
CA ILE B 53 22.66 -23.66 -6.03
C ILE B 53 22.38 -22.17 -6.16
N LYS B 54 22.62 -21.65 -7.37
CA LYS B 54 22.44 -20.24 -7.68
C LYS B 54 21.26 -20.00 -8.63
N VAL B 55 20.96 -21.00 -9.46
CA VAL B 55 19.87 -20.86 -10.40
C VAL B 55 19.06 -22.13 -10.41
N VAL B 56 17.76 -22.00 -10.67
CA VAL B 56 16.86 -23.14 -10.73
C VAL B 56 16.05 -23.06 -12.01
N ILE B 57 16.08 -24.15 -12.78
CA ILE B 57 15.32 -24.20 -14.02
C ILE B 57 14.22 -25.23 -13.86
N VAL B 58 13.00 -24.83 -14.19
CA VAL B 58 11.87 -25.74 -14.10
C VAL B 58 11.53 -26.13 -15.54
N SER B 60 9.98 -29.52 -18.31
CA SER B 60 9.16 -30.71 -18.42
C SER B 60 9.80 -31.84 -19.21
N ASP B 61 9.56 -33.07 -18.77
CA ASP B 61 10.09 -34.22 -19.48
C ASP B 61 9.01 -34.69 -20.46
N VAL B 62 7.82 -34.12 -20.33
CA VAL B 62 6.72 -34.46 -21.22
C VAL B 62 6.86 -33.61 -22.48
N PRO B 63 6.77 -34.25 -23.66
CA PRO B 63 6.89 -33.64 -24.98
C PRO B 63 6.10 -32.37 -25.31
N LYS B 64 4.77 -32.48 -25.30
CA LYS B 64 3.92 -31.35 -25.67
C LYS B 64 3.31 -30.52 -24.54
N PHE B 65 3.75 -30.75 -23.31
CA PHE B 65 3.22 -29.98 -22.18
C PHE B 65 4.26 -29.61 -21.15
N PHE B 66 4.14 -28.39 -20.62
CA PHE B 66 5.02 -27.95 -19.55
C PHE B 66 4.13 -28.41 -18.39
N SER B 67 2.88 -28.01 -18.48
CA SER B 67 1.86 -28.38 -17.48
C SER B 67 0.52 -27.80 -17.92
N ALA B 68 -0.52 -28.61 -17.80
CA ALA B 68 -1.87 -28.20 -18.18
C ALA B 68 -2.69 -27.74 -16.98
N GLY B 69 -2.07 -27.69 -15.81
CA GLY B 69 -2.78 -27.24 -14.62
C GLY B 69 -3.14 -28.35 -13.65
N ALA B 70 -4.12 -28.06 -12.80
CA ALA B 70 -4.57 -29.02 -11.81
C ALA B 70 -5.32 -30.18 -12.47
N ASP B 71 -5.09 -31.38 -11.96
CA ASP B 71 -5.77 -32.57 -12.49
C ASP B 71 -7.25 -32.44 -12.15
N ILE B 72 -8.09 -32.35 -13.18
CA ILE B 72 -9.52 -32.20 -13.00
C ILE B 72 -10.19 -33.39 -12.31
N ASN B 73 -9.64 -34.58 -12.50
CA ASN B 73 -10.20 -35.78 -11.88
C ASN B 73 -9.97 -35.71 -10.37
N PHE B 74 -8.73 -35.43 -10.00
CA PHE B 74 -8.34 -35.31 -8.60
C PHE B 74 -9.12 -34.19 -7.92
N LEU B 75 -9.48 -33.17 -8.71
CA LEU B 75 -10.20 -32.01 -8.19
C LEU B 75 -11.68 -32.26 -7.91
N ARG B 76 -12.41 -32.70 -8.93
CA ARG B 76 -13.84 -32.95 -8.79
C ARG B 76 -14.17 -33.73 -7.52
N SER B 77 -13.32 -34.69 -7.19
CA SER B 77 -13.50 -35.52 -6.00
C SER B 77 -13.52 -34.71 -4.71
N ALA B 78 -12.68 -33.68 -4.65
CA ALA B 78 -12.53 -32.85 -3.47
C ALA B 78 -13.76 -32.08 -2.99
N ASP B 79 -13.84 -31.91 -1.67
CA ASP B 79 -14.90 -31.17 -1.01
C ASP B 79 -14.48 -29.69 -1.07
N PRO B 80 -15.45 -28.76 -1.09
CA PRO B 80 -15.12 -27.34 -1.15
C PRO B 80 -14.06 -26.89 -0.15
N ARG B 81 -14.16 -27.36 1.09
CA ARG B 81 -13.19 -27.00 2.12
C ARG B 81 -11.81 -27.58 1.84
N PHE B 82 -11.74 -28.74 1.19
CA PHE B 82 -10.46 -29.35 0.86
C PHE B 82 -9.81 -28.52 -0.25
N LYS B 83 -10.63 -28.11 -1.21
CA LYS B 83 -10.16 -27.32 -2.34
C LYS B 83 -9.51 -26.03 -1.85
N THR B 84 -10.13 -25.40 -0.86
CA THR B 84 -9.59 -24.16 -0.31
C THR B 84 -8.16 -24.41 0.18
N GLN B 85 -8.02 -25.41 1.06
CA GLN B 85 -6.71 -25.75 1.61
C GLN B 85 -5.75 -26.25 0.53
N PHE B 86 -6.27 -26.96 -0.46
CA PHE B 86 -5.44 -27.45 -1.55
C PHE B 86 -4.85 -26.24 -2.26
N CYS B 87 -5.71 -25.28 -2.61
CA CYS B 87 -5.28 -24.06 -3.29
C CYS B 87 -4.33 -23.24 -2.41
N LEU B 88 -4.71 -23.07 -1.16
CA LEU B 88 -3.90 -22.29 -0.22
C LEU B 88 -2.47 -22.81 -0.18
N PHE B 89 -2.32 -24.13 -0.08
CA PHE B 89 -0.98 -24.72 -0.04
C PHE B 89 -0.21 -24.49 -1.33
N CYS B 90 -0.88 -24.68 -2.47
CA CYS B 90 -0.21 -24.48 -3.74
C CYS B 90 0.26 -23.03 -3.84
N ASN B 91 -0.61 -22.08 -3.51
CA ASN B 91 -0.27 -20.67 -3.55
C ASN B 91 0.94 -20.34 -2.68
N GLU B 92 0.91 -20.83 -1.45
CA GLU B 92 2.03 -20.58 -0.55
C GLU B 92 3.30 -21.18 -1.13
N THR B 93 3.21 -22.34 -1.76
CA THR B 93 4.40 -22.94 -2.34
C THR B 93 5.00 -22.04 -3.43
N LEU B 94 4.14 -21.51 -4.30
CA LEU B 94 4.59 -20.63 -5.37
C LEU B 94 5.12 -19.31 -4.82
N ASP B 95 4.58 -18.86 -3.69
CA ASP B 95 5.02 -17.61 -3.09
C ASP B 95 6.48 -17.71 -2.63
N LYS B 96 6.87 -18.90 -2.19
CA LYS B 96 8.22 -19.14 -1.69
C LYS B 96 9.31 -18.87 -2.72
N ILE B 97 8.98 -18.94 -4.00
CA ILE B 97 9.97 -18.71 -5.05
C ILE B 97 10.51 -17.28 -5.02
N ALA B 98 9.63 -16.30 -4.90
CA ALA B 98 10.03 -14.90 -4.86
C ALA B 98 10.89 -14.55 -3.64
N ARG B 99 10.90 -15.43 -2.64
CA ARG B 99 11.68 -15.16 -1.41
C ARG B 99 12.99 -15.94 -1.36
N SER B 100 13.15 -16.90 -2.28
CA SER B 100 14.34 -17.76 -2.33
C SER B 100 15.53 -17.07 -2.98
N PRO B 101 16.76 -17.40 -2.54
CA PRO B 101 17.97 -16.78 -3.09
C PRO B 101 18.25 -17.07 -4.57
N GLN B 102 17.83 -18.23 -5.04
CA GLN B 102 18.06 -18.62 -6.43
C GLN B 102 17.15 -17.88 -7.41
N VAL B 103 17.61 -17.74 -8.65
CA VAL B 103 16.81 -17.12 -9.70
C VAL B 103 16.08 -18.28 -10.36
N TYR B 104 14.74 -18.25 -10.37
CA TYR B 104 13.98 -19.32 -10.98
C TYR B 104 13.60 -19.02 -12.43
N ILE B 105 13.91 -19.96 -13.32
CA ILE B 105 13.62 -19.81 -14.73
C ILE B 105 12.73 -20.96 -15.21
N ALA B 106 11.55 -20.61 -15.71
CA ALA B 106 10.63 -21.63 -16.21
C ALA B 106 10.94 -21.88 -17.69
N CYS B 107 11.32 -23.11 -18.02
CA CYS B 107 11.64 -23.47 -19.40
C CYS B 107 10.38 -24.04 -20.05
N LEU B 108 9.74 -23.22 -20.87
CA LEU B 108 8.49 -23.62 -21.53
C LEU B 108 8.68 -24.19 -22.94
N GLU B 109 8.64 -25.52 -23.04
CA GLU B 109 8.80 -26.19 -24.32
C GLU B 109 7.49 -26.76 -24.82
N GLY B 110 6.47 -26.75 -23.96
CA GLY B 110 5.17 -27.27 -24.33
C GLY B 110 4.05 -26.35 -23.87
N HIS B 111 2.82 -26.84 -23.94
CA HIS B 111 1.69 -26.03 -23.51
C HIS B 111 1.82 -25.63 -22.05
N THR B 112 1.49 -24.37 -21.77
CA THR B 112 1.57 -23.81 -20.43
C THR B 112 0.24 -23.09 -20.21
N VAL B 113 -0.73 -23.80 -19.66
CA VAL B 113 -2.06 -23.27 -19.43
C VAL B 113 -2.57 -23.54 -18.02
N GLY B 114 -3.50 -22.70 -17.56
CA GLY B 114 -4.06 -22.85 -16.24
C GLY B 114 -2.99 -22.92 -15.17
N GLY B 115 -3.14 -23.85 -14.23
CA GLY B 115 -2.19 -24.02 -13.16
C GLY B 115 -0.77 -24.11 -13.69
N GLY B 116 -0.63 -24.52 -14.95
CA GLY B 116 0.68 -24.62 -15.56
C GLY B 116 1.30 -23.24 -15.76
N LEU B 117 0.49 -22.30 -16.23
CA LEU B 117 0.99 -20.93 -16.42
C LEU B 117 1.14 -20.27 -15.05
N GLU B 118 0.24 -20.60 -14.12
CA GLU B 118 0.32 -20.01 -12.79
C GLU B 118 1.63 -20.38 -12.12
N ALA B 120 4.45 -21.13 -13.84
CA ALA B 120 5.45 -20.39 -14.59
C ALA B 120 5.48 -18.92 -14.16
N LEU B 121 4.30 -18.36 -13.89
CA LEU B 121 4.19 -16.96 -13.47
C LEU B 121 4.91 -16.65 -12.16
N ALA B 122 4.91 -17.60 -11.24
CA ALA B 122 5.56 -17.42 -9.95
C ALA B 122 7.08 -17.44 -10.06
N CYS B 123 7.59 -17.94 -11.20
CA CYS B 123 9.02 -17.98 -11.44
C CYS B 123 9.47 -16.58 -11.83
N ASP B 124 10.77 -16.30 -11.68
CA ASP B 124 11.33 -14.99 -12.01
C ASP B 124 11.43 -14.69 -13.52
N LEU B 125 11.72 -15.72 -14.30
CA LEU B 125 11.85 -15.57 -15.74
C LEU B 125 11.13 -16.72 -16.45
N ARG B 126 10.76 -16.48 -17.70
CA ARG B 126 10.08 -17.47 -18.52
C ARG B 126 10.65 -17.44 -19.94
N PHE B 127 11.22 -18.55 -20.38
CA PHE B 127 11.77 -18.67 -21.74
C PHE B 127 10.92 -19.74 -22.42
N GLY B 129 9.74 -21.85 -26.31
CA GLY B 129 10.10 -22.19 -27.67
C GLY B 129 9.10 -21.72 -28.71
N ASP B 130 9.56 -21.36 -29.89
CA ASP B 130 8.68 -20.87 -30.96
C ASP B 130 7.62 -21.86 -31.44
N GLU B 131 7.72 -23.12 -31.02
CA GLU B 131 6.75 -24.12 -31.41
C GLU B 131 6.30 -24.86 -30.17
N ALA B 132 6.29 -24.15 -29.04
CA ALA B 132 5.91 -24.72 -27.76
C ALA B 132 4.41 -24.91 -27.60
N GLY B 133 3.62 -24.25 -28.45
CA GLY B 133 2.19 -24.40 -28.35
C GLY B 133 1.45 -23.19 -27.80
N LYS B 134 0.48 -23.44 -26.91
CA LYS B 134 -0.34 -22.39 -26.33
C LYS B 134 0.01 -21.99 -24.89
N ILE B 135 -0.42 -20.80 -24.49
CA ILE B 135 -0.19 -20.29 -23.13
C ILE B 135 -1.33 -19.35 -22.72
N GLY B 136 -1.86 -19.56 -21.52
CA GLY B 136 -2.95 -18.73 -21.03
C GLY B 136 -3.67 -19.35 -19.85
N LEU B 137 -4.87 -18.85 -19.55
CA LEU B 137 -5.64 -19.37 -18.42
C LEU B 137 -7.07 -19.68 -18.83
N PRO B 138 -7.34 -20.94 -19.20
CA PRO B 138 -8.68 -21.35 -19.61
C PRO B 138 -9.62 -21.80 -18.50
N GLU B 139 -9.25 -21.55 -17.25
CA GLU B 139 -10.07 -21.96 -16.10
C GLU B 139 -11.53 -21.55 -16.20
N VAL B 140 -11.80 -20.41 -16.83
CA VAL B 140 -13.17 -19.91 -16.97
C VAL B 140 -14.07 -20.91 -17.70
N SER B 141 -13.50 -21.64 -18.65
CA SER B 141 -14.28 -22.62 -19.41
C SER B 141 -14.75 -23.76 -18.53
N LEU B 142 -14.32 -23.75 -17.26
CA LEU B 142 -14.71 -24.78 -16.31
C LEU B 142 -15.65 -24.23 -15.25
N GLY B 143 -15.86 -22.92 -15.27
CA GLY B 143 -16.73 -22.31 -14.28
C GLY B 143 -15.98 -21.83 -13.04
N VAL B 144 -14.66 -21.78 -13.13
CA VAL B 144 -13.82 -21.31 -12.02
C VAL B 144 -12.74 -20.38 -12.57
N LEU B 145 -11.92 -19.81 -11.68
CA LEU B 145 -10.88 -18.90 -12.14
C LEU B 145 -9.48 -19.41 -11.81
N ALA B 146 -8.47 -18.71 -12.32
CA ALA B 146 -7.08 -19.07 -12.06
C ALA B 146 -6.85 -18.72 -10.59
N GLY B 147 -7.30 -19.63 -9.72
CA GLY B 147 -7.20 -19.42 -8.28
C GLY B 147 -5.87 -19.64 -7.59
N THR B 148 -4.81 -19.95 -8.34
CA THR B 148 -3.53 -20.12 -7.69
C THR B 148 -2.55 -19.03 -8.15
N GLY B 149 -2.99 -17.78 -7.97
CA GLY B 149 -2.20 -16.63 -8.32
C GLY B 149 -2.33 -16.11 -9.73
N GLY B 150 -2.92 -16.92 -10.61
CA GLY B 150 -3.08 -16.54 -12.00
C GLY B 150 -3.66 -15.16 -12.28
N THR B 151 -4.84 -14.85 -11.74
CA THR B 151 -5.45 -13.56 -11.99
C THR B 151 -4.62 -12.38 -11.51
N GLN B 152 -3.94 -12.54 -10.38
CA GLN B 152 -3.12 -11.47 -9.80
C GLN B 152 -1.74 -11.30 -10.42
N ARG B 153 -1.03 -12.41 -10.64
CA ARG B 153 0.31 -12.31 -11.23
C ARG B 153 0.26 -11.90 -12.70
N LEU B 154 -0.79 -12.34 -13.40
CA LEU B 154 -0.90 -11.98 -14.82
C LEU B 154 -1.19 -10.48 -14.94
N ALA B 155 -2.11 -9.99 -14.12
CA ALA B 155 -2.47 -8.59 -14.15
C ALA B 155 -1.22 -7.73 -13.92
N ARG B 156 -0.43 -8.11 -12.93
CA ARG B 156 0.79 -7.36 -12.60
C ARG B 156 1.88 -7.50 -13.67
N LEU B 157 1.91 -8.64 -14.34
CA LEU B 157 2.91 -8.88 -15.37
C LEU B 157 2.57 -8.25 -16.72
N ILE B 158 1.35 -8.47 -17.22
CA ILE B 158 0.99 -7.90 -18.52
C ILE B 158 0.00 -6.73 -18.52
N GLY B 159 -0.45 -6.32 -17.34
CA GLY B 159 -1.39 -5.21 -17.27
C GLY B 159 -2.76 -5.72 -16.86
N TYR B 160 -3.46 -5.00 -16.00
CA TYR B 160 -4.77 -5.47 -15.53
C TYR B 160 -5.86 -5.63 -16.59
N SER B 161 -5.92 -4.72 -17.56
CA SER B 161 -6.94 -4.80 -18.62
C SER B 161 -6.67 -5.98 -19.56
N ARG B 162 -5.42 -6.13 -19.98
CA ARG B 162 -5.05 -7.23 -20.85
C ARG B 162 -5.24 -8.57 -20.15
N ALA B 163 -4.90 -8.63 -18.86
CA ALA B 163 -5.07 -9.86 -18.10
C ALA B 163 -6.56 -10.16 -17.93
N LEU B 164 -7.35 -9.12 -17.75
CA LEU B 164 -8.79 -9.29 -17.56
C LEU B 164 -9.39 -9.89 -18.83
N ASP B 165 -8.96 -9.37 -19.98
CA ASP B 165 -9.43 -9.86 -21.26
C ASP B 165 -9.11 -11.35 -21.43
N ASN B 167 -8.33 -13.60 -18.96
CA ASN B 167 -8.96 -14.41 -17.93
C ASN B 167 -10.45 -14.71 -18.15
N ILE B 168 -11.22 -13.71 -18.56
CA ILE B 168 -12.65 -13.91 -18.76
C ILE B 168 -13.04 -14.71 -20.01
N THR B 169 -12.17 -14.73 -21.02
CA THR B 169 -12.47 -15.47 -22.24
C THR B 169 -11.79 -16.83 -22.21
N GLY B 170 -10.74 -16.96 -21.40
CA GLY B 170 -10.03 -18.20 -21.31
C GLY B 170 -9.24 -18.51 -22.57
N GLU B 171 -9.11 -17.51 -23.43
CA GLU B 171 -8.37 -17.66 -24.68
C GLU B 171 -6.87 -17.81 -24.42
N THR B 172 -6.24 -18.74 -25.13
CA THR B 172 -4.81 -18.96 -25.00
C THR B 172 -4.12 -18.30 -26.19
N ILE B 173 -2.84 -17.99 -26.05
CA ILE B 173 -2.10 -17.34 -27.12
C ILE B 173 -0.83 -18.11 -27.48
N THR B 174 -0.19 -17.68 -28.58
CA THR B 174 1.03 -18.30 -29.06
C THR B 174 2.23 -17.75 -28.30
N PRO B 175 3.40 -18.39 -28.46
CA PRO B 175 4.61 -17.93 -27.78
C PRO B 175 5.03 -16.54 -28.26
N GLN B 176 4.90 -16.31 -29.56
CA GLN B 176 5.26 -15.02 -30.15
C GLN B 176 4.42 -13.89 -29.55
N GLU B 177 3.13 -14.15 -29.36
CA GLU B 177 2.21 -13.18 -28.80
C GLU B 177 2.52 -12.96 -27.31
N ALA B 178 2.94 -14.02 -26.64
CA ALA B 178 3.28 -13.93 -25.23
C ALA B 178 4.47 -13.00 -25.06
N LEU B 179 5.45 -13.13 -25.94
CA LEU B 179 6.65 -12.30 -25.90
C LEU B 179 6.30 -10.83 -26.08
N GLU B 180 5.39 -10.58 -27.01
CA GLU B 180 4.95 -9.22 -27.32
C GLU B 180 4.27 -8.51 -26.16
N ILE B 181 3.48 -9.24 -25.38
CA ILE B 181 2.80 -8.62 -24.24
C ILE B 181 3.59 -8.74 -22.94
N GLY B 182 4.80 -9.29 -23.03
CA GLY B 182 5.63 -9.44 -21.85
C GLY B 182 5.27 -10.63 -20.98
N LEU B 183 4.50 -11.57 -21.52
CA LEU B 183 4.10 -12.75 -20.77
C LEU B 183 5.33 -13.63 -20.56
N VAL B 184 6.25 -13.60 -21.51
CA VAL B 184 7.50 -14.36 -21.40
C VAL B 184 8.66 -13.43 -21.68
N ASN B 185 9.85 -13.82 -21.24
CA ASN B 185 11.05 -13.01 -21.42
C ASN B 185 11.80 -13.32 -22.70
N ARG B 186 11.67 -14.55 -23.19
CA ARG B 186 12.36 -14.95 -24.41
C ARG B 186 11.57 -16.01 -25.17
N VAL B 187 11.91 -16.13 -26.45
CA VAL B 187 11.32 -17.13 -27.32
C VAL B 187 12.49 -17.62 -28.15
N PHE B 188 12.83 -18.89 -27.95
CA PHE B 188 13.95 -19.50 -28.64
C PHE B 188 13.48 -20.54 -29.66
N PRO B 189 14.34 -20.85 -30.64
CA PRO B 189 13.96 -21.87 -31.63
C PRO B 189 13.72 -23.13 -30.80
N GLN B 190 12.58 -23.76 -31.02
CA GLN B 190 12.24 -24.98 -30.27
C GLN B 190 13.43 -25.88 -29.96
N ALA B 191 14.08 -26.39 -31.01
CA ALA B 191 15.21 -27.30 -30.85
C ALA B 191 16.33 -26.85 -29.90
N GLU B 192 16.50 -25.54 -29.74
CA GLU B 192 17.55 -25.04 -28.86
C GLU B 192 17.08 -24.27 -27.63
N THR B 193 15.82 -24.51 -27.23
CA THR B 193 15.25 -23.84 -26.08
C THR B 193 15.95 -24.23 -24.77
N ARG B 194 16.12 -25.53 -24.55
CA ARG B 194 16.79 -26.01 -23.33
C ARG B 194 18.24 -25.56 -23.33
N GLU B 195 18.88 -25.71 -24.48
CA GLU B 195 20.28 -25.33 -24.64
C GLU B 195 20.50 -23.85 -24.34
N ARG B 196 19.71 -23.00 -24.98
CA ARG B 196 19.83 -21.56 -24.77
C ARG B 196 19.42 -21.15 -23.37
N THR B 197 18.48 -21.88 -22.78
CA THR B 197 18.04 -21.57 -21.43
C THR B 197 19.18 -21.91 -20.47
N ARG B 198 19.83 -23.05 -20.68
CA ARG B 198 20.95 -23.48 -19.85
C ARG B 198 22.15 -22.56 -20.01
N GLU B 199 22.26 -21.93 -21.18
CA GLU B 199 23.38 -21.01 -21.40
C GLU B 199 23.16 -19.79 -20.51
N TYR B 200 21.93 -19.30 -20.52
CA TYR B 200 21.56 -18.13 -19.72
C TYR B 200 21.85 -18.43 -18.25
N ALA B 201 21.35 -19.57 -17.78
CA ALA B 201 21.55 -19.99 -16.40
C ALA B 201 23.04 -20.12 -16.08
N ARG B 202 23.77 -20.70 -17.01
CA ARG B 202 25.20 -20.92 -16.86
C ARG B 202 25.92 -19.59 -16.68
N LYS B 203 25.57 -18.61 -17.51
CA LYS B 203 26.20 -17.30 -17.39
C LYS B 203 25.87 -16.69 -16.04
N LEU B 204 24.70 -16.99 -15.51
CA LEU B 204 24.32 -16.48 -14.19
C LEU B 204 25.18 -17.12 -13.11
N ALA B 205 25.17 -18.45 -13.08
CA ALA B 205 25.94 -19.20 -12.08
C ALA B 205 27.43 -18.87 -12.05
N ASN B 206 27.98 -18.39 -13.18
CA ASN B 206 29.41 -18.07 -13.22
C ASN B 206 29.76 -16.62 -12.94
N SER B 207 28.77 -15.81 -12.56
CA SER B 207 29.01 -14.40 -12.27
C SER B 207 28.97 -14.14 -10.76
N ALA B 208 28.85 -12.87 -10.39
CA ALA B 208 28.76 -12.47 -8.99
C ALA B 208 27.36 -12.91 -8.53
N THR B 209 27.24 -14.17 -8.13
CA THR B 209 25.96 -14.75 -7.74
C THR B 209 25.27 -14.17 -6.51
N TYR B 210 26.02 -13.55 -5.61
CA TYR B 210 25.44 -12.95 -4.41
C TYR B 210 24.68 -11.69 -4.87
N ALA B 211 25.29 -10.97 -5.80
CA ALA B 211 24.67 -9.77 -6.35
C ALA B 211 23.41 -10.16 -7.12
N VAL B 212 23.55 -11.17 -7.99
CA VAL B 212 22.43 -11.67 -8.76
C VAL B 212 21.28 -12.05 -7.84
N SER B 213 21.63 -12.65 -6.70
CA SER B 213 20.64 -13.09 -5.73
C SER B 213 19.95 -11.91 -5.04
N ASN B 214 20.73 -10.95 -4.55
CA ASN B 214 20.14 -9.79 -3.88
C ASN B 214 19.35 -8.90 -4.84
N ILE B 215 19.71 -8.94 -6.12
CA ILE B 215 19.01 -8.18 -7.14
C ILE B 215 17.63 -8.80 -7.33
N LYS B 216 17.59 -10.13 -7.39
CA LYS B 216 16.34 -10.86 -7.56
C LYS B 216 15.40 -10.62 -6.38
N LEU B 217 15.95 -10.52 -5.18
CA LEU B 217 15.14 -10.27 -3.99
C LEU B 217 14.67 -8.82 -3.94
N ALA B 218 15.56 -7.90 -4.30
CA ALA B 218 15.22 -6.48 -4.28
C ALA B 218 14.04 -6.20 -5.20
N ILE B 219 14.09 -6.75 -6.40
CA ILE B 219 13.03 -6.52 -7.37
C ILE B 219 11.72 -7.23 -7.07
N ASN B 221 10.47 -8.56 -4.23
CA ASN B 221 9.79 -8.19 -2.99
C ASN B 221 9.63 -6.69 -2.85
N GLY B 222 10.54 -5.93 -3.43
CA GLY B 222 10.46 -4.49 -3.35
C GLY B 222 9.31 -3.92 -4.17
N LYS B 223 8.85 -4.68 -5.18
CA LYS B 223 7.77 -4.20 -6.02
C LYS B 223 6.45 -4.14 -5.27
N GLU B 224 6.40 -4.79 -4.10
CA GLU B 224 5.21 -4.80 -3.27
C GLU B 224 5.23 -3.63 -2.28
N PRO B 226 6.03 0.69 -1.24
CA PRO B 226 5.93 2.06 -1.77
C PRO B 226 7.36 2.39 -2.18
N LEU B 227 7.55 3.15 -3.26
CA LEU B 227 8.89 3.47 -3.74
C LEU B 227 9.85 4.03 -2.69
N ASN B 228 9.44 5.04 -1.92
CA ASN B 228 10.34 5.64 -0.92
C ASN B 228 10.94 4.67 0.08
N VAL B 229 10.24 3.58 0.41
CA VAL B 229 10.82 2.60 1.33
C VAL B 229 11.32 1.38 0.57
N ALA B 230 10.85 1.19 -0.66
CA ALA B 230 11.32 0.08 -1.47
C ALA B 230 12.82 0.29 -1.71
N ILE B 231 13.21 1.55 -1.87
CA ILE B 231 14.62 1.85 -2.10
C ILE B 231 15.45 1.62 -0.84
N ARG B 232 14.80 1.62 0.32
CA ARG B 232 15.50 1.35 1.59
C ARG B 232 15.85 -0.15 1.59
N TYR B 233 14.89 -0.98 1.20
CA TYR B 233 15.07 -2.42 1.12
C TYR B 233 16.22 -2.69 0.17
N GLU B 234 16.17 -2.06 -1.00
CA GLU B 234 17.22 -2.20 -2.00
C GLU B 234 18.56 -1.80 -1.38
N GLY B 235 18.53 -0.78 -0.53
CA GLY B 235 19.73 -0.30 0.12
C GLY B 235 20.39 -1.28 1.07
N GLU B 236 19.57 -2.00 1.86
CA GLU B 236 20.11 -2.96 2.80
C GLU B 236 20.70 -4.16 2.05
N LEU B 237 20.04 -4.56 0.96
CA LEU B 237 20.55 -5.66 0.15
C LEU B 237 21.89 -5.22 -0.42
N GLN B 238 22.02 -3.93 -0.74
CA GLN B 238 23.26 -3.39 -1.26
C GLN B 238 24.33 -3.35 -0.16
N ASN B 239 23.92 -3.07 1.08
CA ASN B 239 24.86 -3.04 2.19
C ASN B 239 25.52 -4.42 2.37
N LEU B 240 24.75 -5.47 2.16
CA LEU B 240 25.26 -6.83 2.25
C LEU B 240 26.27 -7.10 1.15
N LEU B 241 26.00 -6.52 -0.02
CA LEU B 241 26.88 -6.67 -1.18
C LEU B 241 28.20 -5.93 -0.99
N PHE B 242 28.13 -4.74 -0.41
CA PHE B 242 29.33 -3.94 -0.18
C PHE B 242 30.26 -4.60 0.83
N ARG B 243 29.72 -5.57 1.57
CA ARG B 243 30.49 -6.27 2.58
C ARG B 243 30.89 -7.68 2.14
N SER B 244 30.57 -8.03 0.91
CA SER B 244 30.88 -9.37 0.39
C SER B 244 32.28 -9.41 -0.21
N GLU B 245 32.81 -10.61 -0.38
CA GLU B 245 34.13 -10.79 -0.96
C GLU B 245 34.10 -10.37 -2.42
N ASP B 246 33.06 -10.80 -3.14
CA ASP B 246 32.93 -10.48 -4.56
C ASP B 246 32.91 -8.99 -4.87
N ALA B 247 32.25 -8.19 -4.03
CA ALA B 247 32.19 -6.75 -4.28
C ALA B 247 33.60 -6.18 -4.35
N LYS B 248 34.47 -6.62 -3.46
CA LYS B 248 35.85 -6.15 -3.45
C LYS B 248 36.58 -6.66 -4.68
N GLU B 249 36.33 -7.93 -5.03
CA GLU B 249 36.94 -8.56 -6.19
C GLU B 249 36.41 -7.96 -7.48
N GLY B 250 35.15 -7.54 -7.44
CA GLY B 250 34.53 -6.95 -8.61
C GLY B 250 35.03 -5.54 -8.86
N LEU B 251 35.12 -4.75 -7.80
CA LEU B 251 35.60 -3.37 -7.93
C LEU B 251 37.06 -3.35 -8.36
N SER B 252 37.85 -4.29 -7.85
CA SER B 252 39.26 -4.37 -8.19
C SER B 252 39.46 -4.71 -9.66
N ALA B 253 38.94 -5.87 -10.07
CA ALA B 253 39.05 -6.34 -11.43
C ALA B 253 38.77 -5.25 -12.46
N PHE B 254 37.78 -4.40 -12.17
CA PHE B 254 37.42 -3.34 -13.10
C PHE B 254 38.51 -2.27 -13.22
N LEU B 255 39.02 -1.82 -12.09
CA LEU B 255 40.06 -0.80 -12.09
C LEU B 255 41.38 -1.38 -12.60
N GLU B 256 41.57 -2.68 -12.39
CA GLU B 256 42.79 -3.36 -12.83
C GLU B 256 42.49 -4.06 -14.16
N LYS B 257 41.31 -3.78 -14.71
CA LYS B 257 40.84 -4.37 -15.96
C LYS B 257 41.28 -5.83 -16.20
N ARG B 258 40.94 -6.68 -15.24
CA ARG B 258 41.23 -8.11 -15.31
C ARG B 258 39.94 -8.83 -14.97
N GLN B 259 39.69 -9.98 -15.57
CA GLN B 259 38.46 -10.71 -15.30
C GLN B 259 38.41 -11.13 -13.83
N PRO B 260 37.32 -10.77 -13.13
CA PRO B 260 37.09 -11.08 -11.71
C PRO B 260 36.84 -12.55 -11.40
N ASN B 261 37.34 -12.99 -10.25
CA ASN B 261 37.18 -14.36 -9.80
C ASN B 261 36.07 -14.38 -8.75
N TRP B 262 34.85 -14.63 -9.20
CA TRP B 262 33.70 -14.67 -8.32
C TRP B 262 33.79 -15.85 -7.35
N LYS B 263 33.19 -15.68 -6.18
CA LYS B 263 33.19 -16.73 -5.15
C LYS B 263 31.77 -16.94 -4.66
N GLY B 264 30.90 -15.96 -4.93
CA GLY B 264 29.51 -16.07 -4.51
C GLY B 264 29.30 -15.67 -3.06
N ILE B 265 30.26 -14.96 -2.49
CA ILE B 265 30.18 -14.52 -1.10
C ILE B 265 30.88 -13.17 -0.98
N ALA C 3 -34.75 26.12 10.98
CA ALA C 3 -34.61 26.79 9.66
C ALA C 3 -34.17 25.80 8.60
N VAL C 4 -34.96 25.69 7.53
CA VAL C 4 -34.65 24.78 6.44
C VAL C 4 -34.52 23.27 6.74
N GLU C 5 -35.60 22.71 7.26
CA GLU C 5 -35.64 21.29 7.61
C GLU C 5 -36.53 20.44 6.70
N THR C 6 -35.89 19.58 5.91
CA THR C 6 -36.59 18.71 4.98
C THR C 6 -36.79 17.31 5.54
N LYS C 7 -38.04 16.97 5.82
CA LYS C 7 -38.39 15.65 6.35
C LYS C 7 -38.54 14.60 5.27
N LYS C 8 -38.23 13.35 5.63
CA LYS C 8 -38.34 12.23 4.72
C LYS C 8 -39.02 11.09 5.47
N GLN C 9 -39.19 9.96 4.79
CA GLN C 9 -39.85 8.81 5.40
C GLN C 9 -39.15 8.31 6.67
N TYR C 10 -37.93 7.82 6.53
CA TYR C 10 -37.20 7.28 7.68
C TYR C 10 -36.15 8.23 8.25
N LEU C 11 -36.07 9.45 7.74
CA LEU C 11 -35.05 10.38 8.20
C LEU C 11 -35.43 11.84 7.98
N THR C 12 -34.91 12.73 8.83
CA THR C 12 -35.17 14.16 8.71
C THR C 12 -33.88 14.97 8.84
N VAL C 13 -33.72 15.97 7.95
CA VAL C 13 -32.53 16.81 7.96
C VAL C 13 -32.81 18.25 8.36
N PHE C 14 -32.13 18.71 9.40
CA PHE C 14 -32.25 20.08 9.90
C PHE C 14 -30.96 20.83 9.56
N LYS C 15 -31.08 22.03 9.00
CA LYS C 15 -29.91 22.83 8.66
C LYS C 15 -29.95 24.19 9.34
N GLU C 16 -28.89 24.53 10.06
CA GLU C 16 -28.85 25.82 10.74
C GLU C 16 -27.47 26.19 11.27
N ASP C 17 -27.07 27.43 11.03
CA ASP C 17 -25.80 27.94 11.49
C ASP C 17 -24.61 27.05 11.13
N GLY C 18 -24.53 26.65 9.86
CA GLY C 18 -23.44 25.83 9.41
C GLY C 18 -23.43 24.39 9.90
N ILE C 19 -24.52 23.97 10.52
CA ILE C 19 -24.62 22.61 11.02
C ILE C 19 -25.87 21.93 10.48
N ALA C 20 -25.71 20.69 10.03
CA ALA C 20 -26.83 19.92 9.51
C ALA C 20 -27.03 18.74 10.45
N GLU C 21 -28.27 18.48 10.84
CA GLU C 21 -28.54 17.37 11.73
C GLU C 21 -29.42 16.33 11.05
N ILE C 22 -28.87 15.13 10.90
CA ILE C 22 -29.60 14.04 10.28
C ILE C 22 -30.19 13.21 11.41
N HIS C 23 -31.50 13.33 11.61
CA HIS C 23 -32.21 12.60 12.66
C HIS C 23 -32.78 11.31 12.11
N LEU C 24 -32.52 10.21 12.81
CA LEU C 24 -33.00 8.90 12.38
C LEU C 24 -34.29 8.50 13.09
N HIS C 25 -35.26 8.05 12.31
CA HIS C 25 -36.54 7.59 12.84
C HIS C 25 -37.15 6.56 11.89
N ILE C 26 -36.49 5.41 11.83
CA ILE C 26 -36.91 4.31 10.97
C ILE C 26 -38.00 3.49 11.64
N ASN C 27 -37.70 2.99 12.83
CA ASN C 27 -38.62 2.20 13.62
C ASN C 27 -38.16 2.19 15.07
N LYS C 28 -38.75 1.32 15.88
CA LYS C 28 -38.42 1.26 17.31
C LYS C 28 -36.99 0.88 17.69
N SER C 29 -36.24 0.32 16.75
CA SER C 29 -34.85 -0.05 17.00
C SER C 29 -33.98 0.48 15.88
N ASN C 30 -34.57 1.31 15.03
CA ASN C 30 -33.88 1.89 13.88
C ASN C 30 -33.19 0.84 13.02
N SER C 31 -33.85 -0.29 12.81
CA SER C 31 -33.29 -1.34 11.98
C SER C 31 -33.57 -0.94 10.54
N TYR C 32 -32.52 -0.72 9.77
CA TYR C 32 -32.65 -0.27 8.39
C TYR C 32 -32.79 -1.33 7.30
N ASP C 33 -33.27 -0.85 6.15
CA ASP C 33 -33.47 -1.66 4.96
C ASP C 33 -32.82 -0.85 3.83
N LEU C 34 -33.00 -1.28 2.59
CA LEU C 34 -32.40 -0.58 1.45
C LEU C 34 -33.01 0.80 1.18
N GLU C 35 -34.24 1.02 1.63
CA GLU C 35 -34.91 2.29 1.41
C GLU C 35 -34.31 3.39 2.28
N PHE C 36 -33.98 3.05 3.53
CA PHE C 36 -33.39 4.02 4.44
C PHE C 36 -32.06 4.54 3.89
N TYR C 37 -31.17 3.62 3.49
CA TYR C 37 -29.88 4.04 2.96
C TYR C 37 -30.00 4.92 1.72
N LYS C 38 -31.05 4.72 0.94
CA LYS C 38 -31.28 5.53 -0.24
C LYS C 38 -31.47 6.98 0.20
N GLU C 39 -32.18 7.16 1.31
CA GLU C 39 -32.44 8.49 1.84
C GLU C 39 -31.18 9.07 2.48
N PHE C 40 -30.45 8.22 3.20
CA PHE C 40 -29.23 8.62 3.88
C PHE C 40 -28.20 9.08 2.85
N ASN C 41 -28.10 8.35 1.75
CA ASN C 41 -27.17 8.70 0.70
C ASN C 41 -27.57 10.02 0.04
N ALA C 42 -28.86 10.22 -0.15
CA ALA C 42 -29.37 11.45 -0.76
C ALA C 42 -29.08 12.66 0.12
N ALA C 43 -29.09 12.44 1.43
CA ALA C 43 -28.82 13.50 2.39
C ALA C 43 -27.36 13.93 2.34
N ILE C 44 -26.45 12.96 2.20
CA ILE C 44 -25.02 13.27 2.13
C ILE C 44 -24.76 14.08 0.86
N ASP C 45 -25.34 13.63 -0.26
CA ASP C 45 -25.17 14.34 -1.52
C ASP C 45 -25.70 15.76 -1.35
N ASP C 46 -26.91 15.89 -0.83
CA ASP C 46 -27.51 17.21 -0.62
C ASP C 46 -26.63 18.11 0.23
N ILE C 47 -26.16 17.59 1.36
CA ILE C 47 -25.31 18.36 2.27
C ILE C 47 -23.95 18.71 1.63
N ARG C 48 -23.43 17.80 0.81
CA ARG C 48 -22.16 18.04 0.15
C ARG C 48 -22.26 19.27 -0.75
N PHE C 49 -23.36 19.36 -1.49
CA PHE C 49 -23.57 20.47 -2.40
C PHE C 49 -24.04 21.74 -1.72
N ASP C 50 -24.14 21.72 -0.39
CA ASP C 50 -24.58 22.89 0.35
C ASP C 50 -23.35 23.55 1.00
N PRO C 51 -22.85 24.64 0.40
CA PRO C 51 -21.69 25.42 0.85
C PRO C 51 -21.75 25.89 2.31
N ASP C 52 -22.97 26.08 2.82
CA ASP C 52 -23.17 26.57 4.17
C ASP C 52 -22.85 25.59 5.29
N ILE C 53 -23.12 24.31 5.06
CA ILE C 53 -22.90 23.29 6.06
C ILE C 53 -21.45 22.85 6.24
N LYS C 54 -20.96 23.02 7.47
CA LYS C 54 -19.58 22.68 7.82
C LYS C 54 -19.50 21.42 8.68
N VAL C 55 -20.56 21.16 9.44
CA VAL C 55 -20.60 19.98 10.30
C VAL C 55 -21.93 19.26 10.18
N VAL C 56 -21.90 17.94 10.25
CA VAL C 56 -23.11 17.14 10.18
C VAL C 56 -23.14 16.23 11.41
N ILE C 57 -24.21 16.33 12.19
CA ILE C 57 -24.35 15.49 13.37
C ILE C 57 -25.42 14.45 13.07
N VAL C 58 -25.09 13.19 13.27
CA VAL C 58 -26.05 12.13 13.01
C VAL C 58 -26.59 11.64 14.36
N SER C 60 -30.33 10.01 16.69
CA SER C 60 -31.55 9.22 16.62
C SER C 60 -32.70 9.84 17.41
N ASP C 61 -33.91 9.73 16.87
CA ASP C 61 -35.09 10.25 17.54
C ASP C 61 -35.82 9.12 18.24
N VAL C 62 -35.29 7.90 18.07
CA VAL C 62 -35.87 6.71 18.67
C VAL C 62 -35.25 6.44 20.04
N PRO C 63 -36.07 6.49 21.10
CA PRO C 63 -35.61 6.26 22.47
C PRO C 63 -34.87 4.94 22.66
N LYS C 64 -33.80 4.99 23.45
CA LYS C 64 -33.02 3.80 23.79
C LYS C 64 -32.26 3.15 22.62
N PHE C 65 -32.32 3.75 21.43
CA PHE C 65 -31.66 3.18 20.26
C PHE C 65 -31.12 4.20 19.26
N PHE C 66 -29.84 4.06 18.89
CA PHE C 66 -29.28 4.92 17.86
C PHE C 66 -29.62 4.10 16.63
N SER C 67 -29.18 2.84 16.65
CA SER C 67 -29.47 1.89 15.58
C SER C 67 -28.98 0.49 15.95
N ALA C 68 -29.80 -0.51 15.63
CA ALA C 68 -29.47 -1.90 15.94
C ALA C 68 -28.91 -2.62 14.71
N GLY C 69 -28.84 -1.92 13.59
CA GLY C 69 -28.32 -2.54 12.38
C GLY C 69 -29.37 -2.78 11.30
N ALA C 70 -29.06 -3.71 10.40
CA ALA C 70 -29.96 -4.05 9.31
C ALA C 70 -31.20 -4.78 9.82
N ASP C 71 -32.32 -4.58 9.15
CA ASP C 71 -33.56 -5.23 9.53
C ASP C 71 -33.46 -6.71 9.14
N ILE C 72 -33.39 -7.58 10.15
CA ILE C 72 -33.27 -9.01 9.92
C ILE C 72 -34.41 -9.58 9.10
N ASN C 73 -35.60 -9.05 9.33
CA ASN C 73 -36.79 -9.50 8.62
C ASN C 73 -36.68 -9.13 7.13
N PHE C 74 -36.07 -7.98 6.85
CA PHE C 74 -35.89 -7.53 5.47
C PHE C 74 -34.86 -8.44 4.79
N LEU C 75 -33.93 -8.95 5.60
CA LEU C 75 -32.87 -9.81 5.09
C LEU C 75 -33.28 -11.27 4.84
N ARG C 76 -34.41 -11.67 5.41
CA ARG C 76 -34.88 -13.04 5.29
C ARG C 76 -35.22 -13.45 3.85
N SER C 77 -36.14 -12.71 3.20
CA SER C 77 -36.59 -13.01 1.85
C SER C 77 -35.67 -12.29 0.88
N ALA C 78 -34.38 -12.37 1.17
CA ALA C 78 -33.36 -11.76 0.31
C ALA C 78 -32.50 -12.73 -0.50
N ASP C 79 -32.57 -12.64 -1.83
CA ASP C 79 -31.76 -13.50 -2.66
C ASP C 79 -30.29 -13.21 -2.30
N PRO C 80 -29.38 -14.20 -2.38
CA PRO C 80 -28.00 -13.85 -2.01
C PRO C 80 -27.40 -12.70 -2.84
N ARG C 81 -27.63 -12.76 -4.15
CA ARG C 81 -27.14 -11.71 -5.04
C ARG C 81 -27.72 -10.34 -4.73
N PHE C 82 -28.93 -10.29 -4.17
CA PHE C 82 -29.55 -9.02 -3.83
C PHE C 82 -28.85 -8.49 -2.58
N LYS C 83 -28.62 -9.38 -1.62
CA LYS C 83 -27.94 -9.00 -0.39
C LYS C 83 -26.59 -8.37 -0.73
N THR C 84 -25.90 -8.96 -1.69
CA THR C 84 -24.60 -8.46 -2.14
C THR C 84 -24.71 -7.00 -2.55
N GLN C 85 -25.62 -6.71 -3.48
CA GLN C 85 -25.81 -5.35 -3.96
C GLN C 85 -26.35 -4.42 -2.88
N PHE C 86 -27.06 -4.99 -1.92
CA PHE C 86 -27.60 -4.20 -0.82
C PHE C 86 -26.44 -3.79 0.10
N CYS C 87 -25.53 -4.73 0.36
CA CYS C 87 -24.37 -4.46 1.20
C CYS C 87 -23.44 -3.49 0.50
N LEU C 88 -23.26 -3.70 -0.80
CA LEU C 88 -22.38 -2.85 -1.59
C LEU C 88 -22.86 -1.40 -1.58
N PHE C 89 -24.16 -1.19 -1.73
CA PHE C 89 -24.69 0.17 -1.74
C PHE C 89 -24.55 0.85 -0.37
N CYS C 90 -24.77 0.09 0.71
CA CYS C 90 -24.63 0.67 2.05
C CYS C 90 -23.19 1.07 2.32
N ASN C 91 -22.25 0.20 1.93
CA ASN C 91 -20.84 0.47 2.12
C ASN C 91 -20.40 1.72 1.35
N GLU C 92 -20.76 1.79 0.07
CA GLU C 92 -20.39 2.92 -0.76
C GLU C 92 -20.96 4.21 -0.21
N THR C 93 -22.15 4.12 0.40
CA THR C 93 -22.77 5.30 0.98
C THR C 93 -21.95 5.75 2.17
N LEU C 94 -21.57 4.81 3.01
CA LEU C 94 -20.77 5.13 4.19
C LEU C 94 -19.40 5.65 3.78
N ASP C 95 -18.85 5.08 2.70
CA ASP C 95 -17.54 5.50 2.22
C ASP C 95 -17.50 6.99 1.86
N LYS C 96 -18.64 7.52 1.42
CA LYS C 96 -18.76 8.91 1.00
C LYS C 96 -18.50 9.94 2.10
N ILE C 97 -18.74 9.56 3.35
CA ILE C 97 -18.55 10.47 4.46
C ILE C 97 -17.10 10.95 4.60
N ALA C 98 -16.16 10.02 4.43
CA ALA C 98 -14.73 10.33 4.54
C ALA C 98 -14.22 11.24 3.43
N ARG C 99 -14.98 11.35 2.34
CA ARG C 99 -14.59 12.20 1.21
C ARG C 99 -15.36 13.53 1.22
N SER C 100 -16.29 13.67 2.17
CA SER C 100 -17.11 14.87 2.27
C SER C 100 -16.40 16.00 3.02
N PRO C 101 -16.65 17.26 2.61
CA PRO C 101 -16.01 18.41 3.25
C PRO C 101 -16.44 18.64 4.69
N GLN C 102 -17.65 18.22 5.05
CA GLN C 102 -18.14 18.40 6.41
C GLN C 102 -17.57 17.35 7.36
N VAL C 103 -17.45 17.70 8.63
CA VAL C 103 -16.98 16.75 9.64
C VAL C 103 -18.22 16.04 10.18
N TYR C 104 -18.27 14.72 10.09
CA TYR C 104 -19.42 13.97 10.58
C TYR C 104 -19.23 13.49 12.02
N ILE C 105 -20.22 13.77 12.85
CA ILE C 105 -20.19 13.37 14.26
C ILE C 105 -21.38 12.47 14.58
N ALA C 106 -21.09 11.28 15.10
CA ALA C 106 -22.14 10.35 15.48
C ALA C 106 -22.52 10.62 16.93
N CYS C 107 -23.75 11.03 17.16
CA CYS C 107 -24.21 11.30 18.52
C CYS C 107 -24.92 10.02 18.96
N LEU C 108 -24.25 9.23 19.79
CA LEU C 108 -24.79 7.97 20.26
C LEU C 108 -25.48 8.12 21.60
N GLU C 109 -26.80 8.05 21.59
CA GLU C 109 -27.60 8.18 22.80
C GLU C 109 -28.23 6.85 23.20
N GLY C 110 -28.22 5.91 22.26
CA GLY C 110 -28.79 4.60 22.52
C GLY C 110 -27.94 3.46 21.98
N HIS C 111 -28.49 2.26 21.99
CA HIS C 111 -27.78 1.08 21.50
C HIS C 111 -27.25 1.28 20.08
N THR C 112 -25.95 1.04 19.92
CA THR C 112 -25.28 1.16 18.64
C THR C 112 -24.58 -0.16 18.37
N VAL C 113 -25.27 -1.06 17.68
CA VAL C 113 -24.72 -2.38 17.39
C VAL C 113 -24.93 -2.81 15.94
N GLY C 114 -24.12 -3.75 15.48
CA GLY C 114 -24.24 -4.22 14.11
C GLY C 114 -24.17 -3.06 13.15
N GLY C 115 -25.04 -3.05 12.15
CA GLY C 115 -25.05 -1.97 11.19
C GLY C 115 -25.08 -0.59 11.84
N GLY C 116 -25.60 -0.53 13.07
CA GLY C 116 -25.67 0.72 13.78
C GLY C 116 -24.28 1.27 14.11
N LEU C 117 -23.41 0.40 14.59
CA LEU C 117 -22.06 0.81 14.92
C LEU C 117 -21.27 1.05 13.64
N GLU C 118 -21.55 0.26 12.62
CA GLU C 118 -20.85 0.42 11.35
C GLU C 118 -21.06 1.82 10.79
N ALA C 120 -21.67 4.51 12.53
CA ALA C 120 -20.93 5.43 13.40
C ALA C 120 -19.43 5.36 13.12
N LEU C 121 -18.93 4.16 12.84
CA LEU C 121 -17.51 3.98 12.55
C LEU C 121 -17.14 4.73 11.26
N ALA C 122 -18.10 4.88 10.36
CA ALA C 122 -17.87 5.58 9.10
C ALA C 122 -17.84 7.09 9.30
N CYS C 123 -18.29 7.55 10.47
CA CYS C 123 -18.28 8.97 10.78
C CYS C 123 -16.89 9.34 11.28
N ASP C 124 -16.55 10.63 11.20
CA ASP C 124 -15.25 11.10 11.64
C ASP C 124 -15.08 11.06 13.16
N LEU C 125 -16.18 11.23 13.89
CA LEU C 125 -16.13 11.20 15.34
C LEU C 125 -17.36 10.53 15.92
N ARG C 126 -17.24 10.10 17.17
CA ARG C 126 -18.33 9.44 17.88
C ARG C 126 -18.41 9.91 19.32
N PHE C 127 -19.55 10.49 19.70
CA PHE C 127 -19.76 10.94 21.09
C PHE C 127 -20.89 10.07 21.63
N GLY C 129 -23.45 8.82 25.19
CA GLY C 129 -23.94 9.13 26.52
C GLY C 129 -23.44 8.10 27.52
N ASP C 130 -23.16 8.55 28.74
CA ASP C 130 -22.66 7.64 29.77
C ASP C 130 -23.62 6.52 30.13
N GLU C 131 -24.83 6.54 29.57
CA GLU C 131 -25.83 5.50 29.82
C GLU C 131 -26.56 5.11 28.55
N ALA C 132 -25.87 5.25 27.41
CA ALA C 132 -26.46 4.94 26.10
C ALA C 132 -26.75 3.45 25.88
N GLY C 133 -26.11 2.60 26.68
CA GLY C 133 -26.35 1.17 26.53
C GLY C 133 -25.19 0.37 25.98
N LYS C 134 -25.46 -0.45 24.96
CA LYS C 134 -24.46 -1.30 24.35
C LYS C 134 -23.92 -0.80 23.01
N ILE C 135 -22.65 -1.11 22.75
CA ILE C 135 -21.99 -0.76 21.50
C ILE C 135 -21.12 -1.96 21.13
N GLY C 136 -21.23 -2.40 19.87
CA GLY C 136 -20.45 -3.54 19.41
C GLY C 136 -21.03 -4.14 18.15
N LEU C 137 -20.44 -5.26 17.71
CA LEU C 137 -20.89 -5.95 16.50
C LEU C 137 -21.24 -7.40 16.82
N PRO C 138 -22.54 -7.70 16.99
CA PRO C 138 -23.00 -9.06 17.30
C PRO C 138 -23.37 -9.90 16.10
N GLU C 139 -23.01 -9.46 14.90
CA GLU C 139 -23.34 -10.19 13.69
C GLU C 139 -23.03 -11.68 13.75
N VAL C 140 -21.94 -12.04 14.41
CA VAL C 140 -21.56 -13.45 14.50
C VAL C 140 -22.64 -14.33 15.12
N SER C 141 -23.51 -13.76 15.94
CA SER C 141 -24.56 -14.56 16.57
C SER C 141 -25.67 -14.90 15.58
N LEU C 142 -25.56 -14.43 14.35
CA LEU C 142 -26.56 -14.71 13.33
C LEU C 142 -25.94 -15.52 12.17
N GLY C 143 -24.70 -15.96 12.36
CA GLY C 143 -24.04 -16.72 11.32
C GLY C 143 -23.45 -15.89 10.21
N VAL C 144 -23.35 -14.57 10.44
CA VAL C 144 -22.77 -13.66 9.47
C VAL C 144 -21.78 -12.73 10.17
N LEU C 145 -21.15 -11.83 9.42
CA LEU C 145 -20.19 -10.91 9.99
C LEU C 145 -20.61 -9.47 9.72
N ALA C 146 -19.92 -8.52 10.36
CA ALA C 146 -20.22 -7.10 10.15
C ALA C 146 -19.70 -6.74 8.77
N GLY C 147 -20.55 -6.94 7.76
CA GLY C 147 -20.17 -6.67 6.38
C GLY C 147 -20.40 -5.29 5.81
N THR C 148 -20.57 -4.31 6.68
CA THR C 148 -20.76 -2.94 6.21
C THR C 148 -19.53 -2.16 6.67
N GLY C 149 -18.36 -2.74 6.43
CA GLY C 149 -17.11 -2.11 6.81
C GLY C 149 -16.76 -2.26 8.28
N GLY C 150 -17.64 -2.89 9.05
CA GLY C 150 -17.42 -3.06 10.47
C GLY C 150 -16.13 -3.78 10.86
N THR C 151 -15.83 -4.90 10.20
CA THR C 151 -14.63 -5.65 10.54
C THR C 151 -13.37 -4.86 10.21
N GLN C 152 -13.41 -4.11 9.10
CA GLN C 152 -12.25 -3.34 8.67
C GLN C 152 -12.06 -2.01 9.40
N ARG C 153 -13.16 -1.30 9.64
CA ARG C 153 -13.06 -0.03 10.33
C ARG C 153 -12.77 -0.22 11.81
N LEU C 154 -13.33 -1.27 12.42
CA LEU C 154 -13.07 -1.49 13.83
C LEU C 154 -11.61 -1.88 14.05
N ALA C 155 -11.07 -2.69 13.15
CA ALA C 155 -9.67 -3.13 13.26
C ALA C 155 -8.74 -1.92 13.19
N ARG C 156 -9.02 -1.03 12.27
CA ARG C 156 -8.21 0.17 12.11
C ARG C 156 -8.42 1.17 13.25
N LEU C 157 -9.64 1.26 13.78
CA LEU C 157 -9.91 2.20 14.86
C LEU C 157 -9.36 1.77 16.23
N ILE C 158 -9.58 0.51 16.62
CA ILE C 158 -9.11 0.07 17.93
C ILE C 158 -7.97 -0.97 17.96
N GLY C 159 -7.55 -1.43 16.79
CA GLY C 159 -6.48 -2.43 16.74
C GLY C 159 -7.02 -3.73 16.17
N TYR C 160 -6.27 -4.39 15.32
CA TYR C 160 -6.76 -5.62 14.69
C TYR C 160 -7.02 -6.79 15.64
N SER C 161 -6.24 -6.89 16.72
CA SER C 161 -6.44 -7.98 17.65
C SER C 161 -7.66 -7.75 18.52
N ARG C 162 -7.80 -6.54 19.04
CA ARG C 162 -8.94 -6.19 19.86
C ARG C 162 -10.22 -6.24 19.04
N ALA C 163 -10.14 -5.84 17.78
CA ALA C 163 -11.30 -5.87 16.90
C ALA C 163 -11.71 -7.31 16.62
N LEU C 164 -10.71 -8.18 16.43
CA LEU C 164 -10.96 -9.58 16.15
C LEU C 164 -11.69 -10.24 17.31
N ASP C 165 -11.24 -9.93 18.52
CA ASP C 165 -11.84 -10.45 19.74
C ASP C 165 -13.33 -10.07 19.72
N ASN C 167 -15.27 -9.00 17.30
CA ASN C 167 -16.01 -9.53 16.15
C ASN C 167 -16.35 -11.02 16.25
N ILE C 168 -15.41 -11.82 16.76
CA ILE C 168 -15.67 -13.26 16.85
C ILE C 168 -16.56 -13.69 18.01
N THR C 169 -16.55 -12.93 19.10
CA THR C 169 -17.38 -13.26 20.26
C THR C 169 -18.71 -12.50 20.13
N GLY C 170 -18.69 -11.46 19.30
CA GLY C 170 -19.88 -10.66 19.07
C GLY C 170 -20.38 -9.93 20.30
N GLU C 171 -19.52 -9.80 21.31
CA GLU C 171 -19.92 -9.13 22.55
C GLU C 171 -19.92 -7.61 22.47
N THR C 172 -20.87 -7.00 23.17
CA THR C 172 -21.00 -5.55 23.21
C THR C 172 -20.40 -5.02 24.50
N ILE C 173 -20.03 -3.76 24.50
CA ILE C 173 -19.42 -3.14 25.68
C ILE C 173 -20.12 -1.86 26.10
N THR C 174 -19.62 -1.25 27.17
CA THR C 174 -20.21 -0.02 27.67
C THR C 174 -19.55 1.21 27.05
N PRO C 175 -20.22 2.37 27.12
CA PRO C 175 -19.68 3.62 26.57
C PRO C 175 -18.34 3.95 27.19
N GLN C 176 -18.21 3.67 28.49
CA GLN C 176 -16.97 3.95 29.22
C GLN C 176 -15.85 3.06 28.67
N GLU C 177 -16.19 1.81 28.37
CA GLU C 177 -15.21 0.87 27.85
C GLU C 177 -14.86 1.22 26.41
N ALA C 178 -15.85 1.72 25.67
CA ALA C 178 -15.63 2.11 24.28
C ALA C 178 -14.69 3.31 24.26
N LEU C 179 -14.81 4.16 25.27
CA LEU C 179 -13.96 5.35 25.34
C LEU C 179 -12.50 4.99 25.55
N GLU C 180 -12.23 4.10 26.51
CA GLU C 180 -10.85 3.72 26.80
C GLU C 180 -10.15 2.98 25.66
N ILE C 181 -10.87 2.22 24.85
CA ILE C 181 -10.23 1.52 23.73
C ILE C 181 -10.25 2.37 22.46
N GLY C 182 -10.75 3.60 22.58
CA GLY C 182 -10.81 4.49 21.44
C GLY C 182 -11.94 4.26 20.47
N LEU C 183 -12.93 3.48 20.88
CA LEU C 183 -14.07 3.20 20.01
C LEU C 183 -14.92 4.47 19.84
N VAL C 184 -14.86 5.36 20.82
CA VAL C 184 -15.59 6.62 20.77
C VAL C 184 -14.65 7.72 21.24
N ASN C 185 -14.92 8.97 20.86
CA ASN C 185 -14.06 10.08 21.23
C ASN C 185 -14.43 10.80 22.52
N ARG C 186 -15.71 10.71 22.91
CA ARG C 186 -16.16 11.37 24.13
C ARG C 186 -17.33 10.65 24.76
N VAL C 187 -17.40 10.73 26.08
CA VAL C 187 -18.49 10.14 26.84
C VAL C 187 -19.06 11.31 27.65
N PHE C 188 -20.30 11.70 27.35
CA PHE C 188 -20.93 12.81 28.06
C PHE C 188 -22.05 12.30 28.95
N PRO C 189 -22.42 13.10 29.97
CA PRO C 189 -23.52 12.66 30.85
C PRO C 189 -24.74 12.51 29.94
N GLN C 190 -25.49 11.43 30.12
CA GLN C 190 -26.65 11.12 29.28
C GLN C 190 -27.58 12.27 28.88
N ALA C 191 -28.24 12.88 29.86
CA ALA C 191 -29.18 13.97 29.57
C ALA C 191 -28.45 15.25 29.22
N GLU C 192 -27.23 15.11 28.71
CA GLU C 192 -26.41 16.28 28.38
C GLU C 192 -25.58 15.97 27.13
N THR C 193 -25.87 14.83 26.51
CA THR C 193 -25.17 14.39 25.31
C THR C 193 -25.42 15.22 24.05
N ARG C 194 -26.67 15.55 23.76
CA ARG C 194 -26.96 16.34 22.58
C ARG C 194 -26.39 17.74 22.64
N GLU C 195 -26.62 18.43 23.75
CA GLU C 195 -26.12 19.80 23.92
C GLU C 195 -24.60 19.90 23.89
N ARG C 196 -23.93 18.88 24.43
CA ARG C 196 -22.47 18.88 24.46
C ARG C 196 -21.92 18.55 23.08
N THR C 197 -22.66 17.74 22.32
CA THR C 197 -22.26 17.39 20.97
C THR C 197 -22.42 18.64 20.11
N ARG C 198 -23.59 19.26 20.19
CA ARG C 198 -23.89 20.47 19.43
C ARG C 198 -22.93 21.61 19.76
N GLU C 199 -22.48 21.66 21.01
CA GLU C 199 -21.54 22.71 21.43
C GLU C 199 -20.22 22.51 20.69
N TYR C 200 -19.81 21.26 20.56
CA TYR C 200 -18.57 20.92 19.87
C TYR C 200 -18.72 21.30 18.39
N ALA C 201 -19.83 20.89 17.79
CA ALA C 201 -20.09 21.18 16.38
C ALA C 201 -20.19 22.68 16.13
N ARG C 202 -20.77 23.40 17.09
CA ARG C 202 -20.94 24.84 16.99
C ARG C 202 -19.57 25.52 17.00
N LYS C 203 -18.68 25.01 17.82
CA LYS C 203 -17.34 25.57 17.94
C LYS C 203 -16.56 25.35 16.64
N LEU C 204 -16.92 24.31 15.88
CA LEU C 204 -16.26 24.03 14.62
C LEU C 204 -16.82 24.97 13.54
N ALA C 205 -18.15 25.07 13.49
CA ALA C 205 -18.83 25.91 12.52
C ALA C 205 -18.45 27.37 12.62
N ASN C 206 -18.03 27.80 13.81
CA ASN C 206 -17.64 29.19 14.02
C ASN C 206 -16.14 29.44 13.93
N SER C 207 -15.40 28.46 13.42
CA SER C 207 -13.95 28.62 13.28
C SER C 207 -13.55 28.64 11.80
N ALA C 208 -12.26 28.50 11.53
CA ALA C 208 -11.77 28.48 10.15
C ALA C 208 -12.22 27.16 9.56
N THR C 209 -13.46 27.14 9.07
CA THR C 209 -14.08 25.94 8.51
C THR C 209 -13.43 25.34 7.25
N TYR C 210 -12.79 26.15 6.44
CA TYR C 210 -12.15 25.63 5.23
C TYR C 210 -10.97 24.77 5.68
N ALA C 211 -10.28 25.23 6.71
CA ALA C 211 -9.14 24.50 7.25
C ALA C 211 -9.59 23.25 8.00
N VAL C 212 -10.66 23.34 8.80
CA VAL C 212 -11.14 22.16 9.52
C VAL C 212 -11.54 21.08 8.52
N SER C 213 -12.15 21.49 7.41
CA SER C 213 -12.56 20.51 6.39
C SER C 213 -11.34 19.86 5.75
N ASN C 214 -10.39 20.67 5.32
CA ASN C 214 -9.19 20.15 4.69
C ASN C 214 -8.41 19.25 5.64
N ILE C 215 -8.40 19.60 6.93
CA ILE C 215 -7.72 18.79 7.92
C ILE C 215 -8.40 17.43 7.98
N LYS C 216 -9.74 17.46 7.93
CA LYS C 216 -10.53 16.24 7.97
C LYS C 216 -10.20 15.36 6.77
N LEU C 217 -10.09 15.96 5.59
CA LEU C 217 -9.77 15.20 4.39
C LEU C 217 -8.34 14.66 4.47
N ALA C 218 -7.40 15.49 4.91
CA ALA C 218 -6.00 15.09 5.02
C ALA C 218 -5.83 13.81 5.81
N ILE C 219 -6.42 13.77 7.00
CA ILE C 219 -6.32 12.62 7.87
C ILE C 219 -7.10 11.40 7.39
N ASN C 221 -8.32 10.47 4.39
CA ASN C 221 -7.89 9.85 3.14
C ASN C 221 -6.37 9.65 3.11
N GLY C 222 -5.66 10.41 3.92
CA GLY C 222 -4.21 10.29 3.99
C GLY C 222 -3.77 9.03 4.71
N LYS C 223 -4.62 8.51 5.60
CA LYS C 223 -4.31 7.30 6.36
C LYS C 223 -4.18 6.08 5.44
N GLU C 224 -4.77 6.14 4.26
CA GLU C 224 -4.72 5.03 3.31
C GLU C 224 -3.46 5.10 2.44
N PRO C 226 0.95 5.80 1.77
CA PRO C 226 2.27 5.60 2.36
C PRO C 226 2.68 6.98 2.88
N LEU C 227 3.28 7.03 4.06
CA LEU C 227 3.66 8.30 4.66
C LEU C 227 4.29 9.34 3.73
N ASN C 228 5.34 8.93 3.01
CA ASN C 228 6.05 9.87 2.14
C ASN C 228 5.18 10.58 1.09
N VAL C 229 4.09 9.97 0.65
CA VAL C 229 3.24 10.67 -0.32
C VAL C 229 1.98 11.23 0.36
N ALA C 230 1.66 10.70 1.55
CA ALA C 230 0.52 11.20 2.31
C ALA C 230 0.80 12.67 2.67
N ILE C 231 2.07 12.98 2.93
CA ILE C 231 2.45 14.33 3.28
C ILE C 231 2.37 15.24 2.05
N ARG C 232 2.40 14.63 0.88
CA ARG C 232 2.27 15.40 -0.37
C ARG C 232 0.80 15.82 -0.47
N TYR C 233 -0.10 14.89 -0.16
CA TYR C 233 -1.56 15.13 -0.18
C TYR C 233 -1.87 16.21 0.86
N GLU C 234 -1.31 16.05 2.04
CA GLU C 234 -1.47 17.02 3.12
C GLU C 234 -0.96 18.38 2.65
N GLY C 235 0.10 18.36 1.84
CA GLY C 235 0.70 19.58 1.35
C GLY C 235 -0.12 20.31 0.30
N GLU C 236 -0.96 19.58 -0.43
CA GLU C 236 -1.77 20.21 -1.44
C GLU C 236 -3.00 20.82 -0.78
N LEU C 237 -3.47 20.19 0.30
CA LEU C 237 -4.62 20.69 1.05
C LEU C 237 -4.16 21.98 1.74
N GLN C 238 -2.88 22.02 2.12
CA GLN C 238 -2.33 23.21 2.76
C GLN C 238 -2.23 24.32 1.71
N ASN C 239 -1.77 23.96 0.51
CA ASN C 239 -1.65 24.96 -0.56
C ASN C 239 -2.98 25.68 -0.76
N LEU C 240 -4.08 24.93 -0.75
CA LEU C 240 -5.40 25.53 -0.90
C LEU C 240 -5.68 26.49 0.27
N LEU C 241 -5.26 26.11 1.47
CA LEU C 241 -5.48 26.96 2.64
C LEU C 241 -4.63 28.22 2.60
N PHE C 242 -3.39 28.09 2.11
CA PHE C 242 -2.47 29.23 2.01
C PHE C 242 -3.01 30.29 1.06
N ARG C 243 -3.92 29.90 0.18
CA ARG C 243 -4.50 30.82 -0.79
C ARG C 243 -5.91 31.26 -0.40
N SER C 244 -6.39 30.80 0.74
CA SER C 244 -7.74 31.15 1.19
C SER C 244 -7.77 32.51 1.88
N GLU C 245 -8.97 33.06 2.02
CA GLU C 245 -9.15 34.36 2.66
C GLU C 245 -8.93 34.21 4.16
N ASP C 246 -9.46 33.13 4.75
CA ASP C 246 -9.31 32.92 6.18
C ASP C 246 -7.86 32.81 6.62
N ALA C 247 -7.01 32.20 5.79
CA ALA C 247 -5.60 32.06 6.13
C ALA C 247 -4.96 33.43 6.26
N LYS C 248 -5.36 34.35 5.39
CA LYS C 248 -4.81 35.70 5.43
C LYS C 248 -5.39 36.39 6.67
N GLU C 249 -6.71 36.34 6.78
CA GLU C 249 -7.38 36.94 7.92
C GLU C 249 -6.90 36.34 9.23
N GLY C 250 -6.61 35.04 9.22
CA GLY C 250 -6.15 34.36 10.42
C GLY C 250 -4.75 34.74 10.87
N LEU C 251 -3.82 34.78 9.93
CA LEU C 251 -2.44 35.12 10.24
C LEU C 251 -2.35 36.58 10.69
N SER C 252 -3.28 37.39 10.19
CA SER C 252 -3.34 38.81 10.53
C SER C 252 -3.89 39.01 11.93
N ALA C 253 -5.12 38.56 12.14
CA ALA C 253 -5.77 38.68 13.44
C ALA C 253 -4.84 38.24 14.56
N PHE C 254 -4.16 37.13 14.35
CA PHE C 254 -3.22 36.62 15.36
C PHE C 254 -2.12 37.65 15.62
N LEU C 255 -1.61 38.22 14.54
CA LEU C 255 -0.54 39.20 14.62
C LEU C 255 -1.01 40.59 15.05
N GLU C 256 -2.32 40.75 15.20
CA GLU C 256 -2.87 42.04 15.62
C GLU C 256 -3.65 41.86 16.92
N LYS C 257 -3.46 40.71 17.56
CA LYS C 257 -4.13 40.39 18.81
C LYS C 257 -5.63 40.65 18.77
N ARG C 258 -6.24 40.41 17.61
CA ARG C 258 -7.68 40.62 17.46
C ARG C 258 -8.38 39.34 17.05
N GLN C 259 -9.70 39.34 17.18
CA GLN C 259 -10.52 38.19 16.82
C GLN C 259 -10.61 38.01 15.31
N PRO C 260 -10.40 36.79 14.83
CA PRO C 260 -10.46 36.50 13.39
C PRO C 260 -11.90 36.48 12.90
N ASN C 261 -12.13 37.00 11.69
CA ASN C 261 -13.46 37.02 11.10
C ASN C 261 -13.53 35.92 10.03
N TRP C 262 -13.74 34.69 10.47
CA TRP C 262 -13.81 33.55 9.57
C TRP C 262 -14.94 33.64 8.55
N LYS C 263 -14.63 33.32 7.29
CA LYS C 263 -15.62 33.36 6.22
C LYS C 263 -15.83 31.98 5.59
N GLY C 264 -14.95 31.03 5.93
CA GLY C 264 -15.08 29.69 5.40
C GLY C 264 -14.43 29.48 4.06
N ILE C 265 -13.76 30.52 3.56
CA ILE C 265 -13.08 30.46 2.28
C ILE C 265 -11.81 31.31 2.34
N THR D 2 22.31 32.31 -24.76
CA THR D 2 21.77 33.58 -24.24
C THR D 2 21.13 33.42 -22.85
N ALA D 3 21.02 32.18 -22.38
CA ALA D 3 20.45 31.90 -21.07
C ALA D 3 21.30 32.45 -19.90
N VAL D 4 20.67 32.71 -18.75
CA VAL D 4 21.39 33.19 -17.57
C VAL D 4 22.26 32.00 -17.14
N GLU D 5 23.53 32.23 -16.82
CA GLU D 5 24.37 31.06 -16.55
C GLU D 5 25.05 31.08 -15.17
N THR D 6 25.04 29.95 -14.46
CA THR D 6 25.62 29.82 -13.12
C THR D 6 26.43 28.51 -13.11
N LYS D 7 27.75 28.66 -13.13
CA LYS D 7 28.67 27.53 -13.18
C LYS D 7 29.22 27.07 -11.82
N LYS D 8 29.21 25.75 -11.63
CA LYS D 8 29.74 25.07 -10.46
C LYS D 8 30.96 24.27 -10.91
N GLN D 9 31.56 23.51 -10.01
CA GLN D 9 32.73 22.71 -10.34
C GLN D 9 32.48 21.49 -11.23
N TYR D 10 31.37 20.80 -11.00
CA TYR D 10 31.08 19.60 -11.78
C TYR D 10 29.81 19.73 -12.63
N LEU D 11 29.21 20.90 -12.61
CA LEU D 11 27.98 21.13 -13.36
C LEU D 11 27.73 22.62 -13.56
N THR D 12 26.89 22.95 -14.54
CA THR D 12 26.55 24.34 -14.81
C THR D 12 25.05 24.45 -15.02
N VAL D 13 24.44 25.46 -14.43
CA VAL D 13 23.01 25.67 -14.55
C VAL D 13 22.73 26.91 -15.39
N PHE D 14 21.90 26.74 -16.42
CA PHE D 14 21.51 27.82 -17.31
C PHE D 14 20.02 28.09 -17.14
N LYS D 15 19.63 29.36 -17.13
CA LYS D 15 18.22 29.72 -16.98
C LYS D 15 17.76 30.67 -18.08
N GLU D 16 16.64 30.33 -18.72
CA GLU D 16 16.10 31.18 -19.77
C GLU D 16 14.68 30.81 -20.20
N ASP D 17 13.82 31.82 -20.24
CA ASP D 17 12.43 31.63 -20.66
C ASP D 17 11.71 30.45 -20.00
N GLY D 18 11.77 30.39 -18.67
CA GLY D 18 11.10 29.31 -17.95
C GLY D 18 11.75 27.94 -17.99
N ILE D 19 12.93 27.85 -18.59
CA ILE D 19 13.64 26.58 -18.68
C ILE D 19 15.03 26.66 -18.05
N ALA D 20 15.36 25.68 -17.23
CA ALA D 20 16.68 25.62 -16.64
C ALA D 20 17.34 24.38 -17.23
N GLU D 21 18.63 24.46 -17.50
CA GLU D 21 19.34 23.32 -18.04
C GLU D 21 20.51 23.04 -17.09
N ILE D 22 20.60 21.80 -16.62
CA ILE D 22 21.69 21.42 -15.74
C ILE D 22 22.67 20.63 -16.60
N HIS D 23 23.82 21.24 -16.87
CA HIS D 23 24.84 20.60 -17.68
C HIS D 23 25.89 19.91 -16.83
N LEU D 24 26.08 18.63 -17.09
CA LEU D 24 27.03 17.81 -16.35
C LEU D 24 28.40 17.79 -17.03
N HIS D 25 29.44 18.11 -16.27
CA HIS D 25 30.80 18.10 -16.76
C HIS D 25 31.72 17.74 -15.61
N ILE D 26 31.61 16.50 -15.17
CA ILE D 26 32.41 15.99 -14.06
C ILE D 26 33.78 15.52 -14.56
N ASN D 27 33.76 14.68 -15.58
CA ASN D 27 34.98 14.15 -16.20
C ASN D 27 34.65 13.39 -17.48
N LYS D 28 35.66 12.81 -18.10
CA LYS D 28 35.51 12.09 -19.37
C LYS D 28 34.35 11.10 -19.48
N SER D 29 33.87 10.58 -18.36
CA SER D 29 32.75 9.64 -18.39
C SER D 29 31.63 10.08 -17.46
N ASN D 30 31.74 11.31 -16.96
CA ASN D 30 30.76 11.85 -16.04
C ASN D 30 30.49 10.89 -14.87
N SER D 31 31.55 10.27 -14.36
CA SER D 31 31.46 9.37 -13.23
C SER D 31 31.49 10.30 -12.02
N TYR D 32 30.47 10.20 -11.17
CA TYR D 32 30.36 11.08 -10.02
C TYR D 32 30.84 10.59 -8.66
N ASP D 33 30.96 11.54 -7.74
CA ASP D 33 31.35 11.28 -6.36
C ASP D 33 30.32 12.01 -5.49
N LEU D 34 30.58 12.11 -4.20
CA LEU D 34 29.62 12.78 -3.32
C LEU D 34 29.54 14.28 -3.57
N GLU D 35 30.66 14.86 -3.99
CA GLU D 35 30.73 16.29 -4.26
C GLU D 35 29.78 16.68 -5.40
N PHE D 36 29.74 15.88 -6.45
CA PHE D 36 28.85 16.17 -7.56
C PHE D 36 27.40 16.21 -7.10
N TYR D 37 26.99 15.16 -6.39
CA TYR D 37 25.62 15.08 -5.90
C TYR D 37 25.23 16.22 -4.97
N LYS D 38 26.19 16.81 -4.26
CA LYS D 38 25.88 17.93 -3.39
C LYS D 38 25.52 19.11 -4.28
N GLU D 39 26.24 19.25 -5.39
CA GLU D 39 25.98 20.34 -6.34
C GLU D 39 24.66 20.09 -7.07
N PHE D 40 24.38 18.81 -7.35
CA PHE D 40 23.13 18.46 -8.04
C PHE D 40 21.96 18.76 -7.10
N ASN D 41 22.11 18.37 -5.83
CA ASN D 41 21.08 18.62 -4.83
C ASN D 41 20.85 20.12 -4.70
N ALA D 42 21.93 20.89 -4.65
CA ALA D 42 21.86 22.34 -4.52
C ALA D 42 21.13 22.96 -5.72
N ALA D 43 21.43 22.45 -6.91
CA ALA D 43 20.78 22.95 -8.12
C ALA D 43 19.27 22.73 -8.03
N ILE D 44 18.87 21.53 -7.60
CA ILE D 44 17.45 21.20 -7.48
C ILE D 44 16.76 22.19 -6.54
N ASP D 45 17.35 22.44 -5.38
CA ASP D 45 16.78 23.37 -4.41
C ASP D 45 16.66 24.79 -4.99
N ASP D 46 17.74 25.26 -5.60
CA ASP D 46 17.76 26.60 -6.20
C ASP D 46 16.62 26.76 -7.20
N ILE D 47 16.47 25.79 -8.09
CA ILE D 47 15.43 25.82 -9.10
C ILE D 47 14.04 25.76 -8.45
N ARG D 48 13.89 24.93 -7.42
CA ARG D 48 12.61 24.82 -6.74
C ARG D 48 12.13 26.18 -6.24
N PHE D 49 13.06 26.99 -5.72
CA PHE D 49 12.73 28.31 -5.21
C PHE D 49 12.69 29.40 -6.25
N ASP D 50 12.80 29.03 -7.52
CA ASP D 50 12.72 30.00 -8.60
C ASP D 50 11.39 29.75 -9.31
N PRO D 51 10.36 30.55 -8.99
CA PRO D 51 9.01 30.41 -9.57
C PRO D 51 8.93 30.59 -11.09
N ASP D 52 10.00 31.09 -11.69
CA ASP D 52 10.01 31.30 -13.13
C ASP D 52 10.33 30.05 -13.92
N ILE D 53 11.03 29.11 -13.30
CA ILE D 53 11.41 27.89 -13.99
C ILE D 53 10.29 26.86 -13.98
N LYS D 54 9.87 26.43 -15.17
CA LYS D 54 8.78 25.48 -15.34
C LYS D 54 9.28 24.11 -15.75
N VAL D 55 10.42 24.08 -16.43
CA VAL D 55 10.99 22.83 -16.90
C VAL D 55 12.50 22.80 -16.66
N VAL D 56 13.01 21.60 -16.39
CA VAL D 56 14.44 21.43 -16.18
C VAL D 56 14.93 20.33 -17.11
N ILE D 57 15.99 20.62 -17.86
CA ILE D 57 16.55 19.64 -18.76
C ILE D 57 17.94 19.26 -18.25
N VAL D 58 18.17 17.97 -18.05
CA VAL D 58 19.48 17.53 -17.59
C VAL D 58 20.25 16.99 -18.80
N SER D 60 24.46 16.43 -20.76
CA SER D 60 25.89 16.28 -20.57
C SER D 60 26.71 17.07 -21.59
N ASP D 61 27.86 17.57 -21.16
CA ASP D 61 28.73 18.32 -22.06
C ASP D 61 29.93 17.45 -22.42
N VAL D 62 29.84 16.17 -22.05
CA VAL D 62 30.89 15.21 -22.34
C VAL D 62 30.41 14.36 -23.53
N PRO D 63 31.16 14.44 -24.64
CA PRO D 63 30.91 13.73 -25.90
C PRO D 63 30.17 12.39 -25.96
N LYS D 64 30.82 11.31 -25.55
CA LYS D 64 30.18 10.00 -25.66
C LYS D 64 29.45 9.49 -24.42
N PHE D 65 29.35 10.32 -23.39
CA PHE D 65 28.71 9.90 -22.16
C PHE D 65 27.74 10.89 -21.53
N PHE D 66 26.61 10.37 -21.06
CA PHE D 66 25.67 11.20 -20.34
C PHE D 66 26.31 11.02 -18.97
N SER D 67 26.42 9.77 -18.55
CA SER D 67 27.04 9.40 -17.28
C SER D 67 27.20 7.88 -17.16
N ALA D 68 28.38 7.44 -16.74
CA ALA D 68 28.65 6.03 -16.60
C ALA D 68 28.40 5.56 -15.16
N GLY D 69 27.88 6.48 -14.34
CA GLY D 69 27.57 6.13 -12.96
C GLY D 69 28.57 6.64 -11.93
N ALA D 70 28.64 5.93 -10.80
CA ALA D 70 29.54 6.32 -9.73
C ALA D 70 31.00 6.07 -10.08
N ASP D 71 31.86 6.97 -9.60
CA ASP D 71 33.30 6.84 -9.82
C ASP D 71 33.72 5.62 -9.01
N ILE D 72 34.14 4.56 -9.68
CA ILE D 72 34.55 3.34 -8.98
C ILE D 72 35.77 3.54 -8.10
N ASN D 73 36.62 4.51 -8.44
CA ASN D 73 37.79 4.80 -7.63
C ASN D 73 37.32 5.32 -6.28
N PHE D 74 36.46 6.34 -6.32
CA PHE D 74 35.90 6.96 -5.12
C PHE D 74 35.21 5.89 -4.28
N LEU D 75 34.45 5.03 -4.94
CA LEU D 75 33.68 3.97 -4.28
C LEU D 75 34.52 2.89 -3.60
N ARG D 76 35.66 2.56 -4.19
CA ARG D 76 36.52 1.52 -3.66
C ARG D 76 37.27 1.88 -2.37
N SER D 77 37.55 3.16 -2.16
CA SER D 77 38.29 3.59 -0.98
C SER D 77 37.44 4.05 0.21
N ALA D 78 36.12 3.92 0.11
CA ALA D 78 35.28 4.36 1.21
C ALA D 78 34.83 3.24 2.16
N ASP D 79 34.67 3.61 3.43
CA ASP D 79 34.22 2.71 4.48
C ASP D 79 32.82 2.27 4.10
N PRO D 80 32.45 0.99 4.34
CA PRO D 80 31.09 0.59 3.98
C PRO D 80 30.01 1.47 4.60
N ARG D 81 30.26 2.00 5.80
CA ARG D 81 29.30 2.88 6.46
C ARG D 81 29.21 4.20 5.69
N PHE D 82 30.32 4.58 5.05
CA PHE D 82 30.35 5.80 4.27
C PHE D 82 29.58 5.56 2.99
N LYS D 83 29.77 4.39 2.39
CA LYS D 83 29.07 4.04 1.15
C LYS D 83 27.56 4.12 1.40
N THR D 84 27.13 3.59 2.54
CA THR D 84 25.72 3.59 2.92
C THR D 84 25.18 5.02 2.93
N GLN D 85 25.90 5.92 3.59
CA GLN D 85 25.46 7.31 3.66
C GLN D 85 25.57 8.01 2.32
N PHE D 86 26.55 7.59 1.52
CA PHE D 86 26.76 8.17 0.20
C PHE D 86 25.55 7.82 -0.67
N CYS D 87 25.19 6.54 -0.68
CA CYS D 87 24.06 6.06 -1.46
C CYS D 87 22.76 6.66 -0.97
N LEU D 88 22.62 6.77 0.35
CA LEU D 88 21.41 7.36 0.93
C LEU D 88 21.25 8.80 0.48
N PHE D 89 22.35 9.56 0.48
CA PHE D 89 22.28 10.96 0.07
C PHE D 89 21.94 11.10 -1.41
N CYS D 90 22.55 10.25 -2.24
CA CYS D 90 22.29 10.27 -3.68
C CYS D 90 20.82 9.95 -3.95
N ASN D 91 20.30 8.94 -3.25
CA ASN D 91 18.91 8.54 -3.43
C ASN D 91 17.92 9.64 -3.05
N GLU D 92 18.13 10.22 -1.88
CA GLU D 92 17.24 11.28 -1.42
C GLU D 92 17.26 12.46 -2.38
N THR D 93 18.40 12.70 -3.00
CA THR D 93 18.53 13.79 -3.96
C THR D 93 17.68 13.49 -5.19
N LEU D 94 17.73 12.24 -5.66
CA LEU D 94 16.95 11.85 -6.82
C LEU D 94 15.45 11.87 -6.49
N ASP D 95 15.10 11.49 -5.27
CA ASP D 95 13.70 11.46 -4.84
C ASP D 95 13.04 12.85 -4.91
N LYS D 96 13.85 13.89 -4.78
CA LYS D 96 13.35 15.25 -4.79
C LYS D 96 12.77 15.69 -6.13
N ILE D 97 13.25 15.10 -7.22
CA ILE D 97 12.78 15.46 -8.54
C ILE D 97 11.27 15.25 -8.67
N ALA D 98 10.78 14.10 -8.22
CA ALA D 98 9.37 13.77 -8.30
C ALA D 98 8.47 14.66 -7.42
N ARG D 99 9.06 15.42 -6.51
CA ARG D 99 8.27 16.29 -5.63
C ARG D 99 8.37 17.75 -6.08
N SER D 100 9.23 18.01 -7.05
CA SER D 100 9.44 19.36 -7.56
C SER D 100 8.38 19.77 -8.58
N PRO D 101 8.05 21.07 -8.62
CA PRO D 101 7.04 21.57 -9.57
C PRO D 101 7.49 21.53 -11.03
N GLN D 102 8.80 21.56 -11.26
CA GLN D 102 9.31 21.51 -12.64
C GLN D 102 9.26 20.11 -13.23
N VAL D 103 9.04 20.04 -14.54
CA VAL D 103 9.06 18.75 -15.21
C VAL D 103 10.54 18.53 -15.52
N TYR D 104 11.10 17.39 -15.09
CA TYR D 104 12.50 17.09 -15.37
C TYR D 104 12.64 16.17 -16.57
N ILE D 105 13.43 16.60 -17.56
CA ILE D 105 13.65 15.79 -18.75
C ILE D 105 15.13 15.43 -18.88
N ALA D 106 15.44 14.15 -19.01
CA ALA D 106 16.82 13.71 -19.17
C ALA D 106 17.14 13.63 -20.66
N CYS D 107 18.08 14.47 -21.10
CA CYS D 107 18.47 14.52 -22.51
C CYS D 107 19.70 13.62 -22.68
N LEU D 108 19.48 12.41 -23.17
CA LEU D 108 20.55 11.42 -23.32
C LEU D 108 21.19 11.38 -24.72
N GLU D 109 22.41 11.89 -24.80
CA GLU D 109 23.15 11.93 -26.06
C GLU D 109 24.32 10.94 -26.07
N GLY D 110 24.62 10.38 -24.90
CA GLY D 110 25.72 9.43 -24.81
C GLY D 110 25.36 8.25 -23.93
N HIS D 111 26.36 7.42 -23.61
CA HIS D 111 26.13 6.25 -22.78
C HIS D 111 25.45 6.62 -21.47
N THR D 112 24.41 5.87 -21.13
CA THR D 112 23.63 6.11 -19.92
C THR D 112 23.56 4.78 -19.18
N VAL D 113 24.55 4.54 -18.32
CA VAL D 113 24.64 3.29 -17.57
C VAL D 113 24.88 3.43 -16.07
N GLY D 114 24.45 2.42 -15.33
CA GLY D 114 24.61 2.43 -13.88
C GLY D 114 23.94 3.64 -13.24
N GLY D 115 24.68 4.32 -12.37
CA GLY D 115 24.15 5.49 -11.71
C GLY D 115 23.69 6.56 -12.68
N GLY D 116 24.20 6.48 -13.91
CA GLY D 116 23.83 7.44 -14.94
C GLY D 116 22.38 7.21 -15.34
N LEU D 117 22.03 5.95 -15.54
CA LEU D 117 20.67 5.61 -15.90
C LEU D 117 19.76 5.84 -14.69
N GLU D 118 20.27 5.53 -13.50
CA GLU D 118 19.49 5.73 -12.28
C GLU D 118 19.07 7.19 -12.16
N ALA D 120 18.72 9.26 -14.65
CA ALA D 120 17.74 9.48 -15.72
C ALA D 120 16.37 8.92 -15.33
N LEU D 121 16.37 7.75 -14.71
CA LEU D 121 15.15 7.08 -14.27
C LEU D 121 14.41 7.94 -13.25
N ALA D 122 15.15 8.76 -12.51
CA ALA D 122 14.56 9.61 -11.49
C ALA D 122 13.89 10.84 -12.10
N CYS D 123 14.23 11.15 -13.35
CA CYS D 123 13.62 12.28 -14.05
C CYS D 123 12.23 11.86 -14.52
N ASP D 124 11.38 12.83 -14.84
CA ASP D 124 10.02 12.53 -15.29
C ASP D 124 9.97 11.95 -16.71
N LEU D 125 10.85 12.44 -17.58
CA LEU D 125 10.90 11.98 -18.97
C LEU D 125 12.33 11.73 -19.41
N ARG D 126 12.49 10.93 -20.46
CA ARG D 126 13.82 10.62 -20.99
C ARG D 126 13.82 10.65 -22.51
N PHE D 127 14.65 11.51 -23.09
CA PHE D 127 14.77 11.62 -24.55
C PHE D 127 16.19 11.19 -24.91
N GLY D 129 19.13 10.21 -28.17
CA GLY D 129 19.47 10.28 -29.59
C GLY D 129 19.59 8.89 -30.16
N ASP D 130 19.38 8.73 -31.47
CA ASP D 130 19.46 7.41 -32.08
C ASP D 130 20.86 6.83 -32.22
N GLU D 131 21.86 7.57 -31.76
CA GLU D 131 23.24 7.11 -31.80
C GLU D 131 23.89 7.40 -30.46
N ALA D 132 23.07 7.46 -29.41
CA ALA D 132 23.56 7.76 -28.07
C ALA D 132 24.46 6.67 -27.51
N GLY D 133 24.28 5.45 -27.98
CA GLY D 133 25.11 4.36 -27.49
C GLY D 133 24.38 3.33 -26.64
N LYS D 134 24.93 3.06 -25.46
CA LYS D 134 24.36 2.06 -24.56
C LYS D 134 23.59 2.59 -23.35
N ILE D 135 22.60 1.83 -22.90
CA ILE D 135 21.81 2.20 -21.74
C ILE D 135 21.41 0.94 -20.94
N GLY D 136 21.65 1.00 -19.63
CA GLY D 136 21.34 -0.13 -18.77
C GLY D 136 22.03 -0.03 -17.42
N LEU D 137 21.97 -1.12 -16.65
CA LEU D 137 22.57 -1.16 -15.32
C LEU D 137 23.54 -2.34 -15.21
N PRO D 138 24.84 -2.10 -15.49
CA PRO D 138 25.85 -3.16 -15.41
C PRO D 138 26.48 -3.40 -14.03
N GLU D 139 25.90 -2.80 -13.00
CA GLU D 139 26.43 -2.95 -11.65
C GLU D 139 26.77 -4.38 -11.22
N VAL D 140 25.97 -5.35 -11.65
CA VAL D 140 26.21 -6.74 -11.27
C VAL D 140 27.60 -7.21 -11.67
N SER D 141 28.13 -6.68 -12.78
CA SER D 141 29.45 -7.07 -13.25
C SER D 141 30.55 -6.62 -12.28
N LEU D 142 30.17 -5.90 -11.24
CA LEU D 142 31.09 -5.41 -10.22
C LEU D 142 30.82 -6.03 -8.86
N GLY D 143 29.86 -6.95 -8.79
CA GLY D 143 29.56 -7.57 -7.51
C GLY D 143 28.63 -6.76 -6.64
N VAL D 144 28.07 -5.68 -7.18
CA VAL D 144 27.13 -4.86 -6.43
C VAL D 144 25.86 -4.73 -7.28
N LEU D 145 24.88 -3.99 -6.80
CA LEU D 145 23.65 -3.82 -7.58
C LEU D 145 23.38 -2.34 -7.81
N ALA D 146 22.33 -2.03 -8.55
CA ALA D 146 21.96 -0.64 -8.81
C ALA D 146 21.31 -0.11 -7.52
N GLY D 147 22.16 0.43 -6.64
CA GLY D 147 21.69 0.91 -5.34
C GLY D 147 21.16 2.32 -5.25
N THR D 148 21.07 3.02 -6.38
CA THR D 148 20.55 4.38 -6.36
C THR D 148 19.13 4.38 -6.95
N GLY D 149 18.33 3.39 -6.55
CA GLY D 149 16.96 3.30 -7.01
C GLY D 149 16.79 2.56 -8.32
N GLY D 150 17.92 2.16 -8.91
CA GLY D 150 17.89 1.44 -10.17
C GLY D 150 17.02 0.21 -10.25
N THR D 151 17.12 -0.69 -9.27
CA THR D 151 16.31 -1.90 -9.31
C THR D 151 14.83 -1.60 -9.16
N GLN D 152 14.52 -0.60 -8.34
CA GLN D 152 13.13 -0.24 -8.09
C GLN D 152 12.46 0.57 -9.19
N ARG D 153 13.12 1.62 -9.65
CA ARG D 153 12.53 2.45 -10.70
C ARG D 153 12.48 1.72 -12.04
N LEU D 154 13.48 0.91 -12.34
CA LEU D 154 13.46 0.18 -13.61
C LEU D 154 12.30 -0.81 -13.61
N ALA D 155 12.11 -1.50 -12.49
CA ALA D 155 11.05 -2.48 -12.37
C ALA D 155 9.68 -1.83 -12.57
N ARG D 156 9.50 -0.68 -11.96
CA ARG D 156 8.24 0.04 -12.07
C ARG D 156 8.02 0.62 -13.46
N LEU D 157 9.10 1.03 -14.12
CA LEU D 157 8.98 1.63 -15.46
C LEU D 157 8.77 0.64 -16.60
N ILE D 158 9.58 -0.42 -16.66
CA ILE D 158 9.46 -1.38 -17.74
C ILE D 158 8.90 -2.74 -17.36
N GLY D 159 8.54 -2.92 -16.10
CA GLY D 159 8.01 -4.20 -15.66
C GLY D 159 9.06 -4.92 -14.83
N TYR D 160 8.63 -5.56 -13.74
CA TYR D 160 9.55 -6.25 -12.85
C TYR D 160 10.35 -7.41 -13.43
N SER D 161 9.77 -8.19 -14.34
CA SER D 161 10.51 -9.32 -14.91
C SER D 161 11.57 -8.87 -15.90
N ARG D 162 11.24 -7.91 -16.76
CA ARG D 162 12.19 -7.37 -17.72
C ARG D 162 13.31 -6.65 -16.96
N ALA D 163 12.93 -5.93 -15.92
CA ALA D 163 13.92 -5.20 -15.13
C ALA D 163 14.84 -6.20 -14.42
N LEU D 164 14.28 -7.30 -13.95
CA LEU D 164 15.07 -8.32 -13.27
C LEU D 164 16.10 -8.89 -14.24
N ASP D 165 15.63 -9.27 -15.42
CA ASP D 165 16.49 -9.81 -16.47
C ASP D 165 17.67 -8.88 -16.76
N ASN D 167 18.86 -6.44 -14.91
CA ASN D 167 19.70 -6.21 -13.75
C ASN D 167 20.64 -7.38 -13.43
N ILE D 168 20.10 -8.60 -13.46
CA ILE D 168 20.94 -9.76 -13.15
C ILE D 168 22.01 -10.07 -14.19
N THR D 169 21.77 -9.70 -15.45
CA THR D 169 22.75 -9.94 -16.51
C THR D 169 23.68 -8.75 -16.68
N GLY D 170 23.18 -7.56 -16.34
CA GLY D 170 23.99 -6.35 -16.46
C GLY D 170 24.18 -5.87 -17.88
N GLU D 171 23.42 -6.44 -18.80
CA GLU D 171 23.54 -6.05 -20.20
C GLU D 171 22.77 -4.82 -20.63
N THR D 172 23.45 -3.96 -21.38
CA THR D 172 22.88 -2.72 -21.87
C THR D 172 22.21 -2.97 -23.22
N ILE D 173 21.34 -2.04 -23.60
CA ILE D 173 20.61 -2.15 -24.87
C ILE D 173 20.77 -0.86 -25.67
N THR D 174 20.12 -0.81 -26.83
CA THR D 174 20.19 0.36 -27.70
C THR D 174 19.06 1.34 -27.41
N PRO D 175 19.16 2.57 -27.95
CA PRO D 175 18.12 3.56 -27.73
C PRO D 175 16.77 3.09 -28.29
N GLN D 176 16.81 2.44 -29.46
CA GLN D 176 15.60 1.93 -30.09
C GLN D 176 14.96 0.84 -29.23
N GLU D 177 15.79 -0.01 -28.64
CA GLU D 177 15.29 -1.07 -27.77
C GLU D 177 14.75 -0.43 -26.50
N ALA D 178 15.43 0.62 -26.04
CA ALA D 178 14.99 1.33 -24.85
C ALA D 178 13.60 1.90 -25.09
N LEU D 179 13.41 2.50 -26.26
CA LEU D 179 12.12 3.10 -26.60
C LEU D 179 10.97 2.12 -26.60
N GLU D 180 11.17 0.95 -27.21
CA GLU D 180 10.10 -0.04 -27.28
C GLU D 180 9.66 -0.63 -25.95
N ILE D 181 10.57 -0.75 -24.99
CA ILE D 181 10.19 -1.29 -23.70
C ILE D 181 9.72 -0.19 -22.73
N GLY D 182 9.76 1.06 -23.19
CA GLY D 182 9.32 2.17 -22.36
C GLY D 182 10.38 2.77 -21.47
N LEU D 183 11.64 2.43 -21.73
CA LEU D 183 12.74 2.95 -20.92
C LEU D 183 13.00 4.43 -21.17
N VAL D 184 12.72 4.89 -22.38
CA VAL D 184 12.85 6.30 -22.75
C VAL D 184 11.54 6.65 -23.43
N ASN D 185 11.21 7.94 -23.49
CA ASN D 185 9.95 8.38 -24.09
C ASN D 185 10.09 8.80 -25.55
N ARG D 186 11.30 9.15 -25.97
CA ARG D 186 11.55 9.57 -27.34
C ARG D 186 12.95 9.25 -27.82
N VAL D 187 13.06 8.99 -29.12
CA VAL D 187 14.36 8.76 -29.74
C VAL D 187 14.42 9.76 -30.87
N PHE D 188 15.35 10.71 -30.77
CA PHE D 188 15.50 11.73 -31.79
C PHE D 188 16.78 11.52 -32.58
N PRO D 189 16.88 12.16 -33.77
CA PRO D 189 18.09 12.03 -34.58
C PRO D 189 19.23 12.55 -33.71
N GLN D 190 20.33 11.82 -33.64
CA GLN D 190 21.46 12.22 -32.82
C GLN D 190 21.80 13.70 -32.97
N ALA D 191 21.97 14.15 -34.21
CA ALA D 191 22.33 15.52 -34.52
C ALA D 191 21.42 16.59 -33.92
N GLU D 192 20.12 16.33 -33.86
CA GLU D 192 19.19 17.30 -33.31
C GLU D 192 18.52 16.88 -31.99
N THR D 193 19.17 16.00 -31.25
CA THR D 193 18.61 15.54 -29.98
C THR D 193 18.41 16.68 -28.99
N ARG D 194 19.38 17.59 -28.91
CA ARG D 194 19.26 18.71 -27.98
C ARG D 194 18.18 19.71 -28.39
N GLU D 195 18.16 20.10 -29.67
CA GLU D 195 17.17 21.07 -30.13
C GLU D 195 15.74 20.56 -29.98
N ARG D 196 15.51 19.29 -30.29
CA ARG D 196 14.17 18.75 -30.17
C ARG D 196 13.74 18.60 -28.71
N THR D 197 14.69 18.32 -27.83
CA THR D 197 14.37 18.21 -26.42
C THR D 197 13.97 19.61 -25.96
N ARG D 198 14.76 20.60 -26.36
CA ARG D 198 14.50 21.98 -26.02
C ARG D 198 13.18 22.46 -26.59
N GLU D 199 12.86 22.02 -27.80
CA GLU D 199 11.60 22.39 -28.43
C GLU D 199 10.44 21.88 -27.59
N TYR D 200 10.52 20.61 -27.17
CA TYR D 200 9.47 20.03 -26.34
C TYR D 200 9.35 20.84 -25.05
N ALA D 201 10.49 21.20 -24.48
CA ALA D 201 10.55 21.98 -23.25
C ALA D 201 9.91 23.35 -23.42
N ARG D 202 10.20 24.03 -24.52
CA ARG D 202 9.63 25.35 -24.77
C ARG D 202 8.12 25.32 -24.88
N LYS D 203 7.58 24.27 -25.49
CA LYS D 203 6.13 24.16 -25.62
C LYS D 203 5.52 24.07 -24.23
N LEU D 204 6.15 23.28 -23.36
CA LEU D 204 5.66 23.14 -21.99
C LEU D 204 5.74 24.48 -21.27
N ALA D 205 6.92 25.10 -21.31
CA ALA D 205 7.15 26.37 -20.65
C ALA D 205 6.22 27.50 -21.12
N ASN D 206 5.74 27.39 -22.35
CA ASN D 206 4.86 28.41 -22.92
C ASN D 206 3.37 28.06 -22.80
N SER D 207 3.06 26.96 -22.12
CA SER D 207 1.67 26.54 -21.94
C SER D 207 1.17 26.88 -20.54
N ALA D 208 0.08 26.24 -20.13
CA ALA D 208 -0.48 26.46 -18.79
C ALA D 208 0.39 25.67 -17.81
N THR D 209 1.53 26.26 -17.48
CA THR D 209 2.52 25.63 -16.61
C THR D 209 2.07 25.23 -15.22
N TYR D 210 1.06 25.92 -14.69
CA TYR D 210 0.57 25.57 -13.37
C TYR D 210 -0.15 24.21 -13.50
N ALA D 211 -0.81 24.00 -14.64
CA ALA D 211 -1.51 22.75 -14.87
C ALA D 211 -0.50 21.63 -15.18
N VAL D 212 0.55 21.98 -15.90
CA VAL D 212 1.59 21.01 -16.27
C VAL D 212 2.26 20.50 -15.00
N SER D 213 2.56 21.43 -14.10
CA SER D 213 3.22 21.12 -12.85
C SER D 213 2.36 20.22 -11.97
N ASN D 214 1.11 20.61 -11.74
CA ASN D 214 0.22 19.82 -10.91
C ASN D 214 -0.05 18.45 -11.51
N ILE D 215 0.04 18.35 -12.83
CA ILE D 215 -0.19 17.09 -13.52
C ILE D 215 0.99 16.16 -13.22
N LYS D 216 2.20 16.71 -13.31
CA LYS D 216 3.43 15.98 -13.02
C LYS D 216 3.42 15.47 -11.58
N LEU D 217 2.99 16.33 -10.66
CA LEU D 217 2.92 15.96 -9.23
C LEU D 217 1.85 14.89 -9.01
N ALA D 218 0.70 15.06 -9.66
CA ALA D 218 -0.40 14.11 -9.52
C ALA D 218 0.01 12.70 -9.89
N ILE D 219 0.67 12.56 -11.03
CA ILE D 219 1.08 11.25 -11.52
C ILE D 219 2.25 10.60 -10.78
N ASN D 221 3.51 11.17 -7.72
CA ASN D 221 3.28 10.83 -6.31
C ASN D 221 2.00 10.01 -6.15
N GLY D 222 1.04 10.21 -7.05
CA GLY D 222 -0.20 9.47 -6.99
C GLY D 222 -0.04 8.00 -7.34
N LYS D 223 1.02 7.67 -8.09
CA LYS D 223 1.26 6.30 -8.49
C LYS D 223 1.66 5.45 -7.28
N GLU D 224 2.01 6.10 -6.17
CA GLU D 224 2.39 5.39 -4.96
C GLU D 224 1.18 5.18 -4.04
N PRO D 226 -3.05 4.06 -3.29
CA PRO D 226 -4.10 3.14 -3.74
C PRO D 226 -5.01 4.02 -4.60
N LEU D 227 -5.55 3.46 -5.67
CA LEU D 227 -6.41 4.23 -6.60
C LEU D 227 -7.52 5.09 -5.98
N ASN D 228 -8.29 4.55 -5.04
CA ASN D 228 -9.40 5.32 -4.47
C ASN D 228 -8.97 6.63 -3.82
N VAL D 229 -7.79 6.68 -3.23
CA VAL D 229 -7.33 7.92 -2.61
C VAL D 229 -6.38 8.70 -3.52
N ALA D 230 -5.84 8.02 -4.52
CA ALA D 230 -4.94 8.68 -5.47
C ALA D 230 -5.75 9.75 -6.19
N ILE D 231 -7.00 9.43 -6.48
CA ILE D 231 -7.88 10.37 -7.17
C ILE D 231 -8.27 11.54 -6.25
N ARG D 232 -8.20 11.33 -4.94
CA ARG D 232 -8.48 12.41 -3.99
C ARG D 232 -7.33 13.40 -4.11
N TYR D 233 -6.11 12.86 -4.22
CA TYR D 233 -4.90 13.68 -4.37
C TYR D 233 -5.01 14.43 -5.69
N GLU D 234 -5.38 13.71 -6.74
CA GLU D 234 -5.56 14.32 -8.05
C GLU D 234 -6.58 15.44 -7.91
N GLY D 235 -7.62 15.19 -7.11
CA GLY D 235 -8.68 16.17 -6.91
C GLY D 235 -8.26 17.47 -6.24
N GLU D 236 -7.34 17.39 -5.28
CA GLU D 236 -6.91 18.60 -4.61
C GLU D 236 -6.00 19.41 -5.54
N LEU D 237 -5.24 18.71 -6.38
CA LEU D 237 -4.38 19.39 -7.33
C LEU D 237 -5.28 20.11 -8.33
N GLN D 238 -6.39 19.47 -8.68
CA GLN D 238 -7.35 20.04 -9.62
C GLN D 238 -8.01 21.26 -8.97
N ASN D 239 -8.32 21.14 -7.67
CA ASN D 239 -8.94 22.25 -6.95
C ASN D 239 -8.05 23.50 -7.01
N LEU D 240 -6.73 23.29 -6.98
CA LEU D 240 -5.79 24.40 -7.05
C LEU D 240 -5.83 25.05 -8.43
N LEU D 241 -6.04 24.25 -9.46
CA LEU D 241 -6.09 24.79 -10.82
C LEU D 241 -7.42 25.54 -11.05
N PHE D 242 -8.53 24.95 -10.61
CA PHE D 242 -9.84 25.59 -10.77
C PHE D 242 -9.85 26.98 -10.16
N ARG D 243 -8.93 27.25 -9.23
CA ARG D 243 -8.86 28.54 -8.58
C ARG D 243 -7.76 29.40 -9.18
N SER D 244 -7.08 28.88 -10.19
CA SER D 244 -5.98 29.58 -10.84
C SER D 244 -6.46 30.58 -11.88
N GLU D 245 -5.60 31.55 -12.17
CA GLU D 245 -5.88 32.57 -13.16
C GLU D 245 -5.92 31.92 -14.55
N ASP D 246 -4.98 31.01 -14.78
CA ASP D 246 -4.90 30.33 -16.07
C ASP D 246 -6.12 29.49 -16.42
N ALA D 247 -6.76 28.92 -15.40
CA ALA D 247 -7.95 28.11 -15.65
C ALA D 247 -9.08 28.99 -16.17
N LYS D 248 -9.22 30.18 -15.56
CA LYS D 248 -10.26 31.11 -15.99
C LYS D 248 -9.99 31.52 -17.43
N GLU D 249 -8.75 31.88 -17.71
CA GLU D 249 -8.32 32.30 -19.03
C GLU D 249 -8.39 31.17 -20.06
N GLY D 250 -7.93 29.99 -19.67
CA GLY D 250 -7.93 28.84 -20.56
C GLY D 250 -9.33 28.45 -21.02
N LEU D 251 -10.27 28.42 -20.09
CA LEU D 251 -11.65 28.08 -20.41
C LEU D 251 -12.23 29.17 -21.33
N SER D 252 -11.97 30.43 -21.00
CA SER D 252 -12.45 31.54 -21.81
C SER D 252 -11.89 31.49 -23.22
N ALA D 253 -10.57 31.38 -23.33
CA ALA D 253 -9.91 31.33 -24.63
C ALA D 253 -10.53 30.26 -25.52
N PHE D 254 -10.85 29.12 -24.92
CA PHE D 254 -11.46 28.03 -25.68
C PHE D 254 -12.85 28.41 -26.20
N LEU D 255 -13.65 29.00 -25.33
CA LEU D 255 -15.00 29.41 -25.70
C LEU D 255 -14.96 30.53 -26.73
N GLU D 256 -13.97 31.41 -26.63
CA GLU D 256 -13.83 32.53 -27.56
C GLU D 256 -12.97 32.13 -28.76
N LYS D 257 -12.69 30.83 -28.88
CA LYS D 257 -11.88 30.33 -29.99
C LYS D 257 -10.65 31.21 -30.24
N ARG D 258 -9.92 31.54 -29.17
CA ARG D 258 -8.73 32.38 -29.28
C ARG D 258 -7.55 31.75 -28.55
N GLN D 259 -6.35 32.28 -28.77
CA GLN D 259 -5.15 31.77 -28.11
C GLN D 259 -5.10 32.19 -26.65
N PRO D 260 -4.83 31.22 -25.76
CA PRO D 260 -4.74 31.49 -24.32
C PRO D 260 -3.54 32.35 -23.95
N ASN D 261 -3.69 33.22 -22.97
CA ASN D 261 -2.60 34.08 -22.52
C ASN D 261 -2.17 33.55 -21.14
N TRP D 262 -1.34 32.51 -21.15
CA TRP D 262 -0.87 31.86 -19.92
C TRP D 262 0.02 32.73 -19.02
N LYS D 263 -0.22 32.63 -17.71
CA LYS D 263 0.56 33.38 -16.72
C LYS D 263 1.28 32.44 -15.77
N GLY D 264 0.85 31.18 -15.73
CA GLY D 264 1.47 30.21 -14.85
C GLY D 264 1.00 30.36 -13.41
N ILE D 265 -0.10 31.08 -13.22
CA ILE D 265 -0.66 31.26 -11.88
C ILE D 265 -2.18 31.19 -11.94
N VAL E 4 33.95 18.39 18.58
CA VAL E 4 33.04 18.12 19.72
C VAL E 4 31.89 19.10 19.78
N GLU E 5 32.20 20.38 19.63
CA GLU E 5 31.18 21.43 19.68
C GLU E 5 31.17 22.23 18.37
N THR E 6 29.97 22.46 17.84
CA THR E 6 29.81 23.23 16.61
C THR E 6 28.60 24.14 16.73
N LYS E 7 28.86 25.41 17.01
CA LYS E 7 27.79 26.40 17.17
C LYS E 7 27.41 27.09 15.87
N LYS E 8 26.12 27.07 15.56
CA LYS E 8 25.60 27.73 14.37
C LYS E 8 24.79 28.90 14.90
N GLN E 9 24.13 29.64 14.03
CA GLN E 9 23.36 30.78 14.49
C GLN E 9 22.14 30.42 15.33
N TYR E 10 21.31 29.51 14.83
CA TYR E 10 20.10 29.13 15.57
C TYR E 10 20.20 27.78 16.26
N LEU E 11 21.37 27.13 16.18
CA LEU E 11 21.51 25.81 16.79
C LEU E 11 22.97 25.41 17.08
N THR E 12 23.14 24.56 18.08
CA THR E 12 24.46 24.08 18.47
C THR E 12 24.44 22.56 18.58
N VAL E 13 25.53 21.92 18.15
CA VAL E 13 25.63 20.46 18.22
C VAL E 13 26.82 20.03 19.08
N PHE E 14 26.54 19.21 20.09
CA PHE E 14 27.57 18.70 21.00
C PHE E 14 27.72 17.20 20.80
N LYS E 15 28.94 16.74 20.51
CA LYS E 15 29.19 15.32 20.32
C LYS E 15 30.08 14.78 21.43
N GLU E 16 29.65 13.69 22.05
CA GLU E 16 30.42 13.08 23.11
C GLU E 16 29.91 11.69 23.48
N ASP E 17 30.82 10.74 23.59
CA ASP E 17 30.49 9.37 23.95
C ASP E 17 29.38 8.74 23.10
N GLY E 18 29.51 8.87 21.78
CA GLY E 18 28.52 8.30 20.88
C GLY E 18 27.16 8.99 20.89
N ILE E 19 27.07 10.15 21.54
CA ILE E 19 25.81 10.88 21.60
C ILE E 19 25.95 12.32 21.14
N ALA E 20 25.12 12.73 20.19
CA ALA E 20 25.14 14.10 19.70
C ALA E 20 23.89 14.78 20.19
N GLU E 21 24.04 16.00 20.71
CA GLU E 21 22.89 16.73 21.20
C GLU E 21 22.71 17.99 20.37
N ILE E 22 21.52 18.16 19.81
CA ILE E 22 21.24 19.35 19.01
C ILE E 22 20.46 20.29 19.91
N HIS E 23 21.07 21.42 20.25
CA HIS E 23 20.42 22.40 21.11
C HIS E 23 19.84 23.52 20.25
N LEU E 24 18.54 23.74 20.42
CA LEU E 24 17.83 24.76 19.68
C LEU E 24 17.78 26.09 20.44
N HIS E 25 18.27 27.15 19.81
CA HIS E 25 18.26 28.47 20.40
C HIS E 25 18.01 29.50 19.30
N ILE E 26 16.77 29.52 18.81
CA ILE E 26 16.36 30.41 17.73
C ILE E 26 15.88 31.75 18.24
N ASN E 27 14.99 31.72 19.23
CA ASN E 27 14.45 32.91 19.84
C ASN E 27 13.65 32.53 21.08
N LYS E 28 12.92 33.49 21.64
CA LYS E 28 12.14 33.27 22.85
C LYS E 28 11.14 32.10 22.81
N SER E 29 10.56 31.84 21.65
CA SER E 29 9.60 30.75 21.53
C SER E 29 10.07 29.68 20.54
N ASN E 30 11.32 29.82 20.10
CA ASN E 30 11.93 28.91 19.15
C ASN E 30 11.10 28.75 17.87
N SER E 31 10.51 29.86 17.41
CA SER E 31 9.72 29.86 16.19
C SER E 31 10.72 29.97 15.04
N TYR E 32 10.77 28.95 14.19
CA TYR E 32 11.73 28.91 13.09
C TYR E 32 11.37 29.52 11.75
N ASP E 33 12.39 29.66 10.92
CA ASP E 33 12.27 30.16 9.56
C ASP E 33 12.99 29.14 8.68
N LEU E 34 13.21 29.46 7.41
CA LEU E 34 13.88 28.53 6.51
C LEU E 34 15.36 28.36 6.88
N GLU E 35 15.97 29.43 7.37
CA GLU E 35 17.38 29.40 7.74
C GLU E 35 17.64 28.36 8.84
N PHE E 36 16.78 28.31 9.85
CA PHE E 36 16.95 27.33 10.92
C PHE E 36 16.95 25.91 10.36
N TYR E 37 15.96 25.62 9.51
CA TYR E 37 15.85 24.28 8.95
C TYR E 37 17.05 23.89 8.11
N LYS E 38 17.68 24.87 7.46
CA LYS E 38 18.87 24.57 6.66
C LYS E 38 19.97 24.12 7.63
N GLU E 39 20.07 24.78 8.78
CA GLU E 39 21.08 24.40 9.77
C GLU E 39 20.75 23.03 10.35
N PHE E 40 19.47 22.78 10.61
CA PHE E 40 19.02 21.51 11.17
C PHE E 40 19.35 20.38 10.18
N ASN E 41 19.05 20.63 8.91
CA ASN E 41 19.32 19.65 7.86
C ASN E 41 20.81 19.35 7.82
N ALA E 42 21.63 20.39 7.93
CA ALA E 42 23.08 20.23 7.89
C ALA E 42 23.57 19.39 9.06
N ALA E 43 22.95 19.57 10.22
CA ALA E 43 23.29 18.80 11.42
C ALA E 43 22.98 17.33 11.21
N ILE E 44 21.82 17.05 10.61
CA ILE E 44 21.43 15.67 10.38
C ILE E 44 22.43 15.00 9.45
N ASP E 45 22.84 15.69 8.39
CA ASP E 45 23.80 15.13 7.43
C ASP E 45 25.16 14.90 8.10
N ASP E 46 25.62 15.90 8.83
CA ASP E 46 26.90 15.82 9.53
C ASP E 46 26.94 14.63 10.48
N ILE E 47 25.86 14.43 11.21
CA ILE E 47 25.78 13.34 12.17
C ILE E 47 25.68 11.99 11.44
N ARG E 48 25.03 11.98 10.29
CA ARG E 48 24.88 10.74 9.51
C ARG E 48 26.26 10.22 9.09
N PHE E 49 27.12 11.12 8.64
CA PHE E 49 28.46 10.75 8.21
C PHE E 49 29.48 10.59 9.34
N ASP E 50 29.02 10.65 10.59
CA ASP E 50 29.91 10.45 11.74
C ASP E 50 29.57 9.09 12.33
N PRO E 51 30.29 8.05 11.92
CA PRO E 51 30.07 6.67 12.40
C PRO E 51 30.15 6.48 13.92
N ASP E 52 30.58 7.50 14.64
CA ASP E 52 30.70 7.39 16.09
C ASP E 52 29.41 7.73 16.85
N ILE E 53 28.56 8.55 16.26
CA ILE E 53 27.32 8.92 16.93
C ILE E 53 26.27 7.83 16.72
N LYS E 54 25.70 7.37 17.83
CA LYS E 54 24.70 6.31 17.83
C LYS E 54 23.31 6.83 18.22
N VAL E 55 23.29 7.96 18.92
CA VAL E 55 22.04 8.53 19.38
C VAL E 55 22.06 10.03 19.26
N VAL E 56 20.93 10.63 18.91
CA VAL E 56 20.84 12.07 18.81
C VAL E 56 19.69 12.55 19.68
N ILE E 57 19.97 13.52 20.53
CA ILE E 57 18.96 14.08 21.41
C ILE E 57 18.73 15.51 20.96
N VAL E 58 17.47 15.86 20.69
CA VAL E 58 17.14 17.21 20.27
C VAL E 58 16.54 17.90 21.48
N SER E 60 15.94 22.00 23.61
CA SER E 60 15.88 23.46 23.55
C SER E 60 16.60 24.13 24.72
N ASP E 61 17.29 25.23 24.42
CA ASP E 61 17.99 25.99 25.46
C ASP E 61 17.10 27.16 25.89
N VAL E 62 15.85 27.15 25.42
CA VAL E 62 14.90 28.20 25.76
C VAL E 62 13.93 27.71 26.82
N PRO E 63 13.88 28.40 27.97
CA PRO E 63 13.04 28.15 29.14
C PRO E 63 11.67 27.48 28.99
N LYS E 64 10.69 28.24 28.51
CA LYS E 64 9.34 27.72 28.40
C LYS E 64 8.90 27.10 27.07
N PHE E 65 9.82 26.97 26.12
CA PHE E 65 9.46 26.40 24.82
C PHE E 65 10.44 25.39 24.24
N PHE E 66 9.89 24.34 23.61
CA PHE E 66 10.73 23.39 22.90
C PHE E 66 10.76 24.10 21.56
N SER E 67 9.57 24.41 21.06
CA SER E 67 9.38 25.13 19.82
C SER E 67 7.88 25.38 19.59
N ALA E 68 7.54 26.63 19.28
CA ALA E 68 6.17 27.03 19.05
C ALA E 68 5.79 26.84 17.58
N GLY E 69 6.74 26.38 16.78
CA GLY E 69 6.48 26.16 15.38
C GLY E 69 7.08 27.21 14.46
N ALA E 70 6.47 27.37 13.29
CA ALA E 70 6.94 28.32 12.30
C ALA E 70 6.76 29.76 12.72
N ASP E 71 7.76 30.59 12.43
CA ASP E 71 7.70 32.01 12.75
C ASP E 71 6.54 32.55 11.91
N ILE E 72 5.43 32.87 12.58
CA ILE E 72 4.24 33.37 11.90
C ILE E 72 4.51 34.64 11.11
N ASN E 73 5.37 35.50 11.65
CA ASN E 73 5.70 36.74 10.98
C ASN E 73 6.47 36.46 9.70
N PHE E 74 7.43 35.55 9.77
CA PHE E 74 8.25 35.18 8.62
C PHE E 74 7.39 34.66 7.46
N LEU E 75 6.31 33.97 7.78
CA LEU E 75 5.43 33.44 6.75
C LEU E 75 4.40 34.45 6.29
N ARG E 76 4.23 35.53 7.06
CA ARG E 76 3.25 36.55 6.70
C ARG E 76 3.63 37.23 5.40
N SER E 77 2.69 37.26 4.48
CA SER E 77 2.88 37.87 3.17
C SER E 77 4.00 37.24 2.33
N ALA E 78 4.45 36.06 2.72
CA ALA E 78 5.48 35.37 1.94
C ALA E 78 4.67 34.81 0.77
N ASP E 79 5.26 34.76 -0.42
CA ASP E 79 4.54 34.25 -1.58
C ASP E 79 4.05 32.83 -1.31
N PRO E 80 2.83 32.49 -1.77
CA PRO E 80 2.28 31.15 -1.55
C PRO E 80 3.14 30.06 -2.17
N ARG E 81 3.81 30.37 -3.27
CA ARG E 81 4.67 29.41 -3.94
C ARG E 81 5.92 29.22 -3.06
N PHE E 82 6.33 30.28 -2.39
CA PHE E 82 7.49 30.20 -1.50
C PHE E 82 7.15 29.30 -0.32
N LYS E 83 5.98 29.53 0.27
CA LYS E 83 5.52 28.73 1.41
C LYS E 83 5.52 27.25 1.04
N THR E 84 5.05 26.95 -0.17
CA THR E 84 5.01 25.58 -0.64
C THR E 84 6.41 24.97 -0.58
N GLN E 85 7.38 25.66 -1.15
CA GLN E 85 8.75 25.16 -1.16
C GLN E 85 9.39 25.14 0.22
N PHE E 86 9.00 26.09 1.06
CA PHE E 86 9.49 26.16 2.44
C PHE E 86 9.01 24.90 3.17
N CYS E 87 7.73 24.60 3.03
CA CYS E 87 7.15 23.43 3.67
C CYS E 87 7.76 22.13 3.14
N LEU E 88 7.94 22.04 1.83
CA LEU E 88 8.52 20.83 1.24
C LEU E 88 9.91 20.59 1.83
N PHE E 89 10.74 21.62 1.89
CA PHE E 89 12.07 21.47 2.44
C PHE E 89 12.04 21.02 3.91
N CYS E 90 11.18 21.65 4.71
CA CYS E 90 11.05 21.29 6.12
C CYS E 90 10.60 19.83 6.24
N ASN E 91 9.68 19.41 5.38
CA ASN E 91 9.20 18.03 5.42
C ASN E 91 10.29 17.03 5.07
N GLU E 92 10.97 17.25 3.95
CA GLU E 92 12.03 16.34 3.54
C GLU E 92 13.12 16.27 4.60
N THR E 93 13.40 17.40 5.25
CA THR E 93 14.41 17.42 6.30
C THR E 93 13.98 16.49 7.43
N LEU E 94 12.73 16.63 7.88
CA LEU E 94 12.22 15.78 8.95
C LEU E 94 12.14 14.31 8.51
N ASP E 95 11.82 14.09 7.24
CA ASP E 95 11.74 12.73 6.71
C ASP E 95 13.07 12.00 6.87
N LYS E 96 14.16 12.74 6.83
CA LYS E 96 15.50 12.16 6.92
C LYS E 96 15.80 11.42 8.21
N ILE E 97 15.20 11.86 9.32
CA ILE E 97 15.44 11.24 10.60
C ILE E 97 15.15 9.74 10.58
N ALA E 98 13.98 9.36 10.05
CA ALA E 98 13.59 7.94 9.99
C ALA E 98 14.51 7.08 9.13
N ARG E 99 15.39 7.70 8.34
CA ARG E 99 16.30 6.95 7.48
C ARG E 99 17.73 6.96 8.00
N SER E 100 17.98 7.77 9.02
CA SER E 100 19.30 7.89 9.62
C SER E 100 19.56 6.73 10.57
N PRO E 101 20.84 6.32 10.72
CA PRO E 101 21.19 5.22 11.62
C PRO E 101 21.07 5.53 13.10
N GLN E 102 21.19 6.80 13.47
CA GLN E 102 21.08 7.19 14.88
C GLN E 102 19.62 7.17 15.33
N VAL E 103 19.41 6.89 16.62
CA VAL E 103 18.07 6.92 17.19
C VAL E 103 17.87 8.36 17.63
N TYR E 104 16.85 9.03 17.09
CA TYR E 104 16.58 10.42 17.44
C TYR E 104 15.57 10.54 18.58
N ILE E 105 15.96 11.26 19.64
CA ILE E 105 15.09 11.44 20.80
C ILE E 105 14.78 12.93 21.01
N ALA E 106 13.49 13.25 21.08
CA ALA E 106 13.08 14.63 21.32
C ALA E 106 12.93 14.83 22.83
N CYS E 107 13.73 15.73 23.39
CA CYS E 107 13.69 16.03 24.83
C CYS E 107 12.82 17.26 25.04
N LEU E 108 11.57 17.04 25.45
CA LEU E 108 10.62 18.11 25.61
C LEU E 108 10.49 18.69 27.02
N GLU E 109 11.03 19.90 27.20
CA GLU E 109 10.99 20.58 28.48
C GLU E 109 10.07 21.79 28.44
N GLY E 110 9.74 22.24 27.24
CA GLY E 110 8.86 23.40 27.09
C GLY E 110 7.70 23.11 26.16
N HIS E 111 6.84 24.09 25.93
CA HIS E 111 5.71 23.88 25.04
C HIS E 111 6.19 23.27 23.73
N THR E 112 5.46 22.28 23.24
CA THR E 112 5.79 21.59 21.99
C THR E 112 4.54 21.63 21.14
N VAL E 113 4.39 22.72 20.39
CA VAL E 113 3.19 22.92 19.57
C VAL E 113 3.43 23.28 18.11
N GLY E 114 2.44 22.97 17.27
CA GLY E 114 2.55 23.28 15.85
C GLY E 114 3.82 22.67 15.26
N GLY E 115 4.55 23.48 14.49
CA GLY E 115 5.78 23.00 13.88
C GLY E 115 6.71 22.37 14.91
N GLY E 116 6.58 22.81 16.16
CA GLY E 116 7.41 22.28 17.23
C GLY E 116 7.09 20.81 17.45
N LEU E 117 5.80 20.49 17.51
CA LEU E 117 5.41 19.10 17.70
C LEU E 117 5.77 18.30 16.43
N GLU E 118 5.47 18.88 15.26
CA GLU E 118 5.79 18.21 14.01
C GLU E 118 7.25 17.75 13.95
N ALA E 120 9.06 17.10 16.57
CA ALA E 120 9.15 16.05 17.59
C ALA E 120 8.56 14.74 17.08
N LEU E 121 7.45 14.84 16.36
CA LEU E 121 6.78 13.66 15.81
C LEU E 121 7.68 12.91 14.83
N ALA E 122 8.58 13.63 14.16
CA ALA E 122 9.49 13.04 13.18
C ALA E 122 10.68 12.34 13.85
N CYS E 123 10.78 12.49 15.16
CA CYS E 123 11.86 11.83 15.89
C CYS E 123 11.35 10.43 16.22
N ASP E 124 12.26 9.52 16.59
CA ASP E 124 11.89 8.14 16.90
C ASP E 124 11.22 8.00 18.26
N LEU E 125 11.63 8.86 19.20
CA LEU E 125 11.08 8.83 20.56
C LEU E 125 10.87 10.25 21.10
N ARG E 126 10.03 10.36 22.13
CA ARG E 126 9.74 11.66 22.74
C ARG E 126 9.64 11.53 24.26
N PHE E 127 10.46 12.30 24.97
CA PHE E 127 10.46 12.31 26.44
C PHE E 127 10.08 13.73 26.88
N GLY E 129 8.84 16.62 30.15
CA GLY E 129 8.80 16.93 31.57
C GLY E 129 7.38 17.10 32.09
N ASP E 130 7.14 16.70 33.34
CA ASP E 130 5.79 16.79 33.90
C ASP E 130 5.23 18.21 34.05
N GLU E 131 6.06 19.22 33.79
CA GLU E 131 5.61 20.60 33.88
C GLU E 131 6.06 21.34 32.63
N ALA E 132 6.32 20.58 31.57
CA ALA E 132 6.80 21.15 30.31
C ALA E 132 5.79 22.05 29.60
N GLY E 133 4.53 22.00 30.01
CA GLY E 133 3.53 22.85 29.38
C GLY E 133 2.50 22.12 28.56
N LYS E 134 2.31 22.56 27.31
CA LYS E 134 1.34 21.95 26.40
C LYS E 134 1.99 21.34 25.16
N ILE E 135 1.26 20.46 24.50
CA ILE E 135 1.73 19.79 23.30
C ILE E 135 0.52 19.54 22.39
N GLY E 136 0.63 19.94 21.12
CA GLY E 136 -0.47 19.76 20.20
C GLY E 136 -0.30 20.52 18.90
N LEU E 137 -1.35 20.55 18.09
CA LEU E 137 -1.31 21.24 16.80
C LEU E 137 -2.42 22.29 16.71
N PRO E 138 -2.10 23.55 17.07
CA PRO E 138 -3.06 24.66 17.03
C PRO E 138 -3.18 25.41 15.71
N GLU E 139 -2.57 24.88 14.65
CA GLU E 139 -2.61 25.52 13.34
C GLU E 139 -3.98 26.00 12.85
N VAL E 140 -5.02 25.21 13.09
CA VAL E 140 -6.37 25.57 12.65
C VAL E 140 -6.85 26.95 13.14
N SER E 141 -6.28 27.42 14.23
CA SER E 141 -6.68 28.72 14.78
C SER E 141 -6.14 29.86 13.91
N LEU E 142 -5.30 29.51 12.94
CA LEU E 142 -4.72 30.48 12.02
C LEU E 142 -5.26 30.31 10.61
N GLY E 143 -6.17 29.37 10.43
CA GLY E 143 -6.75 29.14 9.12
C GLY E 143 -5.93 28.24 8.21
N VAL E 144 -4.94 27.54 8.77
CA VAL E 144 -4.10 26.62 8.03
C VAL E 144 -3.99 25.32 8.84
N LEU E 145 -3.25 24.33 8.34
CA LEU E 145 -3.12 23.07 9.06
C LEU E 145 -1.67 22.70 9.37
N ALA E 146 -1.47 21.60 10.09
CA ALA E 146 -0.12 21.15 10.42
C ALA E 146 0.42 20.54 9.14
N GLY E 147 1.03 21.39 8.31
CA GLY E 147 1.55 20.97 7.02
C GLY E 147 2.98 20.48 6.95
N THR E 148 3.58 20.20 8.10
CA THR E 148 4.94 19.69 8.13
C THR E 148 4.89 18.26 8.64
N GLY E 149 3.90 17.52 8.14
CA GLY E 149 3.72 16.12 8.52
C GLY E 149 2.89 15.92 9.78
N GLY E 150 2.42 17.01 10.38
CA GLY E 150 1.63 16.92 11.60
C GLY E 150 0.35 16.09 11.51
N THR E 151 -0.49 16.38 10.53
CA THR E 151 -1.75 15.64 10.40
C THR E 151 -1.51 14.15 10.16
N GLN E 152 -0.50 13.83 9.35
CA GLN E 152 -0.18 12.45 9.02
C GLN E 152 0.54 11.65 10.10
N ARG E 153 1.57 12.22 10.71
CA ARG E 153 2.31 11.50 11.75
C ARG E 153 1.51 11.38 13.04
N LEU E 154 0.67 12.37 13.35
CA LEU E 154 -0.13 12.31 14.57
C LEU E 154 -1.18 11.22 14.42
N ALA E 155 -1.81 11.18 13.24
CA ALA E 155 -2.82 10.17 12.95
C ALA E 155 -2.23 8.78 13.14
N ARG E 156 -1.04 8.55 12.57
CA ARG E 156 -0.40 7.25 12.67
C ARG E 156 0.10 6.90 14.07
N LEU E 157 0.49 7.91 14.84
CA LEU E 157 1.01 7.68 16.18
C LEU E 157 -0.07 7.42 17.23
N ILE E 158 -1.06 8.30 17.29
CA ILE E 158 -2.11 8.15 18.30
C ILE E 158 -3.48 7.65 17.82
N GLY E 159 -3.63 7.48 16.51
CA GLY E 159 -4.91 7.03 15.97
C GLY E 159 -5.50 8.13 15.11
N TYR E 160 -6.11 7.78 13.98
CA TYR E 160 -6.66 8.81 13.11
C TYR E 160 -7.83 9.63 13.67
N SER E 161 -8.72 8.98 14.42
CA SER E 161 -9.87 9.68 14.99
C SER E 161 -9.42 10.67 16.06
N ARG E 162 -8.51 10.23 16.93
CA ARG E 162 -8.00 11.09 17.99
C ARG E 162 -7.19 12.23 17.42
N ALA E 163 -6.48 11.97 16.33
CA ALA E 163 -5.65 12.98 15.69
C ALA E 163 -6.57 13.97 14.98
N LEU E 164 -7.64 13.47 14.40
CA LEU E 164 -8.58 14.34 13.70
C LEU E 164 -9.19 15.31 14.71
N ASP E 165 -9.62 14.79 15.85
CA ASP E 165 -10.22 15.60 16.91
C ASP E 165 -9.27 16.71 17.34
N ASN E 167 -6.57 17.93 15.74
CA ASN E 167 -6.26 18.85 14.66
C ASN E 167 -7.37 19.83 14.33
N ILE E 168 -8.62 19.37 14.24
CA ILE E 168 -9.70 20.30 13.91
C ILE E 168 -10.02 21.28 15.03
N THR E 169 -9.92 20.85 16.28
CA THR E 169 -10.20 21.77 17.39
C THR E 169 -8.95 22.61 17.66
N GLY E 170 -7.79 22.03 17.36
CA GLY E 170 -6.54 22.73 17.58
C GLY E 170 -6.16 22.82 19.04
N GLU E 171 -6.85 22.07 19.88
CA GLU E 171 -6.57 22.09 21.31
C GLU E 171 -5.38 21.24 21.71
N THR E 172 -4.54 21.81 22.58
CA THR E 172 -3.34 21.15 23.05
C THR E 172 -3.60 20.45 24.37
N ILE E 173 -2.81 19.42 24.65
CA ILE E 173 -2.99 18.65 25.87
C ILE E 173 -1.74 18.65 26.75
N THR E 174 -1.84 18.00 27.90
CA THR E 174 -0.74 17.94 28.86
C THR E 174 0.17 16.75 28.62
N PRO E 175 1.37 16.75 29.23
CA PRO E 175 2.33 15.66 29.07
C PRO E 175 1.71 14.34 29.54
N GLN E 176 1.02 14.38 30.68
CA GLN E 176 0.38 13.19 31.24
C GLN E 176 -0.62 12.61 30.25
N GLU E 177 -1.46 13.48 29.68
CA GLU E 177 -2.45 13.06 28.69
C GLU E 177 -1.73 12.50 27.46
N ALA E 178 -0.67 13.18 27.04
CA ALA E 178 0.11 12.75 25.89
C ALA E 178 0.65 11.34 26.12
N LEU E 179 1.15 11.08 27.33
CA LEU E 179 1.69 9.77 27.66
C LEU E 179 0.61 8.71 27.52
N GLU E 180 -0.56 9.00 28.07
CA GLU E 180 -1.70 8.08 28.04
C GLU E 180 -2.15 7.70 26.64
N ILE E 181 -2.03 8.61 25.68
CA ILE E 181 -2.47 8.29 24.32
C ILE E 181 -1.31 7.89 23.42
N GLY E 182 -0.09 7.85 23.97
CA GLY E 182 1.07 7.46 23.19
C GLY E 182 1.74 8.55 22.38
N LEU E 183 1.39 9.80 22.64
CA LEU E 183 1.97 10.93 21.92
C LEU E 183 3.43 11.14 22.34
N VAL E 184 3.76 10.70 23.55
CA VAL E 184 5.13 10.76 24.06
C VAL E 184 5.40 9.39 24.67
N ASN E 185 6.67 9.03 24.80
CA ASN E 185 7.03 7.73 25.35
C ASN E 185 7.35 7.72 26.84
N ARG E 186 7.72 8.90 27.38
CA ARG E 186 8.05 9.01 28.79
C ARG E 186 7.72 10.40 29.32
N VAL E 187 7.33 10.45 30.59
CA VAL E 187 7.04 11.69 31.27
C VAL E 187 7.90 11.64 32.52
N PHE E 188 8.89 12.52 32.60
CA PHE E 188 9.81 12.56 33.72
C PHE E 188 9.58 13.77 34.61
N PRO E 189 10.12 13.72 35.84
CA PRO E 189 9.95 14.88 36.74
C PRO E 189 10.65 16.03 36.01
N GLN E 190 9.95 17.16 35.86
CA GLN E 190 10.52 18.31 35.15
C GLN E 190 12.01 18.49 35.34
N ALA E 191 12.43 18.66 36.59
CA ALA E 191 13.84 18.88 36.93
C ALA E 191 14.80 17.76 36.56
N GLU E 192 14.29 16.57 36.29
CA GLU E 192 15.13 15.41 35.95
C GLU E 192 15.04 14.99 34.48
N THR E 193 14.18 15.67 33.73
CA THR E 193 13.97 15.34 32.32
C THR E 193 15.23 15.20 31.47
N ARG E 194 16.12 16.18 31.56
CA ARG E 194 17.33 16.14 30.78
C ARG E 194 18.28 15.01 31.18
N GLU E 195 18.50 14.81 32.47
CA GLU E 195 19.40 13.74 32.89
C GLU E 195 18.84 12.35 32.59
N ARG E 196 17.54 12.17 32.81
CA ARG E 196 16.91 10.89 32.56
C ARG E 196 16.87 10.56 31.06
N THR E 197 16.92 11.59 30.23
CA THR E 197 16.93 11.39 28.78
C THR E 197 18.35 10.97 28.39
N ARG E 198 19.33 11.67 28.93
CA ARG E 198 20.73 11.37 28.67
C ARG E 198 21.09 9.97 29.17
N GLU E 199 20.46 9.60 30.28
CA GLU E 199 20.65 8.28 30.90
C GLU E 199 20.22 7.21 29.89
N TYR E 200 19.02 7.37 29.34
CA TYR E 200 18.48 6.43 28.36
C TYR E 200 19.39 6.37 27.15
N ALA E 201 19.80 7.53 26.65
CA ALA E 201 20.67 7.63 25.50
C ALA E 201 22.02 6.94 25.74
N ARG E 202 22.54 7.08 26.97
CA ARG E 202 23.81 6.47 27.33
C ARG E 202 23.70 4.94 27.30
N LYS E 203 22.61 4.41 27.82
CA LYS E 203 22.43 2.95 27.82
C LYS E 203 22.45 2.42 26.38
N LEU E 204 21.84 3.17 25.47
CA LEU E 204 21.81 2.78 24.05
C LEU E 204 23.21 2.80 23.46
N ALA E 205 23.89 3.93 23.63
CA ALA E 205 25.24 4.11 23.11
C ALA E 205 26.27 3.14 23.65
N ASN E 206 25.96 2.50 24.78
CA ASN E 206 26.88 1.55 25.39
C ASN E 206 26.48 0.12 25.10
N SER E 207 25.48 -0.05 24.25
CA SER E 207 25.01 -1.39 23.90
C SER E 207 25.40 -1.74 22.46
N ALA E 208 24.82 -2.82 21.95
CA ALA E 208 25.07 -3.27 20.59
C ALA E 208 24.41 -2.25 19.65
N THR E 209 25.09 -1.12 19.45
CA THR E 209 24.56 -0.02 18.64
C THR E 209 24.25 -0.31 17.17
N TYR E 210 24.85 -1.35 16.61
CA TYR E 210 24.56 -1.68 15.21
C TYR E 210 23.17 -2.31 15.19
N ALA E 211 22.87 -3.11 16.21
CA ALA E 211 21.57 -3.75 16.32
C ALA E 211 20.51 -2.68 16.57
N VAL E 212 20.80 -1.78 17.50
CA VAL E 212 19.88 -0.70 17.83
C VAL E 212 19.53 0.06 16.55
N SER E 213 20.56 0.41 15.79
CA SER E 213 20.39 1.15 14.55
C SER E 213 19.50 0.40 13.54
N ASN E 214 19.84 -0.86 13.26
CA ASN E 214 19.07 -1.66 12.32
C ASN E 214 17.65 -1.92 12.80
N ILE E 215 17.45 -1.94 14.12
CA ILE E 215 16.13 -2.13 14.70
C ILE E 215 15.32 -0.86 14.41
N LYS E 216 15.94 0.29 14.63
CA LYS E 216 15.28 1.56 14.37
C LYS E 216 14.86 1.67 12.90
N LEU E 217 15.75 1.25 11.98
CA LEU E 217 15.43 1.30 10.56
C LEU E 217 14.31 0.33 10.19
N ALA E 218 14.42 -0.90 10.67
CA ALA E 218 13.42 -1.94 10.41
C ALA E 218 12.01 -1.47 10.76
N ILE E 219 11.86 -0.90 11.94
CA ILE E 219 10.55 -0.44 12.40
C ILE E 219 10.01 0.81 11.73
N ASN E 221 10.86 2.27 8.79
CA ASN E 221 10.63 2.16 7.36
C ASN E 221 9.78 0.95 7.03
N GLY E 222 9.83 -0.05 7.90
CA GLY E 222 9.06 -1.27 7.70
C GLY E 222 7.56 -1.06 7.90
N LYS E 223 7.20 -0.11 8.77
CA LYS E 223 5.81 0.19 9.06
C LYS E 223 5.07 0.70 7.83
N GLU E 224 5.81 1.12 6.81
CA GLU E 224 5.22 1.62 5.57
C GLU E 224 5.06 0.54 4.52
N PRO E 226 3.76 -3.61 3.30
CA PRO E 226 2.79 -4.64 3.61
C PRO E 226 3.56 -5.62 4.48
N LEU E 227 2.90 -6.19 5.50
CA LEU E 227 3.56 -7.11 6.42
C LEU E 227 4.43 -8.22 5.81
N ASN E 228 3.93 -8.90 4.78
CA ASN E 228 4.69 -10.00 4.19
C ASN E 228 6.06 -9.60 3.62
N VAL E 229 6.20 -8.38 3.11
CA VAL E 229 7.50 -7.93 2.58
C VAL E 229 8.28 -7.12 3.60
N ALA E 230 7.59 -6.59 4.61
CA ALA E 230 8.22 -5.81 5.66
C ALA E 230 9.14 -6.76 6.44
N ILE E 231 8.71 -8.01 6.58
CA ILE E 231 9.51 -9.00 7.30
C ILE E 231 10.72 -9.38 6.45
N ARG E 232 10.62 -9.19 5.13
CA ARG E 232 11.74 -9.45 4.24
C ARG E 232 12.79 -8.37 4.53
N TYR E 233 12.33 -7.13 4.65
CA TYR E 233 13.20 -5.98 4.94
C TYR E 233 13.88 -6.24 6.30
N GLU E 234 13.06 -6.59 7.30
CA GLU E 234 13.56 -6.90 8.64
C GLU E 234 14.63 -7.99 8.50
N GLY E 235 14.40 -8.91 7.56
CA GLY E 235 15.33 -10.02 7.35
C GLY E 235 16.70 -9.63 6.84
N GLU E 236 16.74 -8.66 5.93
CA GLU E 236 18.02 -8.22 5.40
C GLU E 236 18.79 -7.45 6.46
N LEU E 237 18.08 -6.69 7.29
CA LEU E 237 18.71 -5.96 8.37
C LEU E 237 19.30 -6.95 9.38
N GLN E 238 18.62 -8.10 9.52
CA GLN E 238 19.06 -9.16 10.41
C GLN E 238 20.31 -9.82 9.79
N ASN E 239 20.32 -9.98 8.47
CA ASN E 239 21.46 -10.57 7.79
C ASN E 239 22.72 -9.75 8.02
N LEU E 240 22.56 -8.43 8.09
CA LEU E 240 23.71 -7.55 8.32
C LEU E 240 24.20 -7.74 9.76
N LEU E 241 23.27 -7.95 10.69
CA LEU E 241 23.66 -8.15 12.08
C LEU E 241 24.33 -9.52 12.27
N PHE E 242 23.84 -10.55 11.59
CA PHE E 242 24.44 -11.88 11.73
C PHE E 242 25.90 -11.89 11.31
N ARG E 243 26.25 -11.02 10.37
CA ARG E 243 27.62 -10.94 9.86
C ARG E 243 28.46 -9.90 10.59
N SER E 244 27.88 -9.28 11.62
CA SER E 244 28.60 -8.25 12.36
C SER E 244 29.47 -8.86 13.45
N GLU E 245 30.45 -8.08 13.90
CA GLU E 245 31.37 -8.51 14.94
C GLU E 245 30.63 -8.58 16.28
N ASP E 246 29.76 -7.62 16.55
CA ASP E 246 29.03 -7.62 17.81
C ASP E 246 28.16 -8.86 17.95
N ALA E 247 27.59 -9.35 16.85
CA ALA E 247 26.74 -10.53 16.91
C ALA E 247 27.54 -11.75 17.38
N LYS E 248 28.77 -11.87 16.89
CA LYS E 248 29.64 -12.98 17.27
C LYS E 248 29.94 -12.84 18.76
N GLU E 249 30.27 -11.61 19.17
CA GLU E 249 30.57 -11.31 20.56
C GLU E 249 29.36 -11.49 21.47
N GLY E 250 28.21 -11.05 20.99
CA GLY E 250 26.99 -11.15 21.78
C GLY E 250 26.57 -12.58 22.06
N LEU E 251 26.62 -13.43 21.04
CA LEU E 251 26.23 -14.82 21.21
C LEU E 251 27.20 -15.53 22.15
N SER E 252 28.49 -15.20 22.03
CA SER E 252 29.50 -15.79 22.89
C SER E 252 29.33 -15.32 24.32
N ALA E 253 29.45 -14.02 24.53
CA ALA E 253 29.31 -13.42 25.85
C ALA E 253 28.10 -13.95 26.59
N PHE E 254 27.06 -14.35 25.84
CA PHE E 254 25.86 -14.87 26.47
C PHE E 254 26.03 -16.32 26.91
N LEU E 255 26.68 -17.12 26.06
CA LEU E 255 26.90 -18.53 26.38
C LEU E 255 27.98 -18.69 27.44
N GLU E 256 28.86 -17.70 27.54
CA GLU E 256 29.95 -17.73 28.53
C GLU E 256 29.58 -16.89 29.74
N LYS E 257 28.29 -16.60 29.89
CA LYS E 257 27.78 -15.82 31.01
C LYS E 257 28.71 -14.66 31.38
N ARG E 258 29.06 -13.83 30.40
CA ARG E 258 29.92 -12.69 30.67
C ARG E 258 29.37 -11.38 30.09
N GLN E 259 30.10 -10.30 30.29
CA GLN E 259 29.70 -8.98 29.82
C GLN E 259 30.22 -8.79 28.39
N PRO E 260 29.31 -8.46 27.45
CA PRO E 260 29.65 -8.25 26.03
C PRO E 260 30.47 -6.99 25.79
N ASN E 261 31.48 -7.09 24.92
CA ASN E 261 32.30 -5.95 24.57
C ASN E 261 31.88 -5.48 23.18
N TRP E 262 30.92 -4.55 23.16
CA TRP E 262 30.39 -4.03 21.91
C TRP E 262 31.34 -3.07 21.20
N LYS E 263 31.33 -3.13 19.88
CA LYS E 263 32.18 -2.27 19.06
C LYS E 263 31.31 -1.45 18.09
N GLY E 264 30.04 -1.82 17.99
CA GLY E 264 29.14 -1.11 17.09
C GLY E 264 29.38 -1.50 15.65
N ILE E 265 30.13 -2.59 15.47
CA ILE E 265 30.48 -3.10 14.15
C ILE E 265 30.08 -4.57 14.06
N ALA F 3 -37.23 -7.64 -19.23
CA ALA F 3 -38.07 -6.42 -19.33
C ALA F 3 -37.75 -5.63 -20.60
N VAL F 4 -38.03 -4.33 -20.58
CA VAL F 4 -37.80 -3.49 -21.76
C VAL F 4 -36.50 -2.72 -21.87
N GLU F 5 -36.48 -1.87 -22.89
CA GLU F 5 -35.37 -1.00 -23.22
C GLU F 5 -35.75 0.42 -22.81
N THR F 6 -35.68 0.68 -21.51
CA THR F 6 -36.06 1.98 -20.95
C THR F 6 -35.12 3.15 -21.30
N LYS F 7 -35.71 4.33 -21.42
CA LYS F 7 -34.98 5.54 -21.78
C LYS F 7 -34.90 6.58 -20.65
N LYS F 8 -34.16 7.65 -20.93
CA LYS F 8 -33.99 8.77 -20.01
C LYS F 8 -33.69 9.99 -20.90
N GLN F 9 -33.28 11.10 -20.29
CA GLN F 9 -33.01 12.30 -21.08
C GLN F 9 -31.75 12.24 -21.94
N TYR F 10 -30.59 12.15 -21.30
CA TYR F 10 -29.32 12.11 -22.01
C TYR F 10 -28.79 10.71 -22.31
N LEU F 11 -29.51 9.69 -21.83
CA LEU F 11 -29.08 8.32 -22.03
C LEU F 11 -30.24 7.32 -22.07
N THR F 12 -30.01 6.17 -22.69
CA THR F 12 -31.00 5.10 -22.80
C THR F 12 -30.34 3.75 -22.58
N VAL F 13 -30.99 2.90 -21.79
CA VAL F 13 -30.46 1.56 -21.50
C VAL F 13 -31.30 0.49 -22.19
N PHE F 14 -30.63 -0.45 -22.86
CA PHE F 14 -31.29 -1.55 -23.56
C PHE F 14 -30.84 -2.87 -22.95
N LYS F 15 -31.77 -3.62 -22.37
CA LYS F 15 -31.43 -4.91 -21.75
C LYS F 15 -31.94 -6.10 -22.58
N GLU F 16 -31.06 -7.04 -22.87
CA GLU F 16 -31.44 -8.21 -23.64
C GLU F 16 -30.42 -9.33 -23.61
N ASP F 17 -30.87 -10.53 -23.28
CA ASP F 17 -30.01 -11.71 -23.22
C ASP F 17 -28.73 -11.47 -22.45
N GLY F 18 -28.85 -11.05 -21.19
CA GLY F 18 -27.69 -10.81 -20.36
C GLY F 18 -26.78 -9.69 -20.78
N ILE F 19 -27.25 -8.78 -21.62
CA ILE F 19 -26.43 -7.65 -22.05
C ILE F 19 -27.21 -6.35 -21.99
N ALA F 20 -26.65 -5.36 -21.31
CA ALA F 20 -27.29 -4.05 -21.20
C ALA F 20 -26.41 -3.04 -21.96
N GLU F 21 -27.03 -2.24 -22.82
CA GLU F 21 -26.30 -1.24 -23.59
C GLU F 21 -26.70 0.15 -23.12
N ILE F 22 -25.72 0.94 -22.71
CA ILE F 22 -25.98 2.30 -22.28
C ILE F 22 -25.65 3.20 -23.46
N HIS F 23 -26.67 3.66 -24.17
CA HIS F 23 -26.49 4.54 -25.32
C HIS F 23 -26.49 5.99 -24.88
N LEU F 24 -25.41 6.68 -25.22
CA LEU F 24 -25.29 8.08 -24.86
C LEU F 24 -25.78 8.98 -25.99
N HIS F 25 -26.60 9.96 -25.62
CA HIS F 25 -27.14 10.95 -26.56
C HIS F 25 -27.39 12.19 -25.73
N ILE F 26 -26.31 12.84 -25.33
CA ILE F 26 -26.37 14.03 -24.50
C ILE F 26 -26.39 15.32 -25.30
N ASN F 27 -25.40 15.44 -26.19
CA ASN F 27 -25.20 16.63 -26.99
C ASN F 27 -24.55 16.22 -28.32
N LYS F 28 -24.36 17.18 -29.23
CA LYS F 28 -23.75 16.86 -30.52
C LYS F 28 -22.29 16.39 -30.38
N SER F 29 -21.71 16.60 -29.20
CA SER F 29 -20.34 16.20 -28.93
C SER F 29 -20.33 15.37 -27.66
N ASN F 30 -21.52 15.12 -27.12
CA ASN F 30 -21.69 14.35 -25.90
C ASN F 30 -20.89 14.93 -24.73
N SER F 31 -20.86 16.26 -24.65
CA SER F 31 -20.17 16.93 -23.55
C SER F 31 -21.18 16.88 -22.41
N TYR F 32 -20.77 16.31 -21.28
CA TYR F 32 -21.67 16.16 -20.15
C TYR F 32 -21.66 17.24 -19.08
N ASP F 33 -22.62 17.11 -18.18
CA ASP F 33 -22.81 18.02 -17.05
C ASP F 33 -23.15 17.11 -15.86
N LEU F 34 -23.62 17.70 -14.77
CA LEU F 34 -23.98 16.91 -13.59
C LEU F 34 -25.20 16.01 -13.82
N GLU F 35 -26.21 16.54 -14.50
CA GLU F 35 -27.42 15.77 -14.77
C GLU F 35 -27.11 14.44 -15.47
N PHE F 36 -26.23 14.50 -16.48
CA PHE F 36 -25.87 13.28 -17.19
C PHE F 36 -25.31 12.22 -16.26
N TYR F 37 -24.33 12.59 -15.45
CA TYR F 37 -23.72 11.63 -14.53
C TYR F 37 -24.72 11.07 -13.55
N LYS F 38 -25.74 11.86 -13.23
CA LYS F 38 -26.77 11.39 -12.32
C LYS F 38 -27.49 10.23 -12.99
N GLU F 39 -27.78 10.39 -14.28
CA GLU F 39 -28.46 9.36 -15.05
C GLU F 39 -27.55 8.14 -15.22
N PHE F 40 -26.27 8.37 -15.42
CA PHE F 40 -25.31 7.29 -15.60
C PHE F 40 -25.19 6.49 -14.31
N ASN F 41 -25.21 7.19 -13.18
CA ASN F 41 -25.11 6.55 -11.87
C ASN F 41 -26.35 5.69 -11.64
N ALA F 42 -27.50 6.22 -12.03
CA ALA F 42 -28.76 5.52 -11.89
C ALA F 42 -28.76 4.28 -12.78
N ALA F 43 -28.18 4.40 -13.98
CA ALA F 43 -28.12 3.26 -14.89
C ALA F 43 -27.25 2.16 -14.30
N ILE F 44 -26.15 2.56 -13.66
CA ILE F 44 -25.23 1.60 -13.05
C ILE F 44 -25.93 0.85 -11.91
N ASP F 45 -26.63 1.58 -11.05
CA ASP F 45 -27.35 0.98 -9.93
C ASP F 45 -28.43 0.01 -10.39
N ASP F 46 -29.23 0.43 -11.38
CA ASP F 46 -30.30 -0.41 -11.91
C ASP F 46 -29.76 -1.72 -12.46
N ILE F 47 -28.66 -1.65 -13.20
CA ILE F 47 -28.05 -2.84 -13.78
C ILE F 47 -27.46 -3.75 -12.68
N ARG F 48 -26.94 -3.14 -11.62
CA ARG F 48 -26.38 -3.91 -10.52
C ARG F 48 -27.42 -4.84 -9.93
N PHE F 49 -28.57 -4.27 -9.60
CA PHE F 49 -29.68 -5.01 -9.02
C PHE F 49 -30.45 -5.89 -9.99
N ASP F 50 -29.93 -6.02 -11.21
CA ASP F 50 -30.57 -6.87 -12.21
C ASP F 50 -29.69 -8.09 -12.40
N PRO F 51 -30.00 -9.19 -11.70
CA PRO F 51 -29.27 -10.46 -11.75
C PRO F 51 -29.06 -11.08 -13.13
N ASP F 52 -29.83 -10.64 -14.12
CA ASP F 52 -29.70 -11.21 -15.45
C ASP F 52 -28.67 -10.52 -16.35
N ILE F 53 -28.28 -9.30 -15.99
CA ILE F 53 -27.29 -8.59 -16.79
C ILE F 53 -25.89 -9.06 -16.42
N LYS F 54 -25.16 -9.57 -17.41
CA LYS F 54 -23.81 -10.07 -17.20
C LYS F 54 -22.77 -9.11 -17.77
N VAL F 55 -23.13 -8.47 -18.88
CA VAL F 55 -22.23 -7.54 -19.53
C VAL F 55 -22.93 -6.21 -19.80
N VAL F 56 -22.16 -5.12 -19.73
CA VAL F 56 -22.69 -3.79 -19.98
C VAL F 56 -21.88 -3.10 -21.06
N ILE F 57 -22.53 -2.76 -22.16
CA ILE F 57 -21.84 -2.08 -23.25
C ILE F 57 -22.22 -0.61 -23.27
N VAL F 58 -21.22 0.26 -23.19
CA VAL F 58 -21.48 1.70 -23.24
C VAL F 58 -21.09 2.18 -24.63
N SER F 60 -22.19 5.29 -28.00
CA SER F 60 -22.76 6.59 -28.32
C SER F 60 -23.71 6.54 -29.53
N ASP F 61 -24.78 7.33 -29.47
CA ASP F 61 -25.73 7.41 -30.58
C ASP F 61 -25.40 8.64 -31.42
N VAL F 62 -24.51 9.47 -30.88
CA VAL F 62 -24.08 10.69 -31.53
C VAL F 62 -22.92 10.43 -32.50
N PRO F 63 -23.09 10.84 -33.76
CA PRO F 63 -22.07 10.65 -34.80
C PRO F 63 -20.75 11.37 -34.51
N LYS F 64 -19.65 10.71 -34.84
CA LYS F 64 -18.34 11.29 -34.69
C LYS F 64 -17.84 11.57 -33.26
N PHE F 65 -18.60 11.18 -32.25
CA PHE F 65 -18.17 11.44 -30.87
C PHE F 65 -18.63 10.36 -29.90
N PHE F 66 -17.71 9.83 -29.09
CA PHE F 66 -18.12 8.89 -28.06
C PHE F 66 -18.47 9.88 -26.95
N SER F 67 -17.57 10.83 -26.73
CA SER F 67 -17.76 11.89 -25.74
C SER F 67 -16.55 12.82 -25.87
N ALA F 68 -16.76 14.10 -25.59
CA ALA F 68 -15.69 15.08 -25.68
C ALA F 68 -15.36 15.56 -24.28
N GLY F 69 -16.00 14.95 -23.27
CA GLY F 69 -15.73 15.32 -21.89
C GLY F 69 -16.80 16.22 -21.29
N ALA F 70 -16.43 16.94 -20.23
CA ALA F 70 -17.38 17.82 -19.57
C ALA F 70 -17.67 19.07 -20.41
N ASP F 71 -18.85 19.63 -20.23
CA ASP F 71 -19.23 20.83 -20.96
C ASP F 71 -18.42 22.00 -20.41
N ILE F 72 -17.68 22.67 -21.28
CA ILE F 72 -16.84 23.79 -20.86
C ILE F 72 -17.62 25.00 -20.33
N ASN F 73 -18.85 25.16 -20.81
CA ASN F 73 -19.69 26.27 -20.36
C ASN F 73 -20.15 25.97 -18.93
N PHE F 74 -20.64 24.76 -18.72
CA PHE F 74 -21.11 24.31 -17.42
C PHE F 74 -19.99 24.40 -16.40
N LEU F 75 -18.78 24.07 -16.84
CA LEU F 75 -17.60 24.08 -15.98
C LEU F 75 -17.06 25.48 -15.74
N ARG F 76 -16.87 26.24 -16.82
CA ARG F 76 -16.33 27.59 -16.72
C ARG F 76 -17.03 28.49 -15.69
N SER F 77 -18.35 28.60 -15.82
CA SER F 77 -19.13 29.45 -14.94
C SER F 77 -19.36 28.97 -13.52
N ALA F 78 -19.17 27.68 -13.25
CA ALA F 78 -19.38 27.16 -11.90
C ALA F 78 -18.33 27.67 -10.91
N ASP F 79 -18.72 27.82 -9.65
CA ASP F 79 -17.78 28.27 -8.63
C ASP F 79 -16.96 27.06 -8.17
N PRO F 80 -15.75 27.30 -7.65
CA PRO F 80 -14.83 26.25 -7.18
C PRO F 80 -15.44 25.15 -6.33
N ARG F 81 -16.18 25.53 -5.29
CA ARG F 81 -16.79 24.55 -4.40
C ARG F 81 -17.79 23.64 -5.09
N PHE F 82 -18.54 24.20 -6.04
CA PHE F 82 -19.52 23.38 -6.76
C PHE F 82 -18.73 22.42 -7.64
N LYS F 83 -17.73 22.96 -8.35
CA LYS F 83 -16.89 22.13 -9.23
C LYS F 83 -16.36 20.93 -8.48
N THR F 84 -15.85 21.18 -7.28
CA THR F 84 -15.30 20.11 -6.45
C THR F 84 -16.31 18.98 -6.25
N GLN F 85 -17.50 19.33 -5.82
CA GLN F 85 -18.52 18.32 -5.59
C GLN F 85 -18.95 17.65 -6.88
N PHE F 86 -18.98 18.42 -7.96
CA PHE F 86 -19.34 17.87 -9.24
C PHE F 86 -18.32 16.81 -9.65
N CYS F 87 -17.04 17.14 -9.51
CA CYS F 87 -15.97 16.20 -9.87
C CYS F 87 -15.97 14.97 -8.95
N LEU F 88 -16.21 15.20 -7.67
CA LEU F 88 -16.25 14.10 -6.72
C LEU F 88 -17.35 13.11 -7.10
N PHE F 89 -18.52 13.63 -7.42
CA PHE F 89 -19.64 12.77 -7.81
C PHE F 89 -19.33 11.96 -9.05
N CYS F 90 -18.79 12.61 -10.08
CA CYS F 90 -18.46 11.90 -11.31
C CYS F 90 -17.46 10.79 -11.01
N ASN F 91 -16.47 11.10 -10.18
CA ASN F 91 -15.45 10.11 -9.81
C ASN F 91 -16.05 8.92 -9.09
N GLU F 92 -16.88 9.17 -8.08
CA GLU F 92 -17.50 8.09 -7.33
C GLU F 92 -18.39 7.25 -8.23
N THR F 93 -18.97 7.87 -9.25
CA THR F 93 -19.81 7.15 -10.19
C THR F 93 -18.94 6.18 -10.98
N LEU F 94 -17.82 6.67 -11.48
CA LEU F 94 -16.91 5.83 -12.25
C LEU F 94 -16.29 4.73 -11.39
N ASP F 95 -16.00 5.06 -10.13
CA ASP F 95 -15.39 4.08 -9.23
C ASP F 95 -16.29 2.85 -9.06
N LYS F 96 -17.59 3.04 -9.23
CA LYS F 96 -18.55 1.97 -9.05
C LYS F 96 -18.45 0.85 -10.09
N ILE F 97 -18.00 1.19 -11.29
CA ILE F 97 -17.87 0.20 -12.35
C ILE F 97 -17.00 -0.98 -11.95
N ALA F 98 -15.85 -0.67 -11.35
CA ALA F 98 -14.91 -1.70 -10.92
C ALA F 98 -15.44 -2.60 -9.80
N ARG F 99 -16.48 -2.15 -9.10
CA ARG F 99 -17.05 -2.95 -8.01
C ARG F 99 -18.30 -3.71 -8.46
N SER F 100 -18.76 -3.44 -9.68
CA SER F 100 -19.96 -4.07 -10.22
C SER F 100 -19.68 -5.48 -10.74
N PRO F 101 -20.65 -6.38 -10.61
CA PRO F 101 -20.50 -7.76 -11.08
C PRO F 101 -20.40 -7.91 -12.60
N GLN F 102 -20.95 -6.94 -13.33
CA GLN F 102 -20.91 -6.98 -14.80
C GLN F 102 -19.58 -6.51 -15.36
N VAL F 103 -19.21 -7.03 -16.53
CA VAL F 103 -17.98 -6.58 -17.17
C VAL F 103 -18.42 -5.38 -18.02
N TYR F 104 -17.72 -4.26 -17.86
CA TYR F 104 -18.05 -3.05 -18.59
C TYR F 104 -17.16 -2.86 -19.81
N ILE F 105 -17.80 -2.70 -20.97
CA ILE F 105 -17.08 -2.53 -22.21
C ILE F 105 -17.43 -1.19 -22.84
N ALA F 106 -16.39 -0.44 -23.20
CA ALA F 106 -16.58 0.86 -23.83
C ALA F 106 -16.40 0.68 -25.33
N CYS F 107 -17.47 0.95 -26.08
CA CYS F 107 -17.43 0.83 -27.53
C CYS F 107 -17.14 2.23 -28.09
N LEU F 108 -15.89 2.44 -28.51
CA LEU F 108 -15.48 3.74 -29.03
C LEU F 108 -15.56 3.84 -30.55
N GLU F 109 -16.54 4.61 -31.03
CA GLU F 109 -16.74 4.80 -32.46
C GLU F 109 -16.43 6.24 -32.87
N GLY F 110 -16.42 7.13 -31.89
CA GLY F 110 -16.14 8.54 -32.17
C GLY F 110 -15.01 9.05 -31.29
N HIS F 111 -14.82 10.37 -31.28
CA HIS F 111 -13.77 10.98 -30.47
C HIS F 111 -13.97 10.66 -29.00
N THR F 112 -12.90 10.24 -28.34
CA THR F 112 -12.92 9.89 -26.93
C THR F 112 -11.83 10.71 -26.24
N VAL F 113 -12.17 11.94 -25.88
CA VAL F 113 -11.20 12.83 -25.26
C VAL F 113 -11.62 13.45 -23.93
N GLY F 114 -10.63 13.84 -23.12
CA GLY F 114 -10.90 14.43 -21.82
C GLY F 114 -11.78 13.54 -20.98
N GLY F 115 -12.84 14.11 -20.42
CA GLY F 115 -13.77 13.33 -19.60
C GLY F 115 -14.33 12.15 -20.36
N GLY F 116 -14.30 12.22 -21.68
CA GLY F 116 -14.80 11.11 -22.47
C GLY F 116 -13.91 9.89 -22.30
N LEU F 117 -12.60 10.11 -22.38
CA LEU F 117 -11.65 9.01 -22.20
C LEU F 117 -11.66 8.52 -20.76
N GLU F 118 -11.81 9.45 -19.82
CA GLU F 118 -11.83 9.10 -18.40
C GLU F 118 -12.93 8.12 -18.09
N ALA F 120 -14.16 6.00 -20.32
CA ALA F 120 -13.73 4.77 -20.98
C ALA F 120 -12.68 4.05 -20.12
N LEU F 121 -11.82 4.83 -19.48
CA LEU F 121 -10.77 4.29 -18.63
C LEU F 121 -11.35 3.57 -17.41
N ALA F 122 -12.47 4.06 -16.91
CA ALA F 122 -13.13 3.46 -15.75
C ALA F 122 -13.82 2.15 -16.11
N CYS F 123 -13.95 1.89 -17.41
CA CYS F 123 -14.57 0.65 -17.88
C CYS F 123 -13.50 -0.44 -17.89
N ASP F 124 -13.92 -1.70 -17.86
CA ASP F 124 -12.99 -2.83 -17.84
C ASP F 124 -12.27 -3.03 -19.17
N LEU F 125 -12.97 -2.78 -20.27
CA LEU F 125 -12.39 -2.96 -21.60
C LEU F 125 -12.76 -1.80 -22.51
N ARG F 126 -11.97 -1.62 -23.56
CA ARG F 126 -12.21 -0.56 -24.53
C ARG F 126 -11.98 -1.08 -25.94
N PHE F 127 -13.02 -1.03 -26.78
CA PHE F 127 -12.92 -1.45 -28.17
C PHE F 127 -13.15 -0.19 -28.99
N GLY F 129 -13.09 1.80 -33.05
CA GLY F 129 -13.09 1.64 -34.50
C GLY F 129 -11.85 2.25 -35.11
N ASP F 130 -11.34 1.63 -36.18
CA ASP F 130 -10.13 2.12 -36.84
C ASP F 130 -10.29 3.47 -37.52
N GLU F 131 -11.46 4.09 -37.38
CA GLU F 131 -11.70 5.40 -37.97
C GLU F 131 -12.41 6.28 -36.94
N ALA F 132 -12.34 5.85 -35.69
CA ALA F 132 -12.99 6.55 -34.57
C ALA F 132 -12.46 7.96 -34.31
N GLY F 133 -11.27 8.26 -34.83
CA GLY F 133 -10.73 9.59 -34.63
C GLY F 133 -9.65 9.74 -33.57
N LYS F 134 -9.84 10.71 -32.69
CA LYS F 134 -8.87 11.02 -31.64
C LYS F 134 -9.20 10.49 -30.24
N ILE F 135 -8.15 10.20 -29.47
CA ILE F 135 -8.30 9.70 -28.11
C ILE F 135 -7.14 10.26 -27.26
N GLY F 136 -7.48 10.90 -26.14
CA GLY F 136 -6.47 11.47 -25.28
C GLY F 136 -7.04 12.39 -24.21
N LEU F 137 -6.17 13.10 -23.50
CA LEU F 137 -6.56 14.01 -22.43
C LEU F 137 -6.02 15.42 -22.68
N PRO F 138 -6.79 16.27 -23.39
CA PRO F 138 -6.35 17.63 -23.69
C PRO F 138 -6.68 18.69 -22.63
N GLU F 139 -7.11 18.25 -21.45
CA GLU F 139 -7.46 19.16 -20.37
C GLU F 139 -6.44 20.28 -20.11
N VAL F 140 -5.14 19.95 -20.19
CA VAL F 140 -4.10 20.94 -19.95
C VAL F 140 -4.19 22.18 -20.84
N SER F 141 -4.73 22.02 -22.05
CA SER F 141 -4.85 23.15 -22.96
C SER F 141 -5.89 24.15 -22.45
N LEU F 142 -6.63 23.76 -21.41
CA LEU F 142 -7.65 24.62 -20.82
C LEU F 142 -7.16 25.17 -19.47
N GLY F 143 -5.98 24.76 -19.04
CA GLY F 143 -5.45 25.23 -17.78
C GLY F 143 -5.87 24.39 -16.58
N VAL F 144 -6.42 23.22 -16.86
CA VAL F 144 -6.83 22.29 -15.81
C VAL F 144 -6.26 20.91 -16.15
N LEU F 145 -6.58 19.90 -15.37
CA LEU F 145 -6.07 18.57 -15.65
C LEU F 145 -7.21 17.56 -15.71
N ALA F 146 -6.89 16.34 -16.14
CA ALA F 146 -7.89 15.28 -16.20
C ALA F 146 -8.24 14.92 -14.76
N GLY F 147 -9.11 15.73 -14.16
CA GLY F 147 -9.51 15.53 -12.77
C GLY F 147 -10.55 14.50 -12.40
N THR F 148 -10.96 13.65 -13.33
CA THR F 148 -11.93 12.64 -12.96
C THR F 148 -11.32 11.25 -13.18
N GLY F 149 -10.20 11.03 -12.49
CA GLY F 149 -9.48 9.77 -12.55
C GLY F 149 -8.56 9.66 -13.76
N GLY F 150 -8.58 10.66 -14.61
CA GLY F 150 -7.76 10.64 -15.82
C GLY F 150 -6.27 10.44 -15.62
N THR F 151 -5.63 11.33 -14.85
CA THR F 151 -4.20 11.22 -14.61
C THR F 151 -3.85 9.88 -13.96
N GLN F 152 -4.68 9.44 -13.01
CA GLN F 152 -4.42 8.21 -12.28
C GLN F 152 -4.67 6.90 -13.02
N ARG F 153 -5.80 6.75 -13.70
CA ARG F 153 -6.07 5.52 -14.42
C ARG F 153 -5.17 5.39 -15.66
N LEU F 154 -4.91 6.50 -16.33
CA LEU F 154 -4.05 6.46 -17.51
C LEU F 154 -2.65 6.00 -17.11
N ALA F 155 -2.16 6.53 -15.99
CA ALA F 155 -0.83 6.18 -15.51
C ALA F 155 -0.73 4.68 -15.21
N ARG F 156 -1.76 4.15 -14.57
CA ARG F 156 -1.78 2.73 -14.23
C ARG F 156 -1.98 1.83 -15.44
N LEU F 157 -2.72 2.32 -16.43
CA LEU F 157 -2.99 1.52 -17.62
C LEU F 157 -1.86 1.44 -18.65
N ILE F 158 -1.28 2.59 -19.00
CA ILE F 158 -0.21 2.60 -19.99
C ILE F 158 1.18 2.94 -19.46
N GLY F 159 1.30 3.20 -18.16
CA GLY F 159 2.59 3.54 -17.58
C GLY F 159 2.64 5.00 -17.15
N TYR F 160 3.19 5.26 -15.96
CA TYR F 160 3.24 6.61 -15.43
C TYR F 160 3.99 7.65 -16.27
N SER F 161 5.12 7.27 -16.84
CA SER F 161 5.86 8.23 -17.64
C SER F 161 5.16 8.53 -18.97
N ARG F 162 4.65 7.51 -19.64
CA ARG F 162 3.94 7.72 -20.90
C ARG F 162 2.67 8.52 -20.65
N ALA F 163 1.98 8.19 -19.55
CA ALA F 163 0.76 8.89 -19.19
C ALA F 163 1.10 10.35 -18.89
N LEU F 164 2.24 10.57 -18.24
CA LEU F 164 2.67 11.92 -17.89
C LEU F 164 2.92 12.73 -19.17
N ASP F 165 3.59 12.11 -20.12
CA ASP F 165 3.90 12.77 -21.38
C ASP F 165 2.60 13.18 -22.06
N ASN F 167 -0.44 13.61 -20.70
CA ASN F 167 -1.21 14.58 -19.93
C ASN F 167 -0.67 16.00 -20.02
N ILE F 168 0.65 16.17 -19.88
CA ILE F 168 1.23 17.52 -19.92
C ILE F 168 1.25 18.19 -21.29
N THR F 169 1.18 17.41 -22.37
CA THR F 169 1.17 17.98 -23.72
C THR F 169 -0.27 18.07 -24.22
N GLY F 170 -1.16 17.29 -23.59
CA GLY F 170 -2.56 17.28 -23.99
C GLY F 170 -2.78 16.71 -25.38
N GLU F 171 -1.73 16.17 -25.97
CA GLU F 171 -1.84 15.61 -27.31
C GLU F 171 -2.61 14.31 -27.40
N THR F 172 -3.49 14.23 -28.40
CA THR F 172 -4.32 13.06 -28.63
C THR F 172 -3.69 12.14 -29.68
N ILE F 173 -4.06 10.87 -29.67
CA ILE F 173 -3.49 9.91 -30.62
C ILE F 173 -4.56 9.15 -31.41
N THR F 174 -4.11 8.37 -32.39
CA THR F 174 -5.00 7.58 -33.24
C THR F 174 -5.35 6.25 -32.58
N PRO F 175 -6.42 5.60 -33.04
CA PRO F 175 -6.83 4.31 -32.47
C PRO F 175 -5.72 3.26 -32.54
N GLN F 176 -4.98 3.26 -33.64
CA GLN F 176 -3.90 2.30 -33.83
C GLN F 176 -2.81 2.52 -32.79
N GLU F 177 -2.43 3.77 -32.58
CA GLU F 177 -1.40 4.11 -31.62
C GLU F 177 -1.90 3.75 -30.22
N ALA F 178 -3.20 3.94 -30.00
CA ALA F 178 -3.80 3.64 -28.71
C ALA F 178 -3.69 2.15 -28.42
N LEU F 179 -3.95 1.33 -29.43
CA LEU F 179 -3.86 -0.12 -29.27
C LEU F 179 -2.43 -0.52 -28.94
N GLU F 180 -1.46 0.11 -29.61
CA GLU F 180 -0.06 -0.20 -29.41
C GLU F 180 0.39 0.02 -27.97
N ILE F 181 -0.09 1.08 -27.34
CA ILE F 181 0.31 1.38 -25.96
C ILE F 181 -0.64 0.75 -24.94
N GLY F 182 -1.67 0.06 -25.41
CA GLY F 182 -2.59 -0.59 -24.49
C GLY F 182 -3.67 0.32 -23.94
N LEU F 183 -3.90 1.45 -24.58
CA LEU F 183 -4.94 2.38 -24.13
C LEU F 183 -6.30 1.76 -24.45
N VAL F 184 -6.34 0.91 -25.46
CA VAL F 184 -7.56 0.20 -25.86
C VAL F 184 -7.20 -1.27 -26.04
N ASN F 185 -8.19 -2.15 -25.89
CA ASN F 185 -7.98 -3.59 -26.01
C ASN F 185 -8.12 -4.12 -27.44
N ARG F 186 -9.01 -3.50 -28.22
CA ARG F 186 -9.23 -3.94 -29.61
C ARG F 186 -9.44 -2.77 -30.55
N VAL F 187 -9.16 -3.00 -31.82
CA VAL F 187 -9.36 -2.01 -32.86
C VAL F 187 -10.07 -2.74 -34.00
N PHE F 188 -11.37 -2.48 -34.12
CA PHE F 188 -12.20 -3.12 -35.15
C PHE F 188 -12.42 -2.21 -36.34
N PRO F 189 -12.75 -2.78 -37.52
CA PRO F 189 -12.99 -1.95 -38.69
C PRO F 189 -14.16 -1.06 -38.29
N GLN F 190 -14.05 0.23 -38.54
CA GLN F 190 -15.09 1.18 -38.16
C GLN F 190 -16.51 0.64 -38.26
N ALA F 191 -16.90 0.16 -39.45
CA ALA F 191 -18.24 -0.35 -39.67
C ALA F 191 -18.58 -1.62 -38.88
N GLU F 192 -17.58 -2.45 -38.60
CA GLU F 192 -17.79 -3.69 -37.88
C GLU F 192 -17.55 -3.57 -36.37
N THR F 193 -17.45 -2.34 -35.88
CA THR F 193 -17.20 -2.09 -34.46
C THR F 193 -18.33 -2.51 -33.52
N ARG F 194 -19.52 -1.94 -33.70
CA ARG F 194 -20.64 -2.28 -32.83
C ARG F 194 -20.95 -3.78 -32.85
N GLU F 195 -20.77 -4.40 -34.01
CA GLU F 195 -21.07 -5.81 -34.13
C GLU F 195 -20.03 -6.70 -33.45
N ARG F 196 -18.76 -6.46 -33.75
CA ARG F 196 -17.70 -7.26 -33.16
C ARG F 196 -17.67 -7.08 -31.64
N THR F 197 -18.05 -5.89 -31.18
CA THR F 197 -18.09 -5.61 -29.75
C THR F 197 -19.21 -6.43 -29.12
N ARG F 198 -20.34 -6.51 -29.82
CA ARG F 198 -21.49 -7.26 -29.33
C ARG F 198 -21.26 -8.77 -29.40
N GLU F 199 -20.44 -9.19 -30.36
CA GLU F 199 -20.10 -10.60 -30.53
C GLU F 199 -19.30 -11.03 -29.30
N TYR F 200 -18.30 -10.22 -28.96
CA TYR F 200 -17.44 -10.49 -27.80
C TYR F 200 -18.32 -10.49 -26.54
N ALA F 201 -19.24 -9.55 -26.45
CA ALA F 201 -20.14 -9.45 -25.31
C ALA F 201 -21.07 -10.64 -25.27
N ARG F 202 -21.45 -11.15 -26.45
CA ARG F 202 -22.34 -12.30 -26.53
C ARG F 202 -21.64 -13.55 -26.00
N LYS F 203 -20.40 -13.75 -26.41
CA LYS F 203 -19.64 -14.92 -25.96
C LYS F 203 -19.54 -14.93 -24.43
N LEU F 204 -19.27 -13.77 -23.84
CA LEU F 204 -19.16 -13.67 -22.39
C LEU F 204 -20.46 -14.04 -21.69
N ALA F 205 -21.57 -13.45 -22.14
CA ALA F 205 -22.88 -13.70 -21.54
C ALA F 205 -23.36 -15.15 -21.67
N ASN F 206 -22.77 -15.88 -22.61
CA ASN F 206 -23.16 -17.27 -22.83
C ASN F 206 -22.21 -18.27 -22.18
N SER F 207 -21.28 -17.78 -21.37
CA SER F 207 -20.31 -18.66 -20.70
C SER F 207 -20.61 -18.73 -19.20
N ALA F 208 -19.70 -19.30 -18.42
CA ALA F 208 -19.85 -19.39 -16.97
C ALA F 208 -19.80 -17.96 -16.44
N THR F 209 -20.94 -17.28 -16.55
CA THR F 209 -21.06 -15.89 -16.16
C THR F 209 -20.71 -15.53 -14.71
N TYR F 210 -20.79 -16.49 -13.80
CA TYR F 210 -20.46 -16.22 -12.41
C TYR F 210 -18.93 -16.17 -12.31
N ALA F 211 -18.27 -17.02 -13.07
CA ALA F 211 -16.82 -17.04 -13.08
C ALA F 211 -16.30 -15.74 -13.70
N VAL F 212 -16.92 -15.31 -14.80
CA VAL F 212 -16.53 -14.08 -15.47
C VAL F 212 -16.63 -12.87 -14.53
N SER F 213 -17.73 -12.78 -13.79
CA SER F 213 -17.96 -11.68 -12.86
C SER F 213 -16.90 -11.63 -11.75
N ASN F 214 -16.66 -12.78 -11.12
CA ASN F 214 -15.68 -12.88 -10.04
C ASN F 214 -14.25 -12.67 -10.53
N ILE F 215 -14.00 -12.99 -11.80
CA ILE F 215 -12.67 -12.81 -12.38
C ILE F 215 -12.43 -11.32 -12.53
N LYS F 216 -13.48 -10.61 -12.94
CA LYS F 216 -13.41 -9.18 -13.14
C LYS F 216 -13.22 -8.48 -11.79
N LEU F 217 -13.93 -8.94 -10.78
CA LEU F 217 -13.82 -8.35 -9.45
C LEU F 217 -12.45 -8.64 -8.86
N ALA F 218 -11.96 -9.86 -9.09
CA ALA F 218 -10.65 -10.29 -8.60
C ALA F 218 -9.52 -9.41 -9.11
N ILE F 219 -9.52 -9.14 -10.40
CA ILE F 219 -8.48 -8.33 -11.02
C ILE F 219 -8.59 -6.82 -10.79
N ASN F 221 -10.12 -5.09 -8.35
CA ASN F 221 -9.95 -4.66 -6.96
C ASN F 221 -8.67 -5.23 -6.37
N GLY F 222 -8.32 -6.44 -6.79
CA GLY F 222 -7.12 -7.08 -6.30
C GLY F 222 -5.84 -6.35 -6.71
N LYS F 223 -5.90 -5.59 -7.79
CA LYS F 223 -4.71 -4.86 -8.25
C LYS F 223 -4.31 -3.74 -7.29
N GLU F 224 -5.21 -3.39 -6.37
CA GLU F 224 -4.96 -2.33 -5.40
C GLU F 224 -4.35 -2.91 -4.12
N PRO F 226 -1.55 -5.59 -1.88
CA PRO F 226 -0.19 -6.15 -1.96
C PRO F 226 -0.43 -7.58 -2.47
N LEU F 227 0.45 -8.12 -3.30
CA LEU F 227 0.23 -9.45 -3.85
C LEU F 227 -0.15 -10.55 -2.85
N ASN F 228 0.63 -10.72 -1.79
CA ASN F 228 0.35 -11.77 -0.81
C ASN F 228 -1.10 -11.82 -0.29
N VAL F 229 -1.75 -10.67 -0.14
CA VAL F 229 -3.15 -10.69 0.30
C VAL F 229 -4.11 -10.58 -0.88
N ALA F 230 -3.61 -10.08 -2.02
CA ALA F 230 -4.44 -9.99 -3.22
C ALA F 230 -4.87 -11.41 -3.61
N ILE F 231 -4.00 -12.38 -3.36
CA ILE F 231 -4.28 -13.77 -3.68
C ILE F 231 -5.29 -14.38 -2.71
N ARG F 232 -5.38 -13.81 -1.52
CA ARG F 232 -6.36 -14.28 -0.53
C ARG F 232 -7.73 -13.83 -1.06
N TYR F 233 -7.78 -12.60 -1.57
CA TYR F 233 -9.01 -12.04 -2.13
C TYR F 233 -9.46 -12.90 -3.32
N GLU F 234 -8.49 -13.26 -4.16
CA GLU F 234 -8.73 -14.11 -5.31
C GLU F 234 -9.26 -15.47 -4.83
N GLY F 235 -8.73 -15.91 -3.68
CA GLY F 235 -9.14 -17.19 -3.12
C GLY F 235 -10.57 -17.25 -2.62
N GLU F 236 -11.06 -16.17 -2.03
CA GLU F 236 -12.43 -16.15 -1.54
C GLU F 236 -13.41 -16.11 -2.71
N LEU F 237 -13.03 -15.38 -3.76
CA LEU F 237 -13.87 -15.29 -4.95
C LEU F 237 -13.91 -16.67 -5.61
N GLN F 238 -12.81 -17.41 -5.48
CA GLN F 238 -12.70 -18.75 -6.02
C GLN F 238 -13.55 -19.70 -5.16
N ASN F 239 -13.56 -19.47 -3.84
CA ASN F 239 -14.35 -20.31 -2.94
C ASN F 239 -15.81 -20.23 -3.33
N LEU F 240 -16.26 -19.06 -3.74
CA LEU F 240 -17.65 -18.88 -4.16
C LEU F 240 -17.88 -19.70 -5.44
N LEU F 241 -16.93 -19.66 -6.35
CA LEU F 241 -17.04 -20.43 -7.59
C LEU F 241 -17.08 -21.94 -7.31
N PHE F 242 -16.27 -22.40 -6.37
CA PHE F 242 -16.24 -23.82 -6.02
C PHE F 242 -17.58 -24.28 -5.46
N ARG F 243 -18.39 -23.35 -4.99
CA ARG F 243 -19.70 -23.67 -4.43
C ARG F 243 -20.85 -23.42 -5.39
N SER F 244 -20.53 -22.88 -6.56
CA SER F 244 -21.58 -22.57 -7.54
C SER F 244 -21.96 -23.80 -8.36
N GLU F 245 -23.14 -23.74 -8.96
CA GLU F 245 -23.63 -24.84 -9.77
C GLU F 245 -22.88 -24.96 -11.08
N ASP F 246 -22.41 -23.82 -11.62
CA ASP F 246 -21.68 -23.85 -12.88
C ASP F 246 -20.34 -24.55 -12.74
N ALA F 247 -19.66 -24.35 -11.62
CA ALA F 247 -18.36 -25.00 -11.44
C ALA F 247 -18.57 -26.52 -11.46
N LYS F 248 -19.61 -26.98 -10.79
CA LYS F 248 -19.91 -28.41 -10.76
C LYS F 248 -20.30 -28.89 -12.15
N GLU F 249 -21.02 -28.04 -12.88
CA GLU F 249 -21.44 -28.36 -14.23
C GLU F 249 -20.24 -28.46 -15.17
N GLY F 250 -19.59 -27.32 -15.39
CA GLY F 250 -18.44 -27.28 -16.28
C GLY F 250 -17.34 -28.25 -15.93
N LEU F 251 -17.26 -28.62 -14.65
CA LEU F 251 -16.24 -29.54 -14.20
C LEU F 251 -16.55 -30.96 -14.65
N SER F 252 -17.76 -31.42 -14.37
CA SER F 252 -18.18 -32.77 -14.76
C SER F 252 -18.32 -32.84 -16.28
N ALA F 253 -18.93 -31.82 -16.87
CA ALA F 253 -19.12 -31.76 -18.31
C ALA F 253 -17.77 -31.92 -19.00
N PHE F 254 -16.72 -31.41 -18.36
CA PHE F 254 -15.38 -31.51 -18.90
C PHE F 254 -14.94 -32.96 -18.91
N LEU F 255 -15.22 -33.67 -17.83
CA LEU F 255 -14.85 -35.07 -17.72
C LEU F 255 -15.66 -35.92 -18.67
N GLU F 256 -16.91 -35.52 -18.89
CA GLU F 256 -17.82 -36.23 -19.78
C GLU F 256 -17.74 -35.75 -21.23
N LYS F 257 -16.64 -35.09 -21.57
CA LYS F 257 -16.46 -34.56 -22.92
C LYS F 257 -17.82 -34.10 -23.45
N ARG F 258 -18.43 -33.17 -22.73
CA ARG F 258 -19.76 -32.66 -23.09
C ARG F 258 -19.85 -31.13 -22.99
N GLN F 259 -20.85 -30.58 -23.69
CA GLN F 259 -21.08 -29.13 -23.70
C GLN F 259 -21.68 -28.68 -22.38
N PRO F 260 -21.04 -27.71 -21.70
CA PRO F 260 -21.50 -27.18 -20.41
C PRO F 260 -22.76 -26.32 -20.54
N ASN F 261 -23.71 -26.54 -19.64
CA ASN F 261 -24.95 -25.76 -19.64
C ASN F 261 -24.87 -24.77 -18.48
N TRP F 262 -24.39 -23.56 -18.78
CA TRP F 262 -24.25 -22.52 -17.76
C TRP F 262 -25.58 -21.92 -17.31
N LYS F 263 -25.67 -21.57 -16.02
CA LYS F 263 -26.88 -20.97 -15.48
C LYS F 263 -26.55 -19.68 -14.71
N GLY F 264 -25.27 -19.33 -14.68
CA GLY F 264 -24.87 -18.12 -14.00
C GLY F 264 -24.81 -18.19 -12.48
N ILE F 265 -24.94 -19.41 -11.95
CA ILE F 265 -24.89 -19.59 -10.50
C ILE F 265 -24.19 -20.89 -10.14
#